data_3BM7
# 
_entry.id   3BM7 
# 
_audit_conform.dict_name       mmcif_pdbx.dic 
_audit_conform.dict_version    5.397 
_audit_conform.dict_location   http://mmcif.pdb.org/dictionaries/ascii/mmcif_pdbx.dic 
# 
loop_
_database_2.database_id 
_database_2.database_code 
_database_2.pdbx_database_accession 
_database_2.pdbx_DOI 
PDB   3BM7         pdb_00003bm7 10.2210/pdb3bm7/pdb 
RCSB  RCSB045690   ?            ?                   
WWPDB D_1000045690 ?            ?                   
# 
loop_
_pdbx_audit_revision_history.ordinal 
_pdbx_audit_revision_history.data_content_type 
_pdbx_audit_revision_history.major_revision 
_pdbx_audit_revision_history.minor_revision 
_pdbx_audit_revision_history.revision_date 
1 'Structure model' 1 0 2007-12-25 
2 'Structure model' 1 1 2011-07-13 
3 'Structure model' 1 2 2017-10-25 
4 'Structure model' 1 3 2019-07-24 
5 'Structure model' 1 4 2023-01-25 
6 'Structure model' 1 5 2024-10-30 
# 
_pdbx_audit_revision_details.ordinal             1 
_pdbx_audit_revision_details.revision_ordinal    1 
_pdbx_audit_revision_details.data_content_type   'Structure model' 
_pdbx_audit_revision_details.provider            repository 
_pdbx_audit_revision_details.type                'Initial release' 
_pdbx_audit_revision_details.description         ? 
_pdbx_audit_revision_details.details             ? 
# 
loop_
_pdbx_audit_revision_group.ordinal 
_pdbx_audit_revision_group.revision_ordinal 
_pdbx_audit_revision_group.data_content_type 
_pdbx_audit_revision_group.group 
1  2 'Structure model' Advisory                    
2  2 'Structure model' 'Source and taxonomy'       
3  2 'Structure model' 'Version format compliance' 
4  3 'Structure model' 'Refinement description'    
5  4 'Structure model' 'Data collection'           
6  4 'Structure model' 'Derived calculations'      
7  4 'Structure model' 'Refinement description'    
8  5 'Structure model' 'Database references'       
9  5 'Structure model' 'Derived calculations'      
10 6 'Structure model' 'Data collection'           
11 6 'Structure model' 'Structure summary'         
# 
loop_
_pdbx_audit_revision_category.ordinal 
_pdbx_audit_revision_category.revision_ordinal 
_pdbx_audit_revision_category.data_content_type 
_pdbx_audit_revision_category.category 
1  3 'Structure model' software                  
2  4 'Structure model' software                  
3  4 'Structure model' struct_conn               
4  5 'Structure model' database_2                
5  5 'Structure model' struct_ref_seq_dif        
6  5 'Structure model' struct_site               
7  6 'Structure model' chem_comp_atom            
8  6 'Structure model' chem_comp_bond            
9  6 'Structure model' pdbx_entry_details        
10 6 'Structure model' pdbx_modification_feature 
# 
loop_
_pdbx_audit_revision_item.ordinal 
_pdbx_audit_revision_item.revision_ordinal 
_pdbx_audit_revision_item.data_content_type 
_pdbx_audit_revision_item.item 
1  3 'Structure model' '_software.classification'            
2  3 'Structure model' '_software.name'                      
3  4 'Structure model' '_software.classification'            
4  4 'Structure model' '_software.contact_author'            
5  4 'Structure model' '_software.contact_author_email'      
6  4 'Structure model' '_software.language'                  
7  4 'Structure model' '_software.location'                  
8  4 'Structure model' '_software.name'                      
9  4 'Structure model' '_software.type'                      
10 4 'Structure model' '_software.version'                   
11 4 'Structure model' '_struct_conn.pdbx_leaving_atom_flag' 
12 5 'Structure model' '_database_2.pdbx_DOI'                
13 5 'Structure model' '_database_2.pdbx_database_accession' 
14 5 'Structure model' '_struct_ref_seq_dif.details'         
15 5 'Structure model' '_struct_site.pdbx_auth_asym_id'      
16 5 'Structure model' '_struct_site.pdbx_auth_comp_id'      
17 5 'Structure model' '_struct_site.pdbx_auth_seq_id'       
# 
_pdbx_database_status.SG_entry                        Y 
_pdbx_database_status.entry_id                        3BM7 
_pdbx_database_status.deposit_site                    RCSB 
_pdbx_database_status.process_site                    RCSB 
_pdbx_database_status.recvd_initial_deposition_date   2007-12-12 
_pdbx_database_status.status_code                     REL 
_pdbx_database_status.status_code_sf                  REL 
_pdbx_database_status.status_code_mr                  ? 
_pdbx_database_status.pdb_format_compatible           Y 
_pdbx_database_status.status_code_cs                  ? 
_pdbx_database_status.methods_development_category    ? 
_pdbx_database_status.status_code_nmr_data            ? 
# 
_pdbx_database_related.db_name        TargetDB 
_pdbx_database_related.db_id          378310 
_pdbx_database_related.details        . 
_pdbx_database_related.content_type   unspecified 
# 
_audit_author.name           'Joint Center for Structural Genomics (JCSG)' 
_audit_author.pdbx_ordinal   1 
# 
_citation.id                        primary 
_citation.title                     
;Crystal structure of protein of unknown function with ferredoxin-like fold (NP_420935.1) from Caulobacter crescentus at 1.35 A resolution
;
_citation.journal_abbrev            'To be published' 
_citation.journal_volume            ? 
_citation.page_first                ? 
_citation.page_last                 ? 
_citation.year                      ? 
_citation.journal_id_ASTM           ? 
_citation.country                   ? 
_citation.journal_id_ISSN           ? 
_citation.journal_id_CSD            0353 
_citation.book_publisher            ? 
_citation.pdbx_database_id_PubMed   ? 
_citation.pdbx_database_id_DOI      ? 
# 
_citation_author.citation_id        primary 
_citation_author.name               'Joint Center for Structural Genomics (JCSG)' 
_citation_author.ordinal            1 
_citation_author.identifier_ORCID   ? 
# 
loop_
_entity.id 
_entity.type 
_entity.src_method 
_entity.pdbx_description 
_entity.formula_weight 
_entity.pdbx_number_of_molecules 
_entity.pdbx_ec 
_entity.pdbx_mutation 
_entity.pdbx_fragment 
_entity.details 
1 polymer     man 'Protein of unknown function with ferredoxin-like fold' 12808.907 1   ? ? ? ? 
2 non-polymer syn 1,2-ETHANEDIOL                                          62.068    2   ? ? ? ? 
3 water       nat water                                                   18.015    121 ? ? ? ? 
# 
_entity_poly.entity_id                      1 
_entity_poly.type                           'polypeptide(L)' 
_entity_poly.nstd_linkage                   no 
_entity_poly.nstd_monomer                   yes 
_entity_poly.pdbx_seq_one_letter_code       
;(MSE)GSDKIHHHHHHENLYFQG(MSE)IGVVATLKVQPAKAAEFEKVFLDLAAKVKANEPGCLVYQLTRSKTEEGVYKV
LELYAS(MSE)DALKHHGGTDYFKAAGAA(MSE)GPT(MSE)AGAPVIEYLDAVE
;
_entity_poly.pdbx_seq_one_letter_code_can   
;MGSDKIHHHHHHENLYFQGMIGVVATLKVQPAKAAEFEKVFLDLAAKVKANEPGCLVYQLTRSKTEEGVYKVLELYASMD
ALKHHGGTDYFKAAGAAMGPTMAGAPVIEYLDAVE
;
_entity_poly.pdbx_strand_id                 A 
_entity_poly.pdbx_target_identifier         378310 
# 
loop_
_pdbx_entity_nonpoly.entity_id 
_pdbx_entity_nonpoly.name 
_pdbx_entity_nonpoly.comp_id 
2 1,2-ETHANEDIOL EDO 
3 water          HOH 
# 
loop_
_entity_poly_seq.entity_id 
_entity_poly_seq.num 
_entity_poly_seq.mon_id 
_entity_poly_seq.hetero 
1 1   MSE n 
1 2   GLY n 
1 3   SER n 
1 4   ASP n 
1 5   LYS n 
1 6   ILE n 
1 7   HIS n 
1 8   HIS n 
1 9   HIS n 
1 10  HIS n 
1 11  HIS n 
1 12  HIS n 
1 13  GLU n 
1 14  ASN n 
1 15  LEU n 
1 16  TYR n 
1 17  PHE n 
1 18  GLN n 
1 19  GLY n 
1 20  MSE n 
1 21  ILE n 
1 22  GLY n 
1 23  VAL n 
1 24  VAL n 
1 25  ALA n 
1 26  THR n 
1 27  LEU n 
1 28  LYS n 
1 29  VAL n 
1 30  GLN n 
1 31  PRO n 
1 32  ALA n 
1 33  LYS n 
1 34  ALA n 
1 35  ALA n 
1 36  GLU n 
1 37  PHE n 
1 38  GLU n 
1 39  LYS n 
1 40  VAL n 
1 41  PHE n 
1 42  LEU n 
1 43  ASP n 
1 44  LEU n 
1 45  ALA n 
1 46  ALA n 
1 47  LYS n 
1 48  VAL n 
1 49  LYS n 
1 50  ALA n 
1 51  ASN n 
1 52  GLU n 
1 53  PRO n 
1 54  GLY n 
1 55  CYS n 
1 56  LEU n 
1 57  VAL n 
1 58  TYR n 
1 59  GLN n 
1 60  LEU n 
1 61  THR n 
1 62  ARG n 
1 63  SER n 
1 64  LYS n 
1 65  THR n 
1 66  GLU n 
1 67  GLU n 
1 68  GLY n 
1 69  VAL n 
1 70  TYR n 
1 71  LYS n 
1 72  VAL n 
1 73  LEU n 
1 74  GLU n 
1 75  LEU n 
1 76  TYR n 
1 77  ALA n 
1 78  SER n 
1 79  MSE n 
1 80  ASP n 
1 81  ALA n 
1 82  LEU n 
1 83  LYS n 
1 84  HIS n 
1 85  HIS n 
1 86  GLY n 
1 87  GLY n 
1 88  THR n 
1 89  ASP n 
1 90  TYR n 
1 91  PHE n 
1 92  LYS n 
1 93  ALA n 
1 94  ALA n 
1 95  GLY n 
1 96  ALA n 
1 97  ALA n 
1 98  MSE n 
1 99  GLY n 
1 100 PRO n 
1 101 THR n 
1 102 MSE n 
1 103 ALA n 
1 104 GLY n 
1 105 ALA n 
1 106 PRO n 
1 107 VAL n 
1 108 ILE n 
1 109 GLU n 
1 110 TYR n 
1 111 LEU n 
1 112 ASP n 
1 113 ALA n 
1 114 VAL n 
1 115 GLU n 
# 
_entity_src_gen.entity_id                          1 
_entity_src_gen.pdbx_src_id                        1 
_entity_src_gen.pdbx_alt_source_flag               sample 
_entity_src_gen.pdbx_seq_type                      ? 
_entity_src_gen.pdbx_beg_seq_num                   ? 
_entity_src_gen.pdbx_end_seq_num                   ? 
_entity_src_gen.gene_src_common_name               ? 
_entity_src_gen.gene_src_genus                     Caulobacter 
_entity_src_gen.pdbx_gene_src_gene                 'NP_420935.1, CC_2132' 
_entity_src_gen.gene_src_species                   'Caulobacter vibrioides' 
_entity_src_gen.gene_src_strain                    CB15 
_entity_src_gen.gene_src_tissue                    ? 
_entity_src_gen.gene_src_tissue_fraction           ? 
_entity_src_gen.gene_src_details                   ? 
_entity_src_gen.pdbx_gene_src_fragment             ? 
_entity_src_gen.pdbx_gene_src_scientific_name      'Caulobacter crescentus' 
_entity_src_gen.pdbx_gene_src_ncbi_taxonomy_id     190650 
_entity_src_gen.pdbx_gene_src_variant              ? 
_entity_src_gen.pdbx_gene_src_cell_line            ? 
_entity_src_gen.pdbx_gene_src_atcc                 19089 
_entity_src_gen.pdbx_gene_src_organ                ? 
_entity_src_gen.pdbx_gene_src_organelle            ? 
_entity_src_gen.pdbx_gene_src_cell                 ? 
_entity_src_gen.pdbx_gene_src_cellular_location    ? 
_entity_src_gen.host_org_common_name               ? 
_entity_src_gen.pdbx_host_org_scientific_name      'Escherichia coli' 
_entity_src_gen.pdbx_host_org_ncbi_taxonomy_id     562 
_entity_src_gen.host_org_genus                     Escherichia 
_entity_src_gen.pdbx_host_org_gene                 ? 
_entity_src_gen.pdbx_host_org_organ                ? 
_entity_src_gen.host_org_species                   ? 
_entity_src_gen.pdbx_host_org_tissue               ? 
_entity_src_gen.pdbx_host_org_tissue_fraction      ? 
_entity_src_gen.pdbx_host_org_strain               HK100 
_entity_src_gen.pdbx_host_org_variant              ? 
_entity_src_gen.pdbx_host_org_cell_line            ? 
_entity_src_gen.pdbx_host_org_atcc                 ? 
_entity_src_gen.pdbx_host_org_culture_collection   ? 
_entity_src_gen.pdbx_host_org_cell                 ? 
_entity_src_gen.pdbx_host_org_organelle            ? 
_entity_src_gen.pdbx_host_org_cellular_location    ? 
_entity_src_gen.pdbx_host_org_vector_type          Plasmid 
_entity_src_gen.pdbx_host_org_vector               ? 
_entity_src_gen.host_org_details                   ? 
_entity_src_gen.expression_system_id               ? 
_entity_src_gen.plasmid_name                       SpeedET 
_entity_src_gen.plasmid_details                    ? 
_entity_src_gen.pdbx_description                   ? 
# 
loop_
_chem_comp.id 
_chem_comp.type 
_chem_comp.mon_nstd_flag 
_chem_comp.name 
_chem_comp.pdbx_synonyms 
_chem_comp.formula 
_chem_comp.formula_weight 
ALA 'L-peptide linking' y ALANINE          ?                 'C3 H7 N O2'     89.093  
ARG 'L-peptide linking' y ARGININE         ?                 'C6 H15 N4 O2 1' 175.209 
ASN 'L-peptide linking' y ASPARAGINE       ?                 'C4 H8 N2 O3'    132.118 
ASP 'L-peptide linking' y 'ASPARTIC ACID'  ?                 'C4 H7 N O4'     133.103 
CYS 'L-peptide linking' y CYSTEINE         ?                 'C3 H7 N O2 S'   121.158 
EDO non-polymer         . 1,2-ETHANEDIOL   'ETHYLENE GLYCOL' 'C2 H6 O2'       62.068  
GLN 'L-peptide linking' y GLUTAMINE        ?                 'C5 H10 N2 O3'   146.144 
GLU 'L-peptide linking' y 'GLUTAMIC ACID'  ?                 'C5 H9 N O4'     147.129 
GLY 'peptide linking'   y GLYCINE          ?                 'C2 H5 N O2'     75.067  
HIS 'L-peptide linking' y HISTIDINE        ?                 'C6 H10 N3 O2 1' 156.162 
HOH non-polymer         . WATER            ?                 'H2 O'           18.015  
ILE 'L-peptide linking' y ISOLEUCINE       ?                 'C6 H13 N O2'    131.173 
LEU 'L-peptide linking' y LEUCINE          ?                 'C6 H13 N O2'    131.173 
LYS 'L-peptide linking' y LYSINE           ?                 'C6 H15 N2 O2 1' 147.195 
MSE 'L-peptide linking' n SELENOMETHIONINE ?                 'C5 H11 N O2 Se' 196.106 
PHE 'L-peptide linking' y PHENYLALANINE    ?                 'C9 H11 N O2'    165.189 
PRO 'L-peptide linking' y PROLINE          ?                 'C5 H9 N O2'     115.130 
SER 'L-peptide linking' y SERINE           ?                 'C3 H7 N O3'     105.093 
THR 'L-peptide linking' y THREONINE        ?                 'C4 H9 N O3'     119.119 
TYR 'L-peptide linking' y TYROSINE         ?                 'C9 H11 N O3'    181.189 
VAL 'L-peptide linking' y VALINE           ?                 'C5 H11 N O2'    117.146 
# 
loop_
_pdbx_poly_seq_scheme.asym_id 
_pdbx_poly_seq_scheme.entity_id 
_pdbx_poly_seq_scheme.seq_id 
_pdbx_poly_seq_scheme.mon_id 
_pdbx_poly_seq_scheme.ndb_seq_num 
_pdbx_poly_seq_scheme.pdb_seq_num 
_pdbx_poly_seq_scheme.auth_seq_num 
_pdbx_poly_seq_scheme.pdb_mon_id 
_pdbx_poly_seq_scheme.auth_mon_id 
_pdbx_poly_seq_scheme.pdb_strand_id 
_pdbx_poly_seq_scheme.pdb_ins_code 
_pdbx_poly_seq_scheme.hetero 
A 1 1   MSE 1   -18 ?  ?   ?   A . n 
A 1 2   GLY 2   -17 ?  ?   ?   A . n 
A 1 3   SER 3   -16 ?  ?   ?   A . n 
A 1 4   ASP 4   -15 ?  ?   ?   A . n 
A 1 5   LYS 5   -14 ?  ?   ?   A . n 
A 1 6   ILE 6   -13 ?  ?   ?   A . n 
A 1 7   HIS 7   -12 ?  ?   ?   A . n 
A 1 8   HIS 8   -11 ?  ?   ?   A . n 
A 1 9   HIS 9   -10 ?  ?   ?   A . n 
A 1 10  HIS 10  -9  -9 HIS HIS A . n 
A 1 11  HIS 11  -8  -8 HIS HIS A . n 
A 1 12  HIS 12  -7  -7 HIS HIS A . n 
A 1 13  GLU 13  -6  -6 GLU GLU A . n 
A 1 14  ASN 14  -5  -5 ASN ASN A . n 
A 1 15  LEU 15  -4  -4 LEU LEU A . n 
A 1 16  TYR 16  -3  -3 TYR TYR A . n 
A 1 17  PHE 17  -2  -2 PHE PHE A . n 
A 1 18  GLN 18  -1  -1 GLN GLN A . n 
A 1 19  GLY 19  0   0  GLY GLY A . n 
A 1 20  MSE 20  1   1  MSE MSE A . n 
A 1 21  ILE 21  2   2  ILE ILE A . n 
A 1 22  GLY 22  3   3  GLY GLY A . n 
A 1 23  VAL 23  4   4  VAL VAL A . n 
A 1 24  VAL 24  5   5  VAL VAL A . n 
A 1 25  ALA 25  6   6  ALA ALA A . n 
A 1 26  THR 26  7   7  THR THR A . n 
A 1 27  LEU 27  8   8  LEU LEU A . n 
A 1 28  LYS 28  9   9  LYS LYS A . n 
A 1 29  VAL 29  10  10 VAL VAL A . n 
A 1 30  GLN 30  11  11 GLN GLN A . n 
A 1 31  PRO 31  12  12 PRO PRO A . n 
A 1 32  ALA 32  13  13 ALA ALA A . n 
A 1 33  LYS 33  14  14 LYS LYS A . n 
A 1 34  ALA 34  15  15 ALA ALA A . n 
A 1 35  ALA 35  16  16 ALA ALA A . n 
A 1 36  GLU 36  17  17 GLU GLU A . n 
A 1 37  PHE 37  18  18 PHE PHE A . n 
A 1 38  GLU 38  19  19 GLU GLU A . n 
A 1 39  LYS 39  20  20 LYS LYS A . n 
A 1 40  VAL 40  21  21 VAL VAL A . n 
A 1 41  PHE 41  22  22 PHE PHE A . n 
A 1 42  LEU 42  23  23 LEU LEU A . n 
A 1 43  ASP 43  24  24 ASP ASP A . n 
A 1 44  LEU 44  25  25 LEU LEU A . n 
A 1 45  ALA 45  26  26 ALA ALA A . n 
A 1 46  ALA 46  27  27 ALA ALA A . n 
A 1 47  LYS 47  28  28 LYS LYS A . n 
A 1 48  VAL 48  29  29 VAL VAL A . n 
A 1 49  LYS 49  30  30 LYS LYS A . n 
A 1 50  ALA 50  31  31 ALA ALA A . n 
A 1 51  ASN 51  32  32 ASN ASN A . n 
A 1 52  GLU 52  33  33 GLU GLU A . n 
A 1 53  PRO 53  34  34 PRO PRO A . n 
A 1 54  GLY 54  35  35 GLY GLY A . n 
A 1 55  CYS 55  36  36 CYS CYS A . n 
A 1 56  LEU 56  37  37 LEU LEU A . n 
A 1 57  VAL 57  38  38 VAL VAL A . n 
A 1 58  TYR 58  39  39 TYR TYR A . n 
A 1 59  GLN 59  40  40 GLN GLN A . n 
A 1 60  LEU 60  41  41 LEU LEU A . n 
A 1 61  THR 61  42  42 THR THR A . n 
A 1 62  ARG 62  43  43 ARG ARG A . n 
A 1 63  SER 63  44  44 SER SER A . n 
A 1 64  LYS 64  45  45 LYS LYS A . n 
A 1 65  THR 65  46  46 THR THR A . n 
A 1 66  GLU 66  47  47 GLU GLU A . n 
A 1 67  GLU 67  48  48 GLU GLU A . n 
A 1 68  GLY 68  49  49 GLY GLY A . n 
A 1 69  VAL 69  50  50 VAL VAL A . n 
A 1 70  TYR 70  51  51 TYR TYR A . n 
A 1 71  LYS 71  52  52 LYS LYS A . n 
A 1 72  VAL 72  53  53 VAL VAL A . n 
A 1 73  LEU 73  54  54 LEU LEU A . n 
A 1 74  GLU 74  55  55 GLU GLU A . n 
A 1 75  LEU 75  56  56 LEU LEU A . n 
A 1 76  TYR 76  57  57 TYR TYR A . n 
A 1 77  ALA 77  58  58 ALA ALA A . n 
A 1 78  SER 78  59  59 SER SER A . n 
A 1 79  MSE 79  60  60 MSE MSE A . n 
A 1 80  ASP 80  61  61 ASP ASP A . n 
A 1 81  ALA 81  62  62 ALA ALA A . n 
A 1 82  LEU 82  63  63 LEU LEU A . n 
A 1 83  LYS 83  64  64 LYS LYS A . n 
A 1 84  HIS 84  65  65 HIS HIS A . n 
A 1 85  HIS 85  66  66 HIS HIS A . n 
A 1 86  GLY 86  67  67 GLY GLY A . n 
A 1 87  GLY 87  68  68 GLY GLY A . n 
A 1 88  THR 88  69  69 THR THR A . n 
A 1 89  ASP 89  70  70 ASP ASP A . n 
A 1 90  TYR 90  71  71 TYR TYR A . n 
A 1 91  PHE 91  72  72 PHE PHE A . n 
A 1 92  LYS 92  73  73 LYS LYS A . n 
A 1 93  ALA 93  74  74 ALA ALA A . n 
A 1 94  ALA 94  75  75 ALA ALA A . n 
A 1 95  GLY 95  76  76 GLY GLY A . n 
A 1 96  ALA 96  77  77 ALA ALA A . n 
A 1 97  ALA 97  78  78 ALA ALA A . n 
A 1 98  MSE 98  79  79 MSE MSE A . n 
A 1 99  GLY 99  80  80 GLY GLY A . n 
A 1 100 PRO 100 81  81 PRO PRO A . n 
A 1 101 THR 101 82  82 THR THR A . n 
A 1 102 MSE 102 83  83 MSE MSE A . n 
A 1 103 ALA 103 84  84 ALA ALA A . n 
A 1 104 GLY 104 85  85 GLY GLY A . n 
A 1 105 ALA 105 86  86 ALA ALA A . n 
A 1 106 PRO 106 87  87 PRO PRO A . n 
A 1 107 VAL 107 88  88 VAL VAL A . n 
A 1 108 ILE 108 89  89 ILE ILE A . n 
A 1 109 GLU 109 90  90 GLU GLU A . n 
A 1 110 TYR 110 91  91 TYR TYR A . n 
A 1 111 LEU 111 92  92 LEU LEU A . n 
A 1 112 ASP 112 93  93 ASP ASP A . n 
A 1 113 ALA 113 94  94 ALA ALA A . n 
A 1 114 VAL 114 95  95 VAL VAL A . n 
A 1 115 GLU 115 96  96 GLU GLU A . n 
# 
loop_
_pdbx_nonpoly_scheme.asym_id 
_pdbx_nonpoly_scheme.entity_id 
_pdbx_nonpoly_scheme.mon_id 
_pdbx_nonpoly_scheme.ndb_seq_num 
_pdbx_nonpoly_scheme.pdb_seq_num 
_pdbx_nonpoly_scheme.auth_seq_num 
_pdbx_nonpoly_scheme.pdb_mon_id 
_pdbx_nonpoly_scheme.auth_mon_id 
_pdbx_nonpoly_scheme.pdb_strand_id 
_pdbx_nonpoly_scheme.pdb_ins_code 
B 2 EDO 1   97  1   EDO EDO A . 
C 2 EDO 1   98  2   EDO EDO A . 
D 3 HOH 1   99  3   HOH HOH A . 
D 3 HOH 2   100 4   HOH HOH A . 
D 3 HOH 3   101 5   HOH HOH A . 
D 3 HOH 4   102 6   HOH HOH A . 
D 3 HOH 5   103 7   HOH HOH A . 
D 3 HOH 6   104 8   HOH HOH A . 
D 3 HOH 7   105 9   HOH HOH A . 
D 3 HOH 8   106 10  HOH HOH A . 
D 3 HOH 9   107 11  HOH HOH A . 
D 3 HOH 10  108 12  HOH HOH A . 
D 3 HOH 11  109 13  HOH HOH A . 
D 3 HOH 12  110 14  HOH HOH A . 
D 3 HOH 13  111 15  HOH HOH A . 
D 3 HOH 14  112 16  HOH HOH A . 
D 3 HOH 15  113 17  HOH HOH A . 
D 3 HOH 16  114 18  HOH HOH A . 
D 3 HOH 17  115 19  HOH HOH A . 
D 3 HOH 18  116 20  HOH HOH A . 
D 3 HOH 19  117 21  HOH HOH A . 
D 3 HOH 20  118 22  HOH HOH A . 
D 3 HOH 21  119 23  HOH HOH A . 
D 3 HOH 22  120 24  HOH HOH A . 
D 3 HOH 23  121 25  HOH HOH A . 
D 3 HOH 24  122 26  HOH HOH A . 
D 3 HOH 25  123 27  HOH HOH A . 
D 3 HOH 26  124 28  HOH HOH A . 
D 3 HOH 27  125 29  HOH HOH A . 
D 3 HOH 28  126 30  HOH HOH A . 
D 3 HOH 29  127 31  HOH HOH A . 
D 3 HOH 30  128 32  HOH HOH A . 
D 3 HOH 31  129 33  HOH HOH A . 
D 3 HOH 32  130 34  HOH HOH A . 
D 3 HOH 33  131 35  HOH HOH A . 
D 3 HOH 34  132 36  HOH HOH A . 
D 3 HOH 35  133 37  HOH HOH A . 
D 3 HOH 36  134 38  HOH HOH A . 
D 3 HOH 37  135 39  HOH HOH A . 
D 3 HOH 38  136 40  HOH HOH A . 
D 3 HOH 39  137 41  HOH HOH A . 
D 3 HOH 40  138 42  HOH HOH A . 
D 3 HOH 41  139 43  HOH HOH A . 
D 3 HOH 42  140 44  HOH HOH A . 
D 3 HOH 43  141 45  HOH HOH A . 
D 3 HOH 44  142 46  HOH HOH A . 
D 3 HOH 45  143 47  HOH HOH A . 
D 3 HOH 46  144 48  HOH HOH A . 
D 3 HOH 47  145 49  HOH HOH A . 
D 3 HOH 48  146 50  HOH HOH A . 
D 3 HOH 49  147 51  HOH HOH A . 
D 3 HOH 50  148 52  HOH HOH A . 
D 3 HOH 51  149 53  HOH HOH A . 
D 3 HOH 52  150 54  HOH HOH A . 
D 3 HOH 53  151 55  HOH HOH A . 
D 3 HOH 54  152 56  HOH HOH A . 
D 3 HOH 55  153 57  HOH HOH A . 
D 3 HOH 56  154 58  HOH HOH A . 
D 3 HOH 57  155 59  HOH HOH A . 
D 3 HOH 58  156 60  HOH HOH A . 
D 3 HOH 59  157 61  HOH HOH A . 
D 3 HOH 60  158 62  HOH HOH A . 
D 3 HOH 61  159 63  HOH HOH A . 
D 3 HOH 62  160 64  HOH HOH A . 
D 3 HOH 63  161 65  HOH HOH A . 
D 3 HOH 64  162 66  HOH HOH A . 
D 3 HOH 65  163 67  HOH HOH A . 
D 3 HOH 66  164 68  HOH HOH A . 
D 3 HOH 67  165 69  HOH HOH A . 
D 3 HOH 68  166 70  HOH HOH A . 
D 3 HOH 69  167 71  HOH HOH A . 
D 3 HOH 70  168 72  HOH HOH A . 
D 3 HOH 71  169 73  HOH HOH A . 
D 3 HOH 72  170 74  HOH HOH A . 
D 3 HOH 73  171 75  HOH HOH A . 
D 3 HOH 74  172 76  HOH HOH A . 
D 3 HOH 75  173 77  HOH HOH A . 
D 3 HOH 76  174 78  HOH HOH A . 
D 3 HOH 77  175 79  HOH HOH A . 
D 3 HOH 78  176 80  HOH HOH A . 
D 3 HOH 79  177 81  HOH HOH A . 
D 3 HOH 80  178 82  HOH HOH A . 
D 3 HOH 81  179 83  HOH HOH A . 
D 3 HOH 82  180 84  HOH HOH A . 
D 3 HOH 83  181 85  HOH HOH A . 
D 3 HOH 84  182 86  HOH HOH A . 
D 3 HOH 85  183 87  HOH HOH A . 
D 3 HOH 86  184 88  HOH HOH A . 
D 3 HOH 87  185 89  HOH HOH A . 
D 3 HOH 88  186 90  HOH HOH A . 
D 3 HOH 89  187 91  HOH HOH A . 
D 3 HOH 90  188 92  HOH HOH A . 
D 3 HOH 91  189 93  HOH HOH A . 
D 3 HOH 92  190 94  HOH HOH A . 
D 3 HOH 93  191 95  HOH HOH A . 
D 3 HOH 94  192 96  HOH HOH A . 
D 3 HOH 95  193 97  HOH HOH A . 
D 3 HOH 96  194 98  HOH HOH A . 
D 3 HOH 97  195 99  HOH HOH A . 
D 3 HOH 98  196 100 HOH HOH A . 
D 3 HOH 99  197 101 HOH HOH A . 
D 3 HOH 100 198 102 HOH HOH A . 
D 3 HOH 101 199 103 HOH HOH A . 
D 3 HOH 102 200 104 HOH HOH A . 
D 3 HOH 103 201 105 HOH HOH A . 
D 3 HOH 104 202 106 HOH HOH A . 
D 3 HOH 105 203 107 HOH HOH A . 
D 3 HOH 106 204 108 HOH HOH A . 
D 3 HOH 107 205 109 HOH HOH A . 
D 3 HOH 108 206 110 HOH HOH A . 
D 3 HOH 109 207 111 HOH HOH A . 
D 3 HOH 110 208 112 HOH HOH A . 
D 3 HOH 111 209 113 HOH HOH A . 
D 3 HOH 112 210 114 HOH HOH A . 
D 3 HOH 113 211 115 HOH HOH A . 
D 3 HOH 114 212 116 HOH HOH A . 
D 3 HOH 115 213 117 HOH HOH A . 
D 3 HOH 116 214 118 HOH HOH A . 
D 3 HOH 117 215 119 HOH HOH A . 
D 3 HOH 118 216 120 HOH HOH A . 
D 3 HOH 119 217 121 HOH HOH A . 
D 3 HOH 120 218 122 HOH HOH A . 
D 3 HOH 121 219 123 HOH HOH A . 
# 
loop_
_pdbx_unobs_or_zero_occ_atoms.id 
_pdbx_unobs_or_zero_occ_atoms.PDB_model_num 
_pdbx_unobs_or_zero_occ_atoms.polymer_flag 
_pdbx_unobs_or_zero_occ_atoms.occupancy_flag 
_pdbx_unobs_or_zero_occ_atoms.auth_asym_id 
_pdbx_unobs_or_zero_occ_atoms.auth_comp_id 
_pdbx_unobs_or_zero_occ_atoms.auth_seq_id 
_pdbx_unobs_or_zero_occ_atoms.PDB_ins_code 
_pdbx_unobs_or_zero_occ_atoms.auth_atom_id 
_pdbx_unobs_or_zero_occ_atoms.label_alt_id 
_pdbx_unobs_or_zero_occ_atoms.label_asym_id 
_pdbx_unobs_or_zero_occ_atoms.label_comp_id 
_pdbx_unobs_or_zero_occ_atoms.label_seq_id 
_pdbx_unobs_or_zero_occ_atoms.label_atom_id 
1  1 Y 1 A LYS 9  ? CE  ? A LYS 28  CE  
2  1 Y 1 A LYS 9  ? NZ  ? A LYS 28  NZ  
3  1 Y 1 A LYS 20 ? CD  ? A LYS 39  CD  
4  1 Y 1 A LYS 20 ? CE  ? A LYS 39  CE  
5  1 Y 1 A LYS 20 ? NZ  ? A LYS 39  NZ  
6  1 Y 1 A GLU 47 ? CD  ? A GLU 66  CD  
7  1 Y 1 A GLU 47 ? OE1 ? A GLU 66  OE1 
8  1 Y 1 A GLU 47 ? OE2 ? A GLU 66  OE2 
9  1 Y 1 A GLU 48 ? CG  ? A GLU 67  CG  
10 1 Y 1 A GLU 48 ? CD  ? A GLU 67  CD  
11 1 Y 1 A GLU 48 ? OE1 ? A GLU 67  OE1 
12 1 Y 1 A GLU 48 ? OE2 ? A GLU 67  OE2 
13 1 Y 1 A LYS 64 ? CE  ? A LYS 83  CE  
14 1 Y 1 A LYS 64 ? NZ  ? A LYS 83  NZ  
15 1 Y 1 A GLU 96 ? CD  ? A GLU 115 CD  
16 1 Y 1 A GLU 96 ? OE1 ? A GLU 115 OE1 
17 1 Y 1 A GLU 96 ? OE2 ? A GLU 115 OE2 
# 
loop_
_software.name 
_software.version 
_software.date 
_software.type 
_software.contact_author 
_software.contact_author_email 
_software.classification 
_software.location 
_software.language 
_software.citation_id 
_software.pdbx_ordinal 
REFMAC      5.2.0019 ?              program 'Murshudov, G.N.'            ccp4@dl.ac.uk                        refinement        
http://www.ccp4.ac.uk/main.html                                    Fortran_77 ? 1  
PHENIX      .        ?              package 'P.D. Adams'                 PDAdams@lbl.gov                      refinement        
http://www.phenix-online.org/                                      C++        ? 2  
SHELX       .        ?              package 'George Sheldrick'           gsheldr@shelx.uni-ac.gwdg.de         phasing           
http://shelx.uni-ac.gwdg.de/SHELX/                                 Fortran_77 ? 3  
MolProbity  3beta29  ?              package 'D.C. & J.S. Richardson lab' molprobity@kinemage.biochem.duke.edu 'model building'  
http://kinemage.biochem.duke.edu/molprobity/                       ?          ? 4  
XSCALE      .        ?              package 'Wolfgang Kabsch'            ?                                    'data scaling'    
http://www.mpimf-heidelberg.mpg.de/~kabsch/xds/xscale_program.html ?          ? 5  
PDB_EXTRACT 3.000    'July 2, 2007' package PDB                          sw-help@rcsb.rutgers.edu             'data extraction' 
http://pdb.rutgers.edu/software/                                   C++        ? 6  
MAR345      CCD      ?              ?       ?                            ?                                    'data collection' ? 
?          ? 7  
XDS         .        ?              ?       ?                            ?                                    'data reduction'  ? 
?          ? 8  
SHELXD      .        ?              ?       ?                            ?                                    phasing           ? 
?          ? 9  
SHARP       .        ?              ?       ?                            ?                                    phasing           ? 
?          ? 10 
# 
_cell.entry_id           3BM7 
_cell.length_a           61.780 
_cell.length_b           81.200 
_cell.length_c           46.760 
_cell.angle_alpha        90.000 
_cell.angle_beta         90.000 
_cell.angle_gamma        90.000 
_cell.pdbx_unique_axis   ? 
_cell.Z_PDB              8 
_cell.length_a_esd       ? 
_cell.length_b_esd       ? 
_cell.length_c_esd       ? 
_cell.angle_alpha_esd    ? 
_cell.angle_beta_esd     ? 
_cell.angle_gamma_esd    ? 
# 
_symmetry.entry_id                         3BM7 
_symmetry.Int_Tables_number                20 
_symmetry.space_group_name_H-M             'C 2 2 21' 
_symmetry.pdbx_full_space_group_name_H-M   ? 
_symmetry.cell_setting                     ? 
_symmetry.space_group_name_Hall            ? 
# 
_exptl.crystals_number   1 
_exptl.method            'X-RAY DIFFRACTION' 
_exptl.entry_id          3BM7 
# 
_exptl_crystal.id                    1 
_exptl_crystal.density_Matthews      2.29 
_exptl_crystal.density_meas          ? 
_exptl_crystal.density_percent_sol   46.27 
_exptl_crystal.description           ? 
_exptl_crystal.F_000                 ? 
_exptl_crystal.preparation           ? 
# 
_exptl_crystal_grow.crystal_id      1 
_exptl_crystal_grow.method          'VAPOR DIFFUSION, SITTING DROP' 
_exptl_crystal_grow.pH              9.0 
_exptl_crystal_grow.temp            277 
_exptl_crystal_grow.pdbx_details    
'NANODROP, 1.0M LiCl, 10.0% PEG 6000, 0.1M Bicine pH 9.0, VAPOR DIFFUSION, SITTING DROP, temperature 277K' 
_exptl_crystal_grow.temp_details    ? 
_exptl_crystal_grow.pdbx_pH_range   . 
# 
_diffrn.id                     1 
_diffrn.ambient_temp           100 
_diffrn.ambient_temp_details   ? 
_diffrn.crystal_id             1 
# 
_diffrn_detector.diffrn_id              1 
_diffrn_detector.detector               CCD 
_diffrn_detector.type                   'MARMOSAIC 325 mm CCD' 
_diffrn_detector.details                'Flat mirror (vertical focusing)' 
_diffrn_detector.pdbx_collection_date   2007-11-19 
# 
_diffrn_radiation.diffrn_id                        1 
_diffrn_radiation.pdbx_monochromatic_or_laue_m_l   M 
_diffrn_radiation.monochromator                    'Single crystal Si(111) bent (horizontal focusing)' 
_diffrn_radiation.pdbx_diffrn_protocol             'SINGLE WAVELENGTH' 
_diffrn_radiation.wavelength_id                    1 
_diffrn_radiation.pdbx_scattering_type             x-ray 
# 
_diffrn_radiation_wavelength.id           1 
_diffrn_radiation_wavelength.wavelength   0.97904 
_diffrn_radiation_wavelength.wt           1.0 
# 
_diffrn_source.diffrn_id                   1 
_diffrn_source.source                      SYNCHROTRON 
_diffrn_source.pdbx_synchrotron_beamline   BL11-1 
_diffrn_source.type                        'SSRL BEAMLINE BL11-1' 
_diffrn_source.pdbx_wavelength             ? 
_diffrn_source.pdbx_wavelength_list        0.97904 
_diffrn_source.pdbx_synchrotron_site       SSRL 
# 
_reflns.entry_id                     3BM7 
_reflns.d_resolution_high            1.35 
_reflns.d_resolution_low             25.777 
_reflns.number_obs                   25876 
_reflns.pdbx_Rmerge_I_obs            0.030 
_reflns.pdbx_netI_over_sigmaI        13.620 
_reflns.percent_possible_obs         97.700 
_reflns.B_iso_Wilson_estimate        19.93 
_reflns.observed_criterion_sigma_I   -3.00 
_reflns.observed_criterion_sigma_F   ? 
_reflns.number_all                   ? 
_reflns.pdbx_Rsym_value              ? 
_reflns.pdbx_redundancy              ? 
_reflns.R_free_details               ? 
_reflns.limit_h_max                  ? 
_reflns.limit_h_min                  ? 
_reflns.limit_k_max                  ? 
_reflns.limit_k_min                  ? 
_reflns.limit_l_max                  ? 
_reflns.limit_l_min                  ? 
_reflns.observed_criterion_F_max     ? 
_reflns.observed_criterion_F_min     ? 
_reflns.pdbx_chi_squared             ? 
_reflns.pdbx_scaling_rejects         ? 
_reflns.pdbx_ordinal                 1 
_reflns.pdbx_diffrn_id               1 
# 
loop_
_reflns_shell.d_res_high 
_reflns_shell.d_res_low 
_reflns_shell.number_measured_obs 
_reflns_shell.number_measured_all 
_reflns_shell.number_unique_obs 
_reflns_shell.Rmerge_I_obs 
_reflns_shell.meanI_over_sigI_obs 
_reflns_shell.pdbx_Rsym_value 
_reflns_shell.pdbx_chi_squared 
_reflns_shell.pdbx_redundancy 
_reflns_shell.percent_possible_obs 
_reflns_shell.number_unique_all 
_reflns_shell.percent_possible_all 
_reflns_shell.pdbx_ordinal 
_reflns_shell.pdbx_diffrn_id 
1.35 1.40   6076  ? 4965 0.456 1.8  ? ? ? ? ? 96.70 1  1 
1.40 1.45   6545  ? 4463 0.341 2.5  ? ? ? ? ? 99.20 2  1 
1.45 1.52   7741  ? 5276 0.250 3.4  ? ? ? ? ? 99.20 3  1 
1.52 1.60   7239  ? 4943 0.163 4.7  ? ? ? ? ? 99.00 4  1 
1.60 1.70   7241  ? 4963 0.099 6.9  ? ? ? ? ? 99.00 5  1 
1.70 1.83   10391 ? 4875 0.084 10.2 ? ? ? ? ? 98.90 6  1 
1.83 2.02   15259 ? 5094 0.060 15.7 ? ? ? ? ? 99.20 7  1 
2.02 2.31   18388 ? 4912 0.040 24.1 ? ? ? ? ? 99.00 8  1 
2.31 2.91   18171 ? 4770 0.030 31.5 ? ? ? ? ? 96.10 9  1 
2.91 25.777 15482 ? 4557 0.023 37.6 ? ? ? ? ? 90.90 10 1 
# 
_refine.entry_id                                 3BM7 
_refine.ls_d_res_high                            1.350 
_refine.ls_d_res_low                             25.777 
_refine.pdbx_ls_sigma_F                          0.00 
_refine.ls_percent_reflns_obs                    98.630 
_refine.ls_number_reflns_obs                     25860 
_refine.pdbx_ls_cross_valid_method               THROUGHOUT 
_refine.pdbx_R_Free_selection_details            RANDOM 
_refine.details                                  
;1. HYDROGENS HAVE BEEN ADDED IN THE RIDING POSITIONS.
 2. ATOM RECORD CONTAINS RESIDUAL B FACTORS ONLY.
 3. A MET-INHIBITION PROTOCOL WAS USED FOR SELENOMETHIONINE
 INCORPORATION DURING PROTEIN EXPRESSION. THE OCCUPANCY
 OF THE SE ATOMS IN THE MSE RESIDUES WAS REDUCED TO 0.75
 TO ACCOUNT FOR THE REDUCED SCATTERING POWER DUE TO PARTIAL
 S-MET INCORPORATION.
 4. ETHYLENE GLYCOL MOLECULES FROM THE CRYSTALLIZATION
 CONDITIONS WERE MODELED.
 5. THERE IS UNMODELED DENSITY NEAR GLN 40.
;
_refine.ls_R_factor_obs                          0.190 
_refine.ls_R_factor_R_work                       0.189 
_refine.ls_R_factor_R_free                       0.209 
_refine.ls_percent_reflns_R_free                 5.100 
_refine.ls_number_reflns_R_free                  1317 
_refine.B_iso_mean                               18.442 
_refine.aniso_B[1][1]                            -1.520 
_refine.aniso_B[2][2]                            2.120 
_refine.aniso_B[3][3]                            -0.600 
_refine.aniso_B[1][2]                            0.000 
_refine.aniso_B[1][3]                            0.000 
_refine.aniso_B[2][3]                            0.000 
_refine.correlation_coeff_Fo_to_Fc               0.969 
_refine.correlation_coeff_Fo_to_Fc_free          0.962 
_refine.pdbx_overall_ESU_R                       0.056 
_refine.pdbx_overall_ESU_R_Free                  0.057 
_refine.overall_SU_ML                            0.050 
_refine.overall_SU_B                             2.689 
_refine.solvent_model_details                    MASK 
_refine.pdbx_solvent_vdw_probe_radii             1.200 
_refine.pdbx_solvent_ion_probe_radii             0.800 
_refine.pdbx_solvent_shrinkage_radii             0.800 
_refine.pdbx_method_to_determine_struct          SAD 
_refine.pdbx_stereochemistry_target_values       'MAXIMUM LIKELIHOOD WITH PHASES' 
_refine.pdbx_ls_sigma_I                          ? 
_refine.ls_number_reflns_all                     ? 
_refine.ls_R_factor_all                          ? 
_refine.ls_redundancy_reflns_obs                 ? 
_refine.pdbx_data_cutoff_high_absF               ? 
_refine.pdbx_data_cutoff_low_absF                ? 
_refine.ls_number_parameters                     ? 
_refine.ls_number_restraints                     ? 
_refine.ls_R_factor_R_free_error                 ? 
_refine.ls_R_factor_R_free_error_details         ? 
_refine.pdbx_starting_model                      ? 
_refine.pdbx_stereochem_target_val_spec_case     ? 
_refine.solvent_model_param_bsol                 ? 
_refine.solvent_model_param_ksol                 ? 
_refine.occupancy_max                            ? 
_refine.occupancy_min                            ? 
_refine.pdbx_isotropic_thermal_model             ? 
_refine.B_iso_min                                ? 
_refine.B_iso_max                                ? 
_refine.overall_SU_R_Cruickshank_DPI             ? 
_refine.overall_SU_R_free                        ? 
_refine.pdbx_data_cutoff_high_rms_absF           ? 
_refine.ls_wR_factor_R_free                      ? 
_refine.ls_wR_factor_R_work                      ? 
_refine.overall_FOM_free_R_set                   ? 
_refine.overall_FOM_work_R_set                   ? 
_refine.pdbx_refine_id                           'X-RAY DIFFRACTION' 
_refine.pdbx_TLS_residual_ADP_flag               'LIKELY RESIDUAL' 
_refine.pdbx_diffrn_id                           1 
_refine.pdbx_overall_phase_error                 ? 
_refine.pdbx_overall_SU_R_free_Cruickshank_DPI   ? 
_refine.pdbx_overall_SU_R_Blow_DPI               ? 
_refine.pdbx_overall_SU_R_free_Blow_DPI          ? 
# 
_refine_hist.pdbx_refine_id                   'X-RAY DIFFRACTION' 
_refine_hist.cycle_id                         LAST 
_refine_hist.pdbx_number_atoms_protein        793 
_refine_hist.pdbx_number_atoms_nucleic_acid   0 
_refine_hist.pdbx_number_atoms_ligand         8 
_refine_hist.number_atoms_solvent             121 
_refine_hist.number_atoms_total               922 
_refine_hist.d_res_high                       1.350 
_refine_hist.d_res_low                        25.777 
# 
loop_
_refine_ls_restr.type 
_refine_ls_restr.number 
_refine_ls_restr.dev_ideal 
_refine_ls_restr.dev_ideal_target 
_refine_ls_restr.weight 
_refine_ls_restr.pdbx_refine_id 
_refine_ls_restr.pdbx_restraint_function 
r_bond_refined_d         872  0.016  0.022  ? 'X-RAY DIFFRACTION' ? 
r_bond_other_d           558  0.001  0.020  ? 'X-RAY DIFFRACTION' ? 
r_angle_refined_deg      1187 1.476  1.960  ? 'X-RAY DIFFRACTION' ? 
r_angle_other_deg        1378 0.920  3.000  ? 'X-RAY DIFFRACTION' ? 
r_dihedral_angle_1_deg   117  5.379  5.000  ? 'X-RAY DIFFRACTION' ? 
r_dihedral_angle_2_deg   35   27.179 25.143 ? 'X-RAY DIFFRACTION' ? 
r_dihedral_angle_3_deg   138  13.246 15.000 ? 'X-RAY DIFFRACTION' ? 
r_dihedral_angle_4_deg   1    5.293  15.000 ? 'X-RAY DIFFRACTION' ? 
r_chiral_restr           130  0.093  0.200  ? 'X-RAY DIFFRACTION' ? 
r_gen_planes_refined     1014 0.007  0.020  ? 'X-RAY DIFFRACTION' ? 
r_gen_planes_other       171  0.002  0.020  ? 'X-RAY DIFFRACTION' ? 
r_nbd_refined            183  0.221  0.200  ? 'X-RAY DIFFRACTION' ? 
r_nbd_other              536  0.179  0.200  ? 'X-RAY DIFFRACTION' ? 
r_nbtor_refined          435  0.184  0.200  ? 'X-RAY DIFFRACTION' ? 
r_nbtor_other            429  0.087  0.200  ? 'X-RAY DIFFRACTION' ? 
r_xyhbond_nbd_refined    89   0.160  0.200  ? 'X-RAY DIFFRACTION' ? 
r_symmetry_vdw_refined   13   0.287  0.200  ? 'X-RAY DIFFRACTION' ? 
r_symmetry_vdw_other     29   0.229  0.200  ? 'X-RAY DIFFRACTION' ? 
r_symmetry_hbond_refined 16   0.205  0.200  ? 'X-RAY DIFFRACTION' ? 
r_mcbond_it              601  2.062  3.000  ? 'X-RAY DIFFRACTION' ? 
r_mcbond_other           228  0.456  3.000  ? 'X-RAY DIFFRACTION' ? 
r_mcangle_it             898  2.520  5.000  ? 'X-RAY DIFFRACTION' ? 
r_scbond_it              337  4.335  8.000  ? 'X-RAY DIFFRACTION' ? 
r_scangle_it             289  4.860  11.000 ? 'X-RAY DIFFRACTION' ? 
# 
_refine_ls_shell.d_res_high                       1.350 
_refine_ls_shell.d_res_low                        1.385 
_refine_ls_shell.pdbx_total_number_of_bins_used   20 
_refine_ls_shell.percent_reflns_obs               98.390 
_refine_ls_shell.number_reflns_R_work             1804 
_refine_ls_shell.R_factor_all                     ? 
_refine_ls_shell.R_factor_R_work                  0.347 
_refine_ls_shell.R_factor_R_free                  0.365 
_refine_ls_shell.percent_reflns_R_free            ? 
_refine_ls_shell.number_reflns_R_free             87 
_refine_ls_shell.R_factor_R_free_error            ? 
_refine_ls_shell.number_reflns_all                1891 
_refine_ls_shell.number_reflns_obs                ? 
_refine_ls_shell.redundancy_reflns_obs            ? 
_refine_ls_shell.pdbx_refine_id                   'X-RAY DIFFRACTION' 
# 
_struct.entry_id                  3BM7 
_struct.title                     
;CRYSTAL STRUCTURE OF A PUTATIVE ANTIBIOTIC BIOSYNTHESIS MONOOXYGENASE (CC_2132) FROM CAULOBACTER CRESCENTUS CB15 AT 1.35 A RESOLUTION
;
_struct.pdbx_model_details        ? 
_struct.pdbx_CASP_flag            ? 
_struct.pdbx_model_type_details   ? 
# 
_struct_keywords.text            
;FERREDOXIN-LIKE FOLD, ANTIBIOTIC BIOSYNTHESIS MONOOXYGENASE, STRUCTURAL GENOMICS, JOINT CENTER FOR STRUCTURAL GENOMICS, JCSG, PROTEIN STRUCTURE INITIATIVE, PSI-2, OXIDOREDUCTASE
;
_struct_keywords.pdbx_keywords   OXIDOREDUCTASE 
_struct_keywords.entry_id        3BM7 
# 
loop_
_struct_asym.id 
_struct_asym.pdbx_blank_PDB_chainid_flag 
_struct_asym.pdbx_modified 
_struct_asym.entity_id 
_struct_asym.details 
A N N 1 ? 
B N N 2 ? 
C N N 2 ? 
D N N 3 ? 
# 
_struct_ref.id                         1 
_struct_ref.db_name                    UNP 
_struct_ref.db_code                    Q9A6G2_CAUCR 
_struct_ref.pdbx_db_accession          Q9A6G2 
_struct_ref.entity_id                  1 
_struct_ref.pdbx_seq_one_letter_code   
;MIGVVATLKVQPAKAAEFEKVFLDLAAKVKANEPGCLVYQLTRSKTEEGVYKVLELYASMDALKHHGGTDYFKAAGAAMG
PTMAGAPVIEYLDAVE
;
_struct_ref.pdbx_align_begin           1 
_struct_ref.pdbx_db_isoform            ? 
# 
_struct_ref_seq.align_id                      1 
_struct_ref_seq.ref_id                        1 
_struct_ref_seq.pdbx_PDB_id_code              3BM7 
_struct_ref_seq.pdbx_strand_id                A 
_struct_ref_seq.seq_align_beg                 20 
_struct_ref_seq.pdbx_seq_align_beg_ins_code   ? 
_struct_ref_seq.seq_align_end                 115 
_struct_ref_seq.pdbx_seq_align_end_ins_code   ? 
_struct_ref_seq.pdbx_db_accession             Q9A6G2 
_struct_ref_seq.db_align_beg                  1 
_struct_ref_seq.pdbx_db_align_beg_ins_code    ? 
_struct_ref_seq.db_align_end                  96 
_struct_ref_seq.pdbx_db_align_end_ins_code    ? 
_struct_ref_seq.pdbx_auth_seq_align_beg       1 
_struct_ref_seq.pdbx_auth_seq_align_end       96 
# 
loop_
_struct_ref_seq_dif.align_id 
_struct_ref_seq_dif.pdbx_pdb_id_code 
_struct_ref_seq_dif.mon_id 
_struct_ref_seq_dif.pdbx_pdb_strand_id 
_struct_ref_seq_dif.seq_num 
_struct_ref_seq_dif.pdbx_pdb_ins_code 
_struct_ref_seq_dif.pdbx_seq_db_name 
_struct_ref_seq_dif.pdbx_seq_db_accession_code 
_struct_ref_seq_dif.db_mon_id 
_struct_ref_seq_dif.pdbx_seq_db_seq_num 
_struct_ref_seq_dif.details 
_struct_ref_seq_dif.pdbx_auth_seq_num 
_struct_ref_seq_dif.pdbx_ordinal 
1 3BM7 MSE A 1  ? UNP Q9A6G2 ? ? 'expression tag' -18 1  
1 3BM7 GLY A 2  ? UNP Q9A6G2 ? ? 'expression tag' -17 2  
1 3BM7 SER A 3  ? UNP Q9A6G2 ? ? 'expression tag' -16 3  
1 3BM7 ASP A 4  ? UNP Q9A6G2 ? ? 'expression tag' -15 4  
1 3BM7 LYS A 5  ? UNP Q9A6G2 ? ? 'expression tag' -14 5  
1 3BM7 ILE A 6  ? UNP Q9A6G2 ? ? 'expression tag' -13 6  
1 3BM7 HIS A 7  ? UNP Q9A6G2 ? ? 'expression tag' -12 7  
1 3BM7 HIS A 8  ? UNP Q9A6G2 ? ? 'expression tag' -11 8  
1 3BM7 HIS A 9  ? UNP Q9A6G2 ? ? 'expression tag' -10 9  
1 3BM7 HIS A 10 ? UNP Q9A6G2 ? ? 'expression tag' -9  10 
1 3BM7 HIS A 11 ? UNP Q9A6G2 ? ? 'expression tag' -8  11 
1 3BM7 HIS A 12 ? UNP Q9A6G2 ? ? 'expression tag' -7  12 
1 3BM7 GLU A 13 ? UNP Q9A6G2 ? ? 'expression tag' -6  13 
1 3BM7 ASN A 14 ? UNP Q9A6G2 ? ? 'expression tag' -5  14 
1 3BM7 LEU A 15 ? UNP Q9A6G2 ? ? 'expression tag' -4  15 
1 3BM7 TYR A 16 ? UNP Q9A6G2 ? ? 'expression tag' -3  16 
1 3BM7 PHE A 17 ? UNP Q9A6G2 ? ? 'expression tag' -2  17 
1 3BM7 GLN A 18 ? UNP Q9A6G2 ? ? 'expression tag' -1  18 
1 3BM7 GLY A 19 ? UNP Q9A6G2 ? ? 'expression tag' 0   19 
# 
_pdbx_struct_assembly.id                   1 
_pdbx_struct_assembly.details              software_defined_assembly 
_pdbx_struct_assembly.method_details       PISA 
_pdbx_struct_assembly.oligomeric_details   dimeric 
_pdbx_struct_assembly.oligomeric_count     2 
# 
_pdbx_struct_assembly_prop.biol_id   1 
_pdbx_struct_assembly_prop.type      'ABSA (A^2)' 
_pdbx_struct_assembly_prop.value     2290 
_pdbx_struct_assembly_prop.details   ? 
# 
_pdbx_struct_assembly_gen.assembly_id       1 
_pdbx_struct_assembly_gen.oper_expression   1,2 
_pdbx_struct_assembly_gen.asym_id_list      A,B,C,D 
# 
loop_
_pdbx_struct_oper_list.id 
_pdbx_struct_oper_list.type 
_pdbx_struct_oper_list.name 
_pdbx_struct_oper_list.symmetry_operation 
_pdbx_struct_oper_list.matrix[1][1] 
_pdbx_struct_oper_list.matrix[1][2] 
_pdbx_struct_oper_list.matrix[1][3] 
_pdbx_struct_oper_list.vector[1] 
_pdbx_struct_oper_list.matrix[2][1] 
_pdbx_struct_oper_list.matrix[2][2] 
_pdbx_struct_oper_list.matrix[2][3] 
_pdbx_struct_oper_list.vector[2] 
_pdbx_struct_oper_list.matrix[3][1] 
_pdbx_struct_oper_list.matrix[3][2] 
_pdbx_struct_oper_list.matrix[3][3] 
_pdbx_struct_oper_list.vector[3] 
1 'identity operation'         1_555 x,y,z       1.0000000000  0.0000000000  0.0000000000  0.0000000000 0.0000000000  1.0000000000  0.0000000000 0.0000000000   0.0000000000  0.0000000000 1.0000000000 0.0000000000  
2 'crystal symmetry operation' 3_556 -x,y,-z+3/2 -0.7952331818 -0.3530285823 -0.4929249504 3.8845241122 -0.3530285823 -0.3913604704 0.8498281016 -15.6482252061 -0.4929249504 0.8498281016 0.1865936522 12.8208004043 
# 
_struct_biol.id        1 
_struct_biol.details   ? 
# 
loop_
_struct_conf.conf_type_id 
_struct_conf.id 
_struct_conf.pdbx_PDB_helix_id 
_struct_conf.beg_label_comp_id 
_struct_conf.beg_label_asym_id 
_struct_conf.beg_label_seq_id 
_struct_conf.pdbx_beg_PDB_ins_code 
_struct_conf.end_label_comp_id 
_struct_conf.end_label_asym_id 
_struct_conf.end_label_seq_id 
_struct_conf.pdbx_end_PDB_ins_code 
_struct_conf.beg_auth_comp_id 
_struct_conf.beg_auth_asym_id 
_struct_conf.beg_auth_seq_id 
_struct_conf.end_auth_comp_id 
_struct_conf.end_auth_asym_id 
_struct_conf.end_auth_seq_id 
_struct_conf.pdbx_PDB_helix_class 
_struct_conf.details 
_struct_conf.pdbx_PDB_helix_length 
HELX_P HELX_P1 1 HIS A 12 ? TYR A 16 ? HIS A -7 TYR A -3 5 ? 5  
HELX_P HELX_P2 2 LYS A 33 ? GLU A 52 ? LYS A 14 GLU A 33 1 ? 20 
HELX_P HELX_P3 3 SER A 78 ? THR A 88 ? SER A 59 THR A 69 1 ? 11 
HELX_P HELX_P4 4 THR A 88 ? GLY A 99 ? THR A 69 GLY A 80 1 ? 12 
# 
_struct_conf_type.id          HELX_P 
_struct_conf_type.criteria    ? 
_struct_conf_type.reference   ? 
# 
loop_
_struct_conn.id 
_struct_conn.conn_type_id 
_struct_conn.pdbx_leaving_atom_flag 
_struct_conn.pdbx_PDB_id 
_struct_conn.ptnr1_label_asym_id 
_struct_conn.ptnr1_label_comp_id 
_struct_conn.ptnr1_label_seq_id 
_struct_conn.ptnr1_label_atom_id 
_struct_conn.pdbx_ptnr1_label_alt_id 
_struct_conn.pdbx_ptnr1_PDB_ins_code 
_struct_conn.pdbx_ptnr1_standard_comp_id 
_struct_conn.ptnr1_symmetry 
_struct_conn.ptnr2_label_asym_id 
_struct_conn.ptnr2_label_comp_id 
_struct_conn.ptnr2_label_seq_id 
_struct_conn.ptnr2_label_atom_id 
_struct_conn.pdbx_ptnr2_label_alt_id 
_struct_conn.pdbx_ptnr2_PDB_ins_code 
_struct_conn.ptnr1_auth_asym_id 
_struct_conn.ptnr1_auth_comp_id 
_struct_conn.ptnr1_auth_seq_id 
_struct_conn.ptnr2_auth_asym_id 
_struct_conn.ptnr2_auth_comp_id 
_struct_conn.ptnr2_auth_seq_id 
_struct_conn.ptnr2_symmetry 
_struct_conn.pdbx_ptnr3_label_atom_id 
_struct_conn.pdbx_ptnr3_label_seq_id 
_struct_conn.pdbx_ptnr3_label_comp_id 
_struct_conn.pdbx_ptnr3_label_asym_id 
_struct_conn.pdbx_ptnr3_label_alt_id 
_struct_conn.pdbx_ptnr3_PDB_ins_code 
_struct_conn.details 
_struct_conn.pdbx_dist_value 
_struct_conn.pdbx_value_order 
_struct_conn.pdbx_role 
covale1  covale both ? A GLY 19  C ? ? ? 1_555 A MSE 20  N A ? A GLY 0  A MSE 1  1_555 ? ? ? ? ? ? ? 1.328 ? ? 
covale2  covale both ? A GLY 19  C ? ? ? 1_555 A MSE 20  N B ? A GLY 0  A MSE 1  1_555 ? ? ? ? ? ? ? 1.315 ? ? 
covale3  covale both ? A MSE 20  C A ? ? 1_555 A ILE 21  N ? ? A MSE 1  A ILE 2  1_555 ? ? ? ? ? ? ? 1.333 ? ? 
covale4  covale both ? A MSE 20  C B ? ? 1_555 A ILE 21  N ? ? A MSE 1  A ILE 2  1_555 ? ? ? ? ? ? ? 1.329 ? ? 
covale5  covale both ? A SER 78  C ? ? ? 1_555 A MSE 79  N ? ? A SER 59 A MSE 60 1_555 ? ? ? ? ? ? ? 1.328 ? ? 
covale6  covale both ? A MSE 79  C ? ? ? 1_555 A ASP 80  N ? ? A MSE 60 A ASP 61 1_555 ? ? ? ? ? ? ? 1.335 ? ? 
covale7  covale both ? A ALA 97  C ? ? ? 1_555 A MSE 98  N A ? A ALA 78 A MSE 79 1_555 ? ? ? ? ? ? ? 1.327 ? ? 
covale8  covale both ? A ALA 97  C ? ? ? 1_555 A MSE 98  N B ? A ALA 78 A MSE 79 1_555 ? ? ? ? ? ? ? 1.333 ? ? 
covale9  covale both ? A MSE 98  C A ? ? 1_555 A GLY 99  N ? ? A MSE 79 A GLY 80 1_555 ? ? ? ? ? ? ? 1.331 ? ? 
covale10 covale both ? A MSE 98  C B ? ? 1_555 A GLY 99  N ? ? A MSE 79 A GLY 80 1_555 ? ? ? ? ? ? ? 1.333 ? ? 
covale11 covale both ? A THR 101 C ? ? ? 1_555 A MSE 102 N ? ? A THR 82 A MSE 83 1_555 ? ? ? ? ? ? ? 1.333 ? ? 
covale12 covale both ? A MSE 102 C ? ? ? 1_555 A ALA 103 N ? ? A MSE 83 A ALA 84 1_555 ? ? ? ? ? ? ? 1.335 ? ? 
# 
_struct_conn_type.id          covale 
_struct_conn_type.criteria    ? 
_struct_conn_type.reference   ? 
# 
loop_
_pdbx_modification_feature.ordinal 
_pdbx_modification_feature.label_comp_id 
_pdbx_modification_feature.label_asym_id 
_pdbx_modification_feature.label_seq_id 
_pdbx_modification_feature.label_alt_id 
_pdbx_modification_feature.modified_residue_label_comp_id 
_pdbx_modification_feature.modified_residue_label_asym_id 
_pdbx_modification_feature.modified_residue_label_seq_id 
_pdbx_modification_feature.modified_residue_label_alt_id 
_pdbx_modification_feature.auth_comp_id 
_pdbx_modification_feature.auth_asym_id 
_pdbx_modification_feature.auth_seq_id 
_pdbx_modification_feature.PDB_ins_code 
_pdbx_modification_feature.symmetry 
_pdbx_modification_feature.modified_residue_auth_comp_id 
_pdbx_modification_feature.modified_residue_auth_asym_id 
_pdbx_modification_feature.modified_residue_auth_seq_id 
_pdbx_modification_feature.modified_residue_PDB_ins_code 
_pdbx_modification_feature.modified_residue_symmetry 
_pdbx_modification_feature.comp_id_linking_atom 
_pdbx_modification_feature.modified_residue_id_linking_atom 
_pdbx_modification_feature.modified_residue_id 
_pdbx_modification_feature.ref_pcm_id 
_pdbx_modification_feature.ref_comp_id 
_pdbx_modification_feature.type 
_pdbx_modification_feature.category 
1 MSE A 20  A . . . . MSE A 1  ? 1_555 . . . . . . . MET 1 MSE Selenomethionine 'Named protein modification' 
2 MSE A 20  B . . . . MSE A 1  ? 1_555 . . . . . . . MET 1 MSE Selenomethionine 'Named protein modification' 
3 MSE A 79  ? . . . . MSE A 60 ? 1_555 . . . . . . . MET 1 MSE Selenomethionine 'Named protein modification' 
4 MSE A 98  A . . . . MSE A 79 ? 1_555 . . . . . . . MET 1 MSE Selenomethionine 'Named protein modification' 
5 MSE A 98  B . . . . MSE A 79 ? 1_555 . . . . . . . MET 1 MSE Selenomethionine 'Named protein modification' 
6 MSE A 102 ? . . . . MSE A 83 ? 1_555 . . . . . . . MET 1 MSE Selenomethionine 'Named protein modification' 
# 
_struct_sheet.id               A 
_struct_sheet.type             ? 
_struct_sheet.number_strands   4 
_struct_sheet.details          ? 
# 
loop_
_struct_sheet_order.sheet_id 
_struct_sheet_order.range_id_1 
_struct_sheet_order.range_id_2 
_struct_sheet_order.offset 
_struct_sheet_order.sense 
A 1 2 ? anti-parallel 
A 2 3 ? anti-parallel 
A 3 4 ? anti-parallel 
# 
loop_
_struct_sheet_range.sheet_id 
_struct_sheet_range.id 
_struct_sheet_range.beg_label_comp_id 
_struct_sheet_range.beg_label_asym_id 
_struct_sheet_range.beg_label_seq_id 
_struct_sheet_range.pdbx_beg_PDB_ins_code 
_struct_sheet_range.end_label_comp_id 
_struct_sheet_range.end_label_asym_id 
_struct_sheet_range.end_label_seq_id 
_struct_sheet_range.pdbx_end_PDB_ins_code 
_struct_sheet_range.beg_auth_comp_id 
_struct_sheet_range.beg_auth_asym_id 
_struct_sheet_range.beg_auth_seq_id 
_struct_sheet_range.end_auth_comp_id 
_struct_sheet_range.end_auth_asym_id 
_struct_sheet_range.end_auth_seq_id 
A 1 CYS A 55  ? ARG A 62  ? CYS A 36 ARG A 43 
A 2 VAL A 69  ? TYR A 76  ? VAL A 50 TYR A 57 
A 3 ILE A 21  ? VAL A 29  ? ILE A 2  VAL A 10 
A 4 MSE A 102 ? ASP A 112 ? MSE A 83 ASP A 93 
# 
loop_
_pdbx_struct_sheet_hbond.sheet_id 
_pdbx_struct_sheet_hbond.range_id_1 
_pdbx_struct_sheet_hbond.range_id_2 
_pdbx_struct_sheet_hbond.range_1_label_atom_id 
_pdbx_struct_sheet_hbond.range_1_label_comp_id 
_pdbx_struct_sheet_hbond.range_1_label_asym_id 
_pdbx_struct_sheet_hbond.range_1_label_seq_id 
_pdbx_struct_sheet_hbond.range_1_PDB_ins_code 
_pdbx_struct_sheet_hbond.range_1_auth_atom_id 
_pdbx_struct_sheet_hbond.range_1_auth_comp_id 
_pdbx_struct_sheet_hbond.range_1_auth_asym_id 
_pdbx_struct_sheet_hbond.range_1_auth_seq_id 
_pdbx_struct_sheet_hbond.range_2_label_atom_id 
_pdbx_struct_sheet_hbond.range_2_label_comp_id 
_pdbx_struct_sheet_hbond.range_2_label_asym_id 
_pdbx_struct_sheet_hbond.range_2_label_seq_id 
_pdbx_struct_sheet_hbond.range_2_PDB_ins_code 
_pdbx_struct_sheet_hbond.range_2_auth_atom_id 
_pdbx_struct_sheet_hbond.range_2_auth_comp_id 
_pdbx_struct_sheet_hbond.range_2_auth_asym_id 
_pdbx_struct_sheet_hbond.range_2_auth_seq_id 
A 1 2 N GLN A 59 ? N GLN A 40 O LEU A 73  ? O LEU A 54 
A 2 3 O VAL A 72 ? O VAL A 53 N ALA A 25  ? N ALA A 6  
A 3 4 N THR A 26 ? N THR A 7  O VAL A 107 ? O VAL A 88 
# 
loop_
_struct_site.id 
_struct_site.pdbx_evidence_code 
_struct_site.pdbx_auth_asym_id 
_struct_site.pdbx_auth_comp_id 
_struct_site.pdbx_auth_seq_id 
_struct_site.pdbx_auth_ins_code 
_struct_site.pdbx_num_residues 
_struct_site.details 
AC1 Software A EDO 97 ? 6 'BINDING SITE FOR RESIDUE EDO A 97' 
AC2 Software A EDO 98 ? 7 'BINDING SITE FOR RESIDUE EDO A 98' 
# 
loop_
_struct_site_gen.id 
_struct_site_gen.site_id 
_struct_site_gen.pdbx_num_res 
_struct_site_gen.label_comp_id 
_struct_site_gen.label_asym_id 
_struct_site_gen.label_seq_id 
_struct_site_gen.pdbx_auth_ins_code 
_struct_site_gen.auth_comp_id 
_struct_site_gen.auth_asym_id 
_struct_site_gen.auth_seq_id 
_struct_site_gen.label_atom_id 
_struct_site_gen.label_alt_id 
_struct_site_gen.symmetry 
_struct_site_gen.details 
1  AC1 6 ASP A 43 ? ASP A 24  . ? 4_567 ? 
2  AC1 6 LYS A 49 ? LYS A 30  . ? 1_555 ? 
3  AC1 6 ALA A 50 ? ALA A 31  . ? 1_555 ? 
4  AC1 6 ASN A 51 ? ASN A 32  . ? 1_555 ? 
5  AC1 6 GLU A 52 ? GLU A 33  . ? 1_555 ? 
6  AC1 6 PRO A 53 ? PRO A 34  . ? 1_555 ? 
7  AC2 7 ARG A 62 ? ARG A 43  . ? 1_555 ? 
8  AC2 7 SER A 63 ? SER A 44  . ? 1_555 ? 
9  AC2 7 GLU A 66 ? GLU A 47  . ? 1_555 ? 
10 AC2 7 GLY A 68 ? GLY A 49  . ? 1_555 ? 
11 AC2 7 VAL A 69 ? VAL A 50  . ? 1_555 ? 
12 AC2 7 TYR A 70 ? TYR A 51  . ? 1_555 ? 
13 AC2 7 HOH D .  ? HOH A 152 . ? 1_555 ? 
# 
_pdbx_entry_details.entry_id                   3BM7 
_pdbx_entry_details.compound_details           ? 
_pdbx_entry_details.source_details             ? 
_pdbx_entry_details.nonpolymer_details         ? 
_pdbx_entry_details.sequence_details           ? 
_pdbx_entry_details.has_ligand_of_interest     ? 
_pdbx_entry_details.has_protein_modification   Y 
# 
_pdbx_validate_symm_contact.id                1 
_pdbx_validate_symm_contact.PDB_model_num     1 
_pdbx_validate_symm_contact.auth_atom_id_1    OD1 
_pdbx_validate_symm_contact.auth_asym_id_1    A 
_pdbx_validate_symm_contact.auth_comp_id_1    ASN 
_pdbx_validate_symm_contact.auth_seq_id_1     -5 
_pdbx_validate_symm_contact.PDB_ins_code_1    ? 
_pdbx_validate_symm_contact.label_alt_id_1    B 
_pdbx_validate_symm_contact.site_symmetry_1   1_555 
_pdbx_validate_symm_contact.auth_atom_id_2    O 
_pdbx_validate_symm_contact.auth_asym_id_2    A 
_pdbx_validate_symm_contact.auth_comp_id_2    HOH 
_pdbx_validate_symm_contact.auth_seq_id_2     157 
_pdbx_validate_symm_contact.PDB_ins_code_2    ? 
_pdbx_validate_symm_contact.label_alt_id_2    ? 
_pdbx_validate_symm_contact.site_symmetry_2   6_554 
_pdbx_validate_symm_contact.dist              2.16 
# 
_pdbx_validate_torsion.id              1 
_pdbx_validate_torsion.PDB_model_num   1 
_pdbx_validate_torsion.auth_comp_id    TYR 
_pdbx_validate_torsion.auth_asym_id    A 
_pdbx_validate_torsion.auth_seq_id     39 
_pdbx_validate_torsion.PDB_ins_code    ? 
_pdbx_validate_torsion.label_alt_id    ? 
_pdbx_validate_torsion.phi             -152.20 
_pdbx_validate_torsion.psi             87.02 
# 
_pdbx_SG_project.project_name          'PSI, Protein Structure Initiative' 
_pdbx_SG_project.full_name_of_center   'Joint Center for Structural Genomics' 
_pdbx_SG_project.id                    1 
_pdbx_SG_project.initial_of_center     JCSG 
# 
loop_
_pdbx_struct_mod_residue.id 
_pdbx_struct_mod_residue.label_asym_id 
_pdbx_struct_mod_residue.label_comp_id 
_pdbx_struct_mod_residue.label_seq_id 
_pdbx_struct_mod_residue.auth_asym_id 
_pdbx_struct_mod_residue.auth_comp_id 
_pdbx_struct_mod_residue.auth_seq_id 
_pdbx_struct_mod_residue.PDB_ins_code 
_pdbx_struct_mod_residue.parent_comp_id 
_pdbx_struct_mod_residue.details 
1 A MSE 20  A MSE 1  ? MET SELENOMETHIONINE 
2 A MSE 79  A MSE 60 ? MET SELENOMETHIONINE 
3 A MSE 98  A MSE 79 ? MET SELENOMETHIONINE 
4 A MSE 102 A MSE 83 ? MET SELENOMETHIONINE 
# 
_pdbx_refine_tls.id               1 
_pdbx_refine_tls.details          ? 
_pdbx_refine_tls.method           refined 
_pdbx_refine_tls.origin_x         -0.3621 
_pdbx_refine_tls.origin_y         -0.4435 
_pdbx_refine_tls.origin_z         0.1481 
_pdbx_refine_tls.T[1][1]          -0.0439 
_pdbx_refine_tls.T[2][2]          -0.0482 
_pdbx_refine_tls.T[3][3]          -0.0482 
_pdbx_refine_tls.T[1][2]          0.0120 
_pdbx_refine_tls.T[1][3]          -0.0140 
_pdbx_refine_tls.T[2][3]          -0.0078 
_pdbx_refine_tls.L[1][1]          1.1370 
_pdbx_refine_tls.L[2][2]          1.4167 
_pdbx_refine_tls.L[3][3]          1.8577 
_pdbx_refine_tls.L[1][2]          0.2522 
_pdbx_refine_tls.L[1][3]          -0.0941 
_pdbx_refine_tls.L[2][3]          -0.5960 
_pdbx_refine_tls.S[1][1]          0.0056 
_pdbx_refine_tls.S[2][2]          -0.0065 
_pdbx_refine_tls.S[3][3]          0.0009 
_pdbx_refine_tls.S[1][2]          0.0484 
_pdbx_refine_tls.S[1][3]          0.0858 
_pdbx_refine_tls.S[2][3]          0.0794 
_pdbx_refine_tls.S[2][1]          -0.1164 
_pdbx_refine_tls.S[3][1]          -0.1274 
_pdbx_refine_tls.S[3][2]          -0.0881 
_pdbx_refine_tls.pdbx_refine_id   'X-RAY DIFFRACTION' 
# 
_pdbx_refine_tls_group.id                  1 
_pdbx_refine_tls_group.refine_tls_id       1 
_pdbx_refine_tls_group.beg_label_asym_id   A 
_pdbx_refine_tls_group.beg_label_seq_id    10 
_pdbx_refine_tls_group.end_label_asym_id   A 
_pdbx_refine_tls_group.end_label_seq_id    115 
_pdbx_refine_tls_group.selection           ? 
_pdbx_refine_tls_group.beg_auth_asym_id    A 
_pdbx_refine_tls_group.beg_auth_seq_id     -9 
_pdbx_refine_tls_group.end_auth_asym_id    A 
_pdbx_refine_tls_group.end_auth_seq_id     96 
_pdbx_refine_tls_group.pdbx_refine_id      'X-RAY DIFFRACTION' 
_pdbx_refine_tls_group.selection_details   ? 
# 
_phasing.method   SAD 
# 
_pdbx_database_remark.id     999 
_pdbx_database_remark.text   
;
SEQUENCE
THE CONSTRUCT WAS EXPRESSED WITH A PURIFICATION
TAG MGSDKIHHHHHHENLYFQG.
;
# 
loop_
_pdbx_unobs_or_zero_occ_residues.id 
_pdbx_unobs_or_zero_occ_residues.PDB_model_num 
_pdbx_unobs_or_zero_occ_residues.polymer_flag 
_pdbx_unobs_or_zero_occ_residues.occupancy_flag 
_pdbx_unobs_or_zero_occ_residues.auth_asym_id 
_pdbx_unobs_or_zero_occ_residues.auth_comp_id 
_pdbx_unobs_or_zero_occ_residues.auth_seq_id 
_pdbx_unobs_or_zero_occ_residues.PDB_ins_code 
_pdbx_unobs_or_zero_occ_residues.label_asym_id 
_pdbx_unobs_or_zero_occ_residues.label_comp_id 
_pdbx_unobs_or_zero_occ_residues.label_seq_id 
1 1 Y 1 A MSE -18 ? A MSE 1 
2 1 Y 1 A GLY -17 ? A GLY 2 
3 1 Y 1 A SER -16 ? A SER 3 
4 1 Y 1 A ASP -15 ? A ASP 4 
5 1 Y 1 A LYS -14 ? A LYS 5 
6 1 Y 1 A ILE -13 ? A ILE 6 
7 1 Y 1 A HIS -12 ? A HIS 7 
8 1 Y 1 A HIS -11 ? A HIS 8 
9 1 Y 1 A HIS -10 ? A HIS 9 
# 
loop_
_chem_comp_atom.comp_id 
_chem_comp_atom.atom_id 
_chem_comp_atom.type_symbol 
_chem_comp_atom.pdbx_aromatic_flag 
_chem_comp_atom.pdbx_stereo_config 
_chem_comp_atom.pdbx_ordinal 
ALA N    N  N N 1   
ALA CA   C  N S 2   
ALA C    C  N N 3   
ALA O    O  N N 4   
ALA CB   C  N N 5   
ALA OXT  O  N N 6   
ALA H    H  N N 7   
ALA H2   H  N N 8   
ALA HA   H  N N 9   
ALA HB1  H  N N 10  
ALA HB2  H  N N 11  
ALA HB3  H  N N 12  
ALA HXT  H  N N 13  
ARG N    N  N N 14  
ARG CA   C  N S 15  
ARG C    C  N N 16  
ARG O    O  N N 17  
ARG CB   C  N N 18  
ARG CG   C  N N 19  
ARG CD   C  N N 20  
ARG NE   N  N N 21  
ARG CZ   C  N N 22  
ARG NH1  N  N N 23  
ARG NH2  N  N N 24  
ARG OXT  O  N N 25  
ARG H    H  N N 26  
ARG H2   H  N N 27  
ARG HA   H  N N 28  
ARG HB2  H  N N 29  
ARG HB3  H  N N 30  
ARG HG2  H  N N 31  
ARG HG3  H  N N 32  
ARG HD2  H  N N 33  
ARG HD3  H  N N 34  
ARG HE   H  N N 35  
ARG HH11 H  N N 36  
ARG HH12 H  N N 37  
ARG HH21 H  N N 38  
ARG HH22 H  N N 39  
ARG HXT  H  N N 40  
ASN N    N  N N 41  
ASN CA   C  N S 42  
ASN C    C  N N 43  
ASN O    O  N N 44  
ASN CB   C  N N 45  
ASN CG   C  N N 46  
ASN OD1  O  N N 47  
ASN ND2  N  N N 48  
ASN OXT  O  N N 49  
ASN H    H  N N 50  
ASN H2   H  N N 51  
ASN HA   H  N N 52  
ASN HB2  H  N N 53  
ASN HB3  H  N N 54  
ASN HD21 H  N N 55  
ASN HD22 H  N N 56  
ASN HXT  H  N N 57  
ASP N    N  N N 58  
ASP CA   C  N S 59  
ASP C    C  N N 60  
ASP O    O  N N 61  
ASP CB   C  N N 62  
ASP CG   C  N N 63  
ASP OD1  O  N N 64  
ASP OD2  O  N N 65  
ASP OXT  O  N N 66  
ASP H    H  N N 67  
ASP H2   H  N N 68  
ASP HA   H  N N 69  
ASP HB2  H  N N 70  
ASP HB3  H  N N 71  
ASP HD2  H  N N 72  
ASP HXT  H  N N 73  
CYS N    N  N N 74  
CYS CA   C  N R 75  
CYS C    C  N N 76  
CYS O    O  N N 77  
CYS CB   C  N N 78  
CYS SG   S  N N 79  
CYS OXT  O  N N 80  
CYS H    H  N N 81  
CYS H2   H  N N 82  
CYS HA   H  N N 83  
CYS HB2  H  N N 84  
CYS HB3  H  N N 85  
CYS HG   H  N N 86  
CYS HXT  H  N N 87  
EDO C1   C  N N 88  
EDO O1   O  N N 89  
EDO C2   C  N N 90  
EDO O2   O  N N 91  
EDO H11  H  N N 92  
EDO H12  H  N N 93  
EDO HO1  H  N N 94  
EDO H21  H  N N 95  
EDO H22  H  N N 96  
EDO HO2  H  N N 97  
GLN N    N  N N 98  
GLN CA   C  N S 99  
GLN C    C  N N 100 
GLN O    O  N N 101 
GLN CB   C  N N 102 
GLN CG   C  N N 103 
GLN CD   C  N N 104 
GLN OE1  O  N N 105 
GLN NE2  N  N N 106 
GLN OXT  O  N N 107 
GLN H    H  N N 108 
GLN H2   H  N N 109 
GLN HA   H  N N 110 
GLN HB2  H  N N 111 
GLN HB3  H  N N 112 
GLN HG2  H  N N 113 
GLN HG3  H  N N 114 
GLN HE21 H  N N 115 
GLN HE22 H  N N 116 
GLN HXT  H  N N 117 
GLU N    N  N N 118 
GLU CA   C  N S 119 
GLU C    C  N N 120 
GLU O    O  N N 121 
GLU CB   C  N N 122 
GLU CG   C  N N 123 
GLU CD   C  N N 124 
GLU OE1  O  N N 125 
GLU OE2  O  N N 126 
GLU OXT  O  N N 127 
GLU H    H  N N 128 
GLU H2   H  N N 129 
GLU HA   H  N N 130 
GLU HB2  H  N N 131 
GLU HB3  H  N N 132 
GLU HG2  H  N N 133 
GLU HG3  H  N N 134 
GLU HE2  H  N N 135 
GLU HXT  H  N N 136 
GLY N    N  N N 137 
GLY CA   C  N N 138 
GLY C    C  N N 139 
GLY O    O  N N 140 
GLY OXT  O  N N 141 
GLY H    H  N N 142 
GLY H2   H  N N 143 
GLY HA2  H  N N 144 
GLY HA3  H  N N 145 
GLY HXT  H  N N 146 
HIS N    N  N N 147 
HIS CA   C  N S 148 
HIS C    C  N N 149 
HIS O    O  N N 150 
HIS CB   C  N N 151 
HIS CG   C  Y N 152 
HIS ND1  N  Y N 153 
HIS CD2  C  Y N 154 
HIS CE1  C  Y N 155 
HIS NE2  N  Y N 156 
HIS OXT  O  N N 157 
HIS H    H  N N 158 
HIS H2   H  N N 159 
HIS HA   H  N N 160 
HIS HB2  H  N N 161 
HIS HB3  H  N N 162 
HIS HD1  H  N N 163 
HIS HD2  H  N N 164 
HIS HE1  H  N N 165 
HIS HE2  H  N N 166 
HIS HXT  H  N N 167 
HOH O    O  N N 168 
HOH H1   H  N N 169 
HOH H2   H  N N 170 
ILE N    N  N N 171 
ILE CA   C  N S 172 
ILE C    C  N N 173 
ILE O    O  N N 174 
ILE CB   C  N S 175 
ILE CG1  C  N N 176 
ILE CG2  C  N N 177 
ILE CD1  C  N N 178 
ILE OXT  O  N N 179 
ILE H    H  N N 180 
ILE H2   H  N N 181 
ILE HA   H  N N 182 
ILE HB   H  N N 183 
ILE HG12 H  N N 184 
ILE HG13 H  N N 185 
ILE HG21 H  N N 186 
ILE HG22 H  N N 187 
ILE HG23 H  N N 188 
ILE HD11 H  N N 189 
ILE HD12 H  N N 190 
ILE HD13 H  N N 191 
ILE HXT  H  N N 192 
LEU N    N  N N 193 
LEU CA   C  N S 194 
LEU C    C  N N 195 
LEU O    O  N N 196 
LEU CB   C  N N 197 
LEU CG   C  N N 198 
LEU CD1  C  N N 199 
LEU CD2  C  N N 200 
LEU OXT  O  N N 201 
LEU H    H  N N 202 
LEU H2   H  N N 203 
LEU HA   H  N N 204 
LEU HB2  H  N N 205 
LEU HB3  H  N N 206 
LEU HG   H  N N 207 
LEU HD11 H  N N 208 
LEU HD12 H  N N 209 
LEU HD13 H  N N 210 
LEU HD21 H  N N 211 
LEU HD22 H  N N 212 
LEU HD23 H  N N 213 
LEU HXT  H  N N 214 
LYS N    N  N N 215 
LYS CA   C  N S 216 
LYS C    C  N N 217 
LYS O    O  N N 218 
LYS CB   C  N N 219 
LYS CG   C  N N 220 
LYS CD   C  N N 221 
LYS CE   C  N N 222 
LYS NZ   N  N N 223 
LYS OXT  O  N N 224 
LYS H    H  N N 225 
LYS H2   H  N N 226 
LYS HA   H  N N 227 
LYS HB2  H  N N 228 
LYS HB3  H  N N 229 
LYS HG2  H  N N 230 
LYS HG3  H  N N 231 
LYS HD2  H  N N 232 
LYS HD3  H  N N 233 
LYS HE2  H  N N 234 
LYS HE3  H  N N 235 
LYS HZ1  H  N N 236 
LYS HZ2  H  N N 237 
LYS HZ3  H  N N 238 
LYS HXT  H  N N 239 
MSE N    N  N N 240 
MSE CA   C  N S 241 
MSE C    C  N N 242 
MSE O    O  N N 243 
MSE OXT  O  N N 244 
MSE CB   C  N N 245 
MSE CG   C  N N 246 
MSE SE   SE N N 247 
MSE CE   C  N N 248 
MSE H    H  N N 249 
MSE H2   H  N N 250 
MSE HA   H  N N 251 
MSE HXT  H  N N 252 
MSE HB2  H  N N 253 
MSE HB3  H  N N 254 
MSE HG2  H  N N 255 
MSE HG3  H  N N 256 
MSE HE1  H  N N 257 
MSE HE2  H  N N 258 
MSE HE3  H  N N 259 
PHE N    N  N N 260 
PHE CA   C  N S 261 
PHE C    C  N N 262 
PHE O    O  N N 263 
PHE CB   C  N N 264 
PHE CG   C  Y N 265 
PHE CD1  C  Y N 266 
PHE CD2  C  Y N 267 
PHE CE1  C  Y N 268 
PHE CE2  C  Y N 269 
PHE CZ   C  Y N 270 
PHE OXT  O  N N 271 
PHE H    H  N N 272 
PHE H2   H  N N 273 
PHE HA   H  N N 274 
PHE HB2  H  N N 275 
PHE HB3  H  N N 276 
PHE HD1  H  N N 277 
PHE HD2  H  N N 278 
PHE HE1  H  N N 279 
PHE HE2  H  N N 280 
PHE HZ   H  N N 281 
PHE HXT  H  N N 282 
PRO N    N  N N 283 
PRO CA   C  N S 284 
PRO C    C  N N 285 
PRO O    O  N N 286 
PRO CB   C  N N 287 
PRO CG   C  N N 288 
PRO CD   C  N N 289 
PRO OXT  O  N N 290 
PRO H    H  N N 291 
PRO HA   H  N N 292 
PRO HB2  H  N N 293 
PRO HB3  H  N N 294 
PRO HG2  H  N N 295 
PRO HG3  H  N N 296 
PRO HD2  H  N N 297 
PRO HD3  H  N N 298 
PRO HXT  H  N N 299 
SER N    N  N N 300 
SER CA   C  N S 301 
SER C    C  N N 302 
SER O    O  N N 303 
SER CB   C  N N 304 
SER OG   O  N N 305 
SER OXT  O  N N 306 
SER H    H  N N 307 
SER H2   H  N N 308 
SER HA   H  N N 309 
SER HB2  H  N N 310 
SER HB3  H  N N 311 
SER HG   H  N N 312 
SER HXT  H  N N 313 
THR N    N  N N 314 
THR CA   C  N S 315 
THR C    C  N N 316 
THR O    O  N N 317 
THR CB   C  N R 318 
THR OG1  O  N N 319 
THR CG2  C  N N 320 
THR OXT  O  N N 321 
THR H    H  N N 322 
THR H2   H  N N 323 
THR HA   H  N N 324 
THR HB   H  N N 325 
THR HG1  H  N N 326 
THR HG21 H  N N 327 
THR HG22 H  N N 328 
THR HG23 H  N N 329 
THR HXT  H  N N 330 
TYR N    N  N N 331 
TYR CA   C  N S 332 
TYR C    C  N N 333 
TYR O    O  N N 334 
TYR CB   C  N N 335 
TYR CG   C  Y N 336 
TYR CD1  C  Y N 337 
TYR CD2  C  Y N 338 
TYR CE1  C  Y N 339 
TYR CE2  C  Y N 340 
TYR CZ   C  Y N 341 
TYR OH   O  N N 342 
TYR OXT  O  N N 343 
TYR H    H  N N 344 
TYR H2   H  N N 345 
TYR HA   H  N N 346 
TYR HB2  H  N N 347 
TYR HB3  H  N N 348 
TYR HD1  H  N N 349 
TYR HD2  H  N N 350 
TYR HE1  H  N N 351 
TYR HE2  H  N N 352 
TYR HH   H  N N 353 
TYR HXT  H  N N 354 
VAL N    N  N N 355 
VAL CA   C  N S 356 
VAL C    C  N N 357 
VAL O    O  N N 358 
VAL CB   C  N N 359 
VAL CG1  C  N N 360 
VAL CG2  C  N N 361 
VAL OXT  O  N N 362 
VAL H    H  N N 363 
VAL H2   H  N N 364 
VAL HA   H  N N 365 
VAL HB   H  N N 366 
VAL HG11 H  N N 367 
VAL HG12 H  N N 368 
VAL HG13 H  N N 369 
VAL HG21 H  N N 370 
VAL HG22 H  N N 371 
VAL HG23 H  N N 372 
VAL HXT  H  N N 373 
# 
loop_
_chem_comp_bond.comp_id 
_chem_comp_bond.atom_id_1 
_chem_comp_bond.atom_id_2 
_chem_comp_bond.value_order 
_chem_comp_bond.pdbx_aromatic_flag 
_chem_comp_bond.pdbx_stereo_config 
_chem_comp_bond.pdbx_ordinal 
ALA N   CA   sing N N 1   
ALA N   H    sing N N 2   
ALA N   H2   sing N N 3   
ALA CA  C    sing N N 4   
ALA CA  CB   sing N N 5   
ALA CA  HA   sing N N 6   
ALA C   O    doub N N 7   
ALA C   OXT  sing N N 8   
ALA CB  HB1  sing N N 9   
ALA CB  HB2  sing N N 10  
ALA CB  HB3  sing N N 11  
ALA OXT HXT  sing N N 12  
ARG N   CA   sing N N 13  
ARG N   H    sing N N 14  
ARG N   H2   sing N N 15  
ARG CA  C    sing N N 16  
ARG CA  CB   sing N N 17  
ARG CA  HA   sing N N 18  
ARG C   O    doub N N 19  
ARG C   OXT  sing N N 20  
ARG CB  CG   sing N N 21  
ARG CB  HB2  sing N N 22  
ARG CB  HB3  sing N N 23  
ARG CG  CD   sing N N 24  
ARG CG  HG2  sing N N 25  
ARG CG  HG3  sing N N 26  
ARG CD  NE   sing N N 27  
ARG CD  HD2  sing N N 28  
ARG CD  HD3  sing N N 29  
ARG NE  CZ   sing N N 30  
ARG NE  HE   sing N N 31  
ARG CZ  NH1  sing N N 32  
ARG CZ  NH2  doub N N 33  
ARG NH1 HH11 sing N N 34  
ARG NH1 HH12 sing N N 35  
ARG NH2 HH21 sing N N 36  
ARG NH2 HH22 sing N N 37  
ARG OXT HXT  sing N N 38  
ASN N   CA   sing N N 39  
ASN N   H    sing N N 40  
ASN N   H2   sing N N 41  
ASN CA  C    sing N N 42  
ASN CA  CB   sing N N 43  
ASN CA  HA   sing N N 44  
ASN C   O    doub N N 45  
ASN C   OXT  sing N N 46  
ASN CB  CG   sing N N 47  
ASN CB  HB2  sing N N 48  
ASN CB  HB3  sing N N 49  
ASN CG  OD1  doub N N 50  
ASN CG  ND2  sing N N 51  
ASN ND2 HD21 sing N N 52  
ASN ND2 HD22 sing N N 53  
ASN OXT HXT  sing N N 54  
ASP N   CA   sing N N 55  
ASP N   H    sing N N 56  
ASP N   H2   sing N N 57  
ASP CA  C    sing N N 58  
ASP CA  CB   sing N N 59  
ASP CA  HA   sing N N 60  
ASP C   O    doub N N 61  
ASP C   OXT  sing N N 62  
ASP CB  CG   sing N N 63  
ASP CB  HB2  sing N N 64  
ASP CB  HB3  sing N N 65  
ASP CG  OD1  doub N N 66  
ASP CG  OD2  sing N N 67  
ASP OD2 HD2  sing N N 68  
ASP OXT HXT  sing N N 69  
CYS N   CA   sing N N 70  
CYS N   H    sing N N 71  
CYS N   H2   sing N N 72  
CYS CA  C    sing N N 73  
CYS CA  CB   sing N N 74  
CYS CA  HA   sing N N 75  
CYS C   O    doub N N 76  
CYS C   OXT  sing N N 77  
CYS CB  SG   sing N N 78  
CYS CB  HB2  sing N N 79  
CYS CB  HB3  sing N N 80  
CYS SG  HG   sing N N 81  
CYS OXT HXT  sing N N 82  
EDO C1  O1   sing N N 83  
EDO C1  C2   sing N N 84  
EDO C1  H11  sing N N 85  
EDO C1  H12  sing N N 86  
EDO O1  HO1  sing N N 87  
EDO C2  O2   sing N N 88  
EDO C2  H21  sing N N 89  
EDO C2  H22  sing N N 90  
EDO O2  HO2  sing N N 91  
GLN N   CA   sing N N 92  
GLN N   H    sing N N 93  
GLN N   H2   sing N N 94  
GLN CA  C    sing N N 95  
GLN CA  CB   sing N N 96  
GLN CA  HA   sing N N 97  
GLN C   O    doub N N 98  
GLN C   OXT  sing N N 99  
GLN CB  CG   sing N N 100 
GLN CB  HB2  sing N N 101 
GLN CB  HB3  sing N N 102 
GLN CG  CD   sing N N 103 
GLN CG  HG2  sing N N 104 
GLN CG  HG3  sing N N 105 
GLN CD  OE1  doub N N 106 
GLN CD  NE2  sing N N 107 
GLN NE2 HE21 sing N N 108 
GLN NE2 HE22 sing N N 109 
GLN OXT HXT  sing N N 110 
GLU N   CA   sing N N 111 
GLU N   H    sing N N 112 
GLU N   H2   sing N N 113 
GLU CA  C    sing N N 114 
GLU CA  CB   sing N N 115 
GLU CA  HA   sing N N 116 
GLU C   O    doub N N 117 
GLU C   OXT  sing N N 118 
GLU CB  CG   sing N N 119 
GLU CB  HB2  sing N N 120 
GLU CB  HB3  sing N N 121 
GLU CG  CD   sing N N 122 
GLU CG  HG2  sing N N 123 
GLU CG  HG3  sing N N 124 
GLU CD  OE1  doub N N 125 
GLU CD  OE2  sing N N 126 
GLU OE2 HE2  sing N N 127 
GLU OXT HXT  sing N N 128 
GLY N   CA   sing N N 129 
GLY N   H    sing N N 130 
GLY N   H2   sing N N 131 
GLY CA  C    sing N N 132 
GLY CA  HA2  sing N N 133 
GLY CA  HA3  sing N N 134 
GLY C   O    doub N N 135 
GLY C   OXT  sing N N 136 
GLY OXT HXT  sing N N 137 
HIS N   CA   sing N N 138 
HIS N   H    sing N N 139 
HIS N   H2   sing N N 140 
HIS CA  C    sing N N 141 
HIS CA  CB   sing N N 142 
HIS CA  HA   sing N N 143 
HIS C   O    doub N N 144 
HIS C   OXT  sing N N 145 
HIS CB  CG   sing N N 146 
HIS CB  HB2  sing N N 147 
HIS CB  HB3  sing N N 148 
HIS CG  ND1  sing Y N 149 
HIS CG  CD2  doub Y N 150 
HIS ND1 CE1  doub Y N 151 
HIS ND1 HD1  sing N N 152 
HIS CD2 NE2  sing Y N 153 
HIS CD2 HD2  sing N N 154 
HIS CE1 NE2  sing Y N 155 
HIS CE1 HE1  sing N N 156 
HIS NE2 HE2  sing N N 157 
HIS OXT HXT  sing N N 158 
HOH O   H1   sing N N 159 
HOH O   H2   sing N N 160 
ILE N   CA   sing N N 161 
ILE N   H    sing N N 162 
ILE N   H2   sing N N 163 
ILE CA  C    sing N N 164 
ILE CA  CB   sing N N 165 
ILE CA  HA   sing N N 166 
ILE C   O    doub N N 167 
ILE C   OXT  sing N N 168 
ILE CB  CG1  sing N N 169 
ILE CB  CG2  sing N N 170 
ILE CB  HB   sing N N 171 
ILE CG1 CD1  sing N N 172 
ILE CG1 HG12 sing N N 173 
ILE CG1 HG13 sing N N 174 
ILE CG2 HG21 sing N N 175 
ILE CG2 HG22 sing N N 176 
ILE CG2 HG23 sing N N 177 
ILE CD1 HD11 sing N N 178 
ILE CD1 HD12 sing N N 179 
ILE CD1 HD13 sing N N 180 
ILE OXT HXT  sing N N 181 
LEU N   CA   sing N N 182 
LEU N   H    sing N N 183 
LEU N   H2   sing N N 184 
LEU CA  C    sing N N 185 
LEU CA  CB   sing N N 186 
LEU CA  HA   sing N N 187 
LEU C   O    doub N N 188 
LEU C   OXT  sing N N 189 
LEU CB  CG   sing N N 190 
LEU CB  HB2  sing N N 191 
LEU CB  HB3  sing N N 192 
LEU CG  CD1  sing N N 193 
LEU CG  CD2  sing N N 194 
LEU CG  HG   sing N N 195 
LEU CD1 HD11 sing N N 196 
LEU CD1 HD12 sing N N 197 
LEU CD1 HD13 sing N N 198 
LEU CD2 HD21 sing N N 199 
LEU CD2 HD22 sing N N 200 
LEU CD2 HD23 sing N N 201 
LEU OXT HXT  sing N N 202 
LYS N   CA   sing N N 203 
LYS N   H    sing N N 204 
LYS N   H2   sing N N 205 
LYS CA  C    sing N N 206 
LYS CA  CB   sing N N 207 
LYS CA  HA   sing N N 208 
LYS C   O    doub N N 209 
LYS C   OXT  sing N N 210 
LYS CB  CG   sing N N 211 
LYS CB  HB2  sing N N 212 
LYS CB  HB3  sing N N 213 
LYS CG  CD   sing N N 214 
LYS CG  HG2  sing N N 215 
LYS CG  HG3  sing N N 216 
LYS CD  CE   sing N N 217 
LYS CD  HD2  sing N N 218 
LYS CD  HD3  sing N N 219 
LYS CE  NZ   sing N N 220 
LYS CE  HE2  sing N N 221 
LYS CE  HE3  sing N N 222 
LYS NZ  HZ1  sing N N 223 
LYS NZ  HZ2  sing N N 224 
LYS NZ  HZ3  sing N N 225 
LYS OXT HXT  sing N N 226 
MSE N   CA   sing N N 227 
MSE N   H    sing N N 228 
MSE N   H2   sing N N 229 
MSE CA  C    sing N N 230 
MSE CA  CB   sing N N 231 
MSE CA  HA   sing N N 232 
MSE C   O    doub N N 233 
MSE C   OXT  sing N N 234 
MSE OXT HXT  sing N N 235 
MSE CB  CG   sing N N 236 
MSE CB  HB2  sing N N 237 
MSE CB  HB3  sing N N 238 
MSE CG  SE   sing N N 239 
MSE CG  HG2  sing N N 240 
MSE CG  HG3  sing N N 241 
MSE SE  CE   sing N N 242 
MSE CE  HE1  sing N N 243 
MSE CE  HE2  sing N N 244 
MSE CE  HE3  sing N N 245 
PHE N   CA   sing N N 246 
PHE N   H    sing N N 247 
PHE N   H2   sing N N 248 
PHE CA  C    sing N N 249 
PHE CA  CB   sing N N 250 
PHE CA  HA   sing N N 251 
PHE C   O    doub N N 252 
PHE C   OXT  sing N N 253 
PHE CB  CG   sing N N 254 
PHE CB  HB2  sing N N 255 
PHE CB  HB3  sing N N 256 
PHE CG  CD1  doub Y N 257 
PHE CG  CD2  sing Y N 258 
PHE CD1 CE1  sing Y N 259 
PHE CD1 HD1  sing N N 260 
PHE CD2 CE2  doub Y N 261 
PHE CD2 HD2  sing N N 262 
PHE CE1 CZ   doub Y N 263 
PHE CE1 HE1  sing N N 264 
PHE CE2 CZ   sing Y N 265 
PHE CE2 HE2  sing N N 266 
PHE CZ  HZ   sing N N 267 
PHE OXT HXT  sing N N 268 
PRO N   CA   sing N N 269 
PRO N   CD   sing N N 270 
PRO N   H    sing N N 271 
PRO CA  C    sing N N 272 
PRO CA  CB   sing N N 273 
PRO CA  HA   sing N N 274 
PRO C   O    doub N N 275 
PRO C   OXT  sing N N 276 
PRO CB  CG   sing N N 277 
PRO CB  HB2  sing N N 278 
PRO CB  HB3  sing N N 279 
PRO CG  CD   sing N N 280 
PRO CG  HG2  sing N N 281 
PRO CG  HG3  sing N N 282 
PRO CD  HD2  sing N N 283 
PRO CD  HD3  sing N N 284 
PRO OXT HXT  sing N N 285 
SER N   CA   sing N N 286 
SER N   H    sing N N 287 
SER N   H2   sing N N 288 
SER CA  C    sing N N 289 
SER CA  CB   sing N N 290 
SER CA  HA   sing N N 291 
SER C   O    doub N N 292 
SER C   OXT  sing N N 293 
SER CB  OG   sing N N 294 
SER CB  HB2  sing N N 295 
SER CB  HB3  sing N N 296 
SER OG  HG   sing N N 297 
SER OXT HXT  sing N N 298 
THR N   CA   sing N N 299 
THR N   H    sing N N 300 
THR N   H2   sing N N 301 
THR CA  C    sing N N 302 
THR CA  CB   sing N N 303 
THR CA  HA   sing N N 304 
THR C   O    doub N N 305 
THR C   OXT  sing N N 306 
THR CB  OG1  sing N N 307 
THR CB  CG2  sing N N 308 
THR CB  HB   sing N N 309 
THR OG1 HG1  sing N N 310 
THR CG2 HG21 sing N N 311 
THR CG2 HG22 sing N N 312 
THR CG2 HG23 sing N N 313 
THR OXT HXT  sing N N 314 
TYR N   CA   sing N N 315 
TYR N   H    sing N N 316 
TYR N   H2   sing N N 317 
TYR CA  C    sing N N 318 
TYR CA  CB   sing N N 319 
TYR CA  HA   sing N N 320 
TYR C   O    doub N N 321 
TYR C   OXT  sing N N 322 
TYR CB  CG   sing N N 323 
TYR CB  HB2  sing N N 324 
TYR CB  HB3  sing N N 325 
TYR CG  CD1  doub Y N 326 
TYR CG  CD2  sing Y N 327 
TYR CD1 CE1  sing Y N 328 
TYR CD1 HD1  sing N N 329 
TYR CD2 CE2  doub Y N 330 
TYR CD2 HD2  sing N N 331 
TYR CE1 CZ   doub Y N 332 
TYR CE1 HE1  sing N N 333 
TYR CE2 CZ   sing Y N 334 
TYR CE2 HE2  sing N N 335 
TYR CZ  OH   sing N N 336 
TYR OH  HH   sing N N 337 
TYR OXT HXT  sing N N 338 
VAL N   CA   sing N N 339 
VAL N   H    sing N N 340 
VAL N   H2   sing N N 341 
VAL CA  C    sing N N 342 
VAL CA  CB   sing N N 343 
VAL CA  HA   sing N N 344 
VAL C   O    doub N N 345 
VAL C   OXT  sing N N 346 
VAL CB  CG1  sing N N 347 
VAL CB  CG2  sing N N 348 
VAL CB  HB   sing N N 349 
VAL CG1 HG11 sing N N 350 
VAL CG1 HG12 sing N N 351 
VAL CG1 HG13 sing N N 352 
VAL CG2 HG21 sing N N 353 
VAL CG2 HG22 sing N N 354 
VAL CG2 HG23 sing N N 355 
VAL OXT HXT  sing N N 356 
# 
_atom_sites.entry_id                    3BM7 
_atom_sites.fract_transf_matrix[1][1]   -0.01060234 
_atom_sites.fract_transf_matrix[1][2]   0.00742250 
_atom_sites.fract_transf_matrix[1][3]   -0.00972026 
_atom_sites.fract_transf_matrix[2][1]   -0.00394048 
_atom_sites.fract_transf_matrix[2][2]   0.00679359 
_atom_sites.fract_transf_matrix[2][3]   0.00948572 
_atom_sites.fract_transf_matrix[3][1]   0.01463887 
_atom_sites.fract_transf_matrix[3][2]   0.01489960 
_atom_sites.fract_transf_matrix[3][3]   -0.00458980 
_atom_sites.fract_transf_vector[1]      0.140978 
_atom_sites.fract_transf_vector[2]      0.320597 
_atom_sites.fract_transf_vector[3]      0.867573 
# 
loop_
_atom_type.symbol 
C  
N  
O  
S  
SE 
# 
loop_
_atom_site.group_PDB 
_atom_site.id 
_atom_site.type_symbol 
_atom_site.label_atom_id 
_atom_site.label_alt_id 
_atom_site.label_comp_id 
_atom_site.label_asym_id 
_atom_site.label_entity_id 
_atom_site.label_seq_id 
_atom_site.pdbx_PDB_ins_code 
_atom_site.Cartn_x 
_atom_site.Cartn_y 
_atom_site.Cartn_z 
_atom_site.occupancy 
_atom_site.B_iso_or_equiv 
_atom_site.pdbx_formal_charge 
_atom_site.auth_seq_id 
_atom_site.auth_comp_id 
_atom_site.auth_asym_id 
_atom_site.auth_atom_id 
_atom_site.pdbx_PDB_model_num 
ATOM   1   N  N   . HIS A 1 10  ? -21.161 -19.065 -1.149  1.00 22.71 ? -9  HIS A N   1 
ATOM   2   C  CA  . HIS A 1 10  ? -21.420 -19.257 -2.606  1.00 22.05 ? -9  HIS A CA  1 
ATOM   3   C  C   . HIS A 1 10  ? -20.103 -19.052 -3.342  1.00 21.23 ? -9  HIS A C   1 
ATOM   4   O  O   . HIS A 1 10  ? -19.141 -18.602 -2.761  1.00 24.26 ? -9  HIS A O   1 
ATOM   5   C  CB  . HIS A 1 10  ? -22.465 -18.257 -3.096  1.00 20.75 ? -9  HIS A CB  1 
ATOM   6   C  CG  . HIS A 1 10  ? -22.088 -16.832 -2.828  1.00 22.97 ? -9  HIS A CG  1 
ATOM   7   N  ND1 . HIS A 1 10  ? -21.217 -16.127 -3.633  1.00 25.41 ? -9  HIS A ND1 1 
ATOM   8   C  CD2 . HIS A 1 10  ? -22.412 -15.999 -1.809  1.00 27.50 ? -9  HIS A CD2 1 
ATOM   9   C  CE1 . HIS A 1 10  ? -21.033 -14.918 -3.129  1.00 30.70 ? -9  HIS A CE1 1 
ATOM   10  N  NE2 . HIS A 1 10  ? -21.751 -14.813 -2.024  1.00 27.48 ? -9  HIS A NE2 1 
ATOM   11  N  N   . HIS A 1 11  ? -20.091 -19.383 -4.627  1.00 21.85 ? -8  HIS A N   1 
ATOM   12  C  CA  . HIS A 1 11  ? -18.825 -19.455 -5.366  1.00 20.69 ? -8  HIS A CA  1 
ATOM   13  C  C   . HIS A 1 11  ? -18.217 -18.109 -5.727  1.00 21.31 ? -8  HIS A C   1 
ATOM   14  O  O   . HIS A 1 11  ? -17.023 -18.033 -6.018  1.00 22.76 ? -8  HIS A O   1 
ATOM   15  C  CB  . HIS A 1 11  ? -18.941 -20.375 -6.589  1.00 19.84 ? -8  HIS A CB  1 
ATOM   16  C  CG  . HIS A 1 11  ? -19.918 -19.923 -7.639  1.00 17.41 ? -8  HIS A CG  1 
ATOM   17  N  ND1 . HIS A 1 11  ? -21.291 -19.955 -7.467  1.00 21.86 ? -8  HIS A ND1 1 
ATOM   18  C  CD2 . HIS A 1 11  ? -19.715 -19.520 -8.919  1.00 17.70 ? -8  HIS A CD2 1 
ATOM   19  C  CE1 . HIS A 1 11  ? -21.888 -19.557 -8.583  1.00 17.65 ? -8  HIS A CE1 1 
ATOM   20  N  NE2 . HIS A 1 11  ? -20.952 -19.265 -9.475  1.00 21.58 ? -8  HIS A NE2 1 
ATOM   21  N  N   . HIS A 1 12  ? -18.996 -17.036 -5.644  1.00 22.57 ? -7  HIS A N   1 
ATOM   22  C  CA  . HIS A 1 12  ? -18.461 -15.670 -5.847  1.00 24.15 ? -7  HIS A CA  1 
ATOM   23  C  C   . HIS A 1 12  ? -18.029 -14.939 -4.558  1.00 27.00 ? -7  HIS A C   1 
ATOM   24  O  O   . HIS A 1 12  ? -17.751 -13.726 -4.587  1.00 26.56 ? -7  HIS A O   1 
ATOM   25  C  CB  . HIS A 1 12  ? -19.480 -14.798 -6.587  1.00 23.70 ? -7  HIS A CB  1 
ATOM   26  C  CG  . HIS A 1 12  ? -19.717 -15.199 -8.014  1.00 27.60 ? -7  HIS A CG  1 
ATOM   27  N  ND1 . HIS A 1 12  ? -18.773 -15.017 -9.005  1.00 29.31 ? -7  HIS A ND1 1 
ATOM   28  C  CD2 . HIS A 1 12  ? -20.803 -15.726 -8.622  1.00 26.83 ? -7  HIS A CD2 1 
ATOM   29  C  CE1 . HIS A 1 12  ? -19.269 -15.432 -10.160 1.00 23.02 ? -7  HIS A CE1 1 
ATOM   30  N  NE2 . HIS A 1 12  ? -20.498 -15.867 -9.955  1.00 28.06 ? -7  HIS A NE2 1 
ATOM   31  N  N   . GLU A 1 13  ? -17.915 -15.670 -3.447  1.00 28.82 ? -6  GLU A N   1 
ATOM   32  C  CA  . GLU A 1 13  ? -17.544 -15.092 -2.137  1.00 31.77 ? -6  GLU A CA  1 
ATOM   33  C  C   . GLU A 1 13  ? -16.223 -14.348 -2.117  1.00 33.84 ? -6  GLU A C   1 
ATOM   34  O  O   . GLU A 1 13  ? -16.062 -13.373 -1.371  1.00 36.83 ? -6  GLU A O   1 
ATOM   35  C  CB  . GLU A 1 13  ? -17.426 -16.199 -1.088  1.00 33.15 ? -6  GLU A CB  1 
ATOM   36  C  CG  . GLU A 1 13  ? -18.712 -16.602 -0.423  1.00 40.34 ? -6  GLU A CG  1 
ATOM   37  C  CD  . GLU A 1 13  ? -18.549 -17.868 0.407   1.00 36.58 ? -6  GLU A CD  1 
ATOM   38  O  OE1 . GLU A 1 13  ? -17.410 -18.386 0.504   1.00 45.29 ? -6  GLU A OE1 1 
ATOM   39  O  OE2 . GLU A 1 13  ? -19.559 -18.349 0.961   1.00 49.48 ? -6  GLU A OE2 1 
ATOM   40  N  N   A ASN A 1 14  ? -15.271 -14.805 -2.929  0.50 33.26 ? -5  ASN A N   1 
ATOM   41  N  N   B ASN A 1 14  ? -15.281 -14.843 -2.869  0.50 33.25 ? -5  ASN A N   1 
ATOM   42  C  CA  A ASN A 1 14  ? -13.943 -14.185 -2.995  0.50 33.49 ? -5  ASN A CA  1 
ATOM   43  C  CA  B ASN A 1 14  ? -14.022 -14.187 -2.953  0.50 33.44 ? -5  ASN A CA  1 
ATOM   44  C  C   A ASN A 1 14  ? -13.966 -12.698 -3.372  0.50 32.06 ? -5  ASN A C   1 
ATOM   45  C  C   B ASN A 1 14  ? -14.204 -12.678 -3.079  0.50 32.29 ? -5  ASN A C   1 
ATOM   46  O  O   A ASN A 1 14  ? -12.981 -11.974 -3.133  0.50 29.88 ? -5  ASN A O   1 
ATOM   47  O  O   B ASN A 1 14  ? -13.545 -11.930 -2.398  0.50 33.99 ? -5  ASN A O   1 
ATOM   48  C  CB  A ASN A 1 14  ? -13.010 -14.968 -3.952  0.50 33.95 ? -5  ASN A CB  1 
ATOM   49  C  CB  B ASN A 1 14  ? -13.246 -14.674 -4.151  0.50 33.11 ? -5  ASN A CB  1 
ATOM   50  C  CG  A ASN A 1 14  ? -13.526 -15.040 -5.405  0.50 36.32 ? -5  ASN A CG  1 
ATOM   51  C  CG  B ASN A 1 14  ? -12.385 -13.575 -4.732  0.50 33.86 ? -5  ASN A CG  1 
ATOM   52  O  OD1 A ASN A 1 14  ? -14.433 -14.311 -5.809  0.50 42.54 ? -5  ASN A OD1 1 
ATOM   53  O  OD1 B ASN A 1 14  ? -12.140 -12.597 -4.081  0.50 40.71 ? -5  ASN A OD1 1 
ATOM   54  N  ND2 A ASN A 1 14  ? -12.950 -15.954 -6.184  0.50 40.89 ? -5  ASN A ND2 1 
ATOM   55  N  ND2 B ASN A 1 14  ? -11.918 -13.748 -5.923  0.50 31.11 ? -5  ASN A ND2 1 
ATOM   56  N  N   . LEU A 1 15  ? -15.062 -12.255 -3.988  1.00 31.61 ? -4  LEU A N   1 
ATOM   57  C  CA  . LEU A 1 15  ? -15.157 -10.890 -4.496  1.00 28.56 ? -4  LEU A CA  1 
ATOM   58  C  C   . LEU A 1 15  ? -15.245 -9.830  -3.441  1.00 31.03 ? -4  LEU A C   1 
ATOM   59  O  O   . LEU A 1 15  ? -14.819 -8.690  -3.665  1.00 33.34 ? -4  LEU A O   1 
ATOM   60  C  CB  . LEU A 1 15  ? -16.366 -10.767 -5.437  1.00 29.94 ? -4  LEU A CB  1 
ATOM   61  C  CG  . LEU A 1 15  ? -16.396 -11.630 -6.722  1.00 27.38 ? -4  LEU A CG  1 
ATOM   62  C  CD1 . LEU A 1 15  ? -17.627 -11.345 -7.570  1.00 27.24 ? -4  LEU A CD1 1 
ATOM   63  C  CD2 . LEU A 1 15  ? -15.120 -11.374 -7.527  1.00 29.94 ? -4  LEU A CD2 1 
ATOM   64  N  N   . TYR A 1 16  ? -15.810 -10.171 -2.298  1.00 27.90 ? -3  TYR A N   1 
ATOM   65  C  CA  . TYR A 1 16  ? -16.063 -9.152  -1.283  1.00 27.26 ? -3  TYR A CA  1 
ATOM   66  C  C   . TYR A 1 16  ? -16.043 -9.764  0.099   1.00 25.50 ? -3  TYR A C   1 
ATOM   67  O  O   . TYR A 1 16  ? -17.046 -10.258 0.600   1.00 27.40 ? -3  TYR A O   1 
ATOM   68  C  CB  . TYR A 1 16  ? -17.409 -8.493  -1.524  1.00 24.77 ? -3  TYR A CB  1 
ATOM   69  C  CG  . TYR A 1 16  ? -17.554 -7.094  -0.997  1.00 26.11 ? -3  TYR A CG  1 
ATOM   70  C  CD1 . TYR A 1 16  ? -17.234 -5.999  -1.797  1.00 26.27 ? -3  TYR A CD1 1 
ATOM   71  C  CD2 . TYR A 1 16  ? -18.053 -6.850  0.277   1.00 28.13 ? -3  TYR A CD2 1 
ATOM   72  C  CE1 . TYR A 1 16  ? -17.382 -4.698  -1.331  1.00 30.61 ? -3  TYR A CE1 1 
ATOM   73  C  CE2 . TYR A 1 16  ? -18.212 -5.533  0.751   1.00 27.69 ? -3  TYR A CE2 1 
ATOM   74  C  CZ  . TYR A 1 16  ? -17.880 -4.475  -0.061  1.00 26.28 ? -3  TYR A CZ  1 
ATOM   75  O  OH  . TYR A 1 16  ? -18.032 -3.172  0.384   1.00 39.30 ? -3  TYR A OH  1 
ATOM   76  N  N   . PHE A 1 17  ? -14.886 -9.741  0.712   1.00 25.95 ? -2  PHE A N   1 
ATOM   77  C  CA  . PHE A 1 17  ? -14.791 -10.256 2.048   1.00 24.87 ? -2  PHE A CA  1 
ATOM   78  C  C   . PHE A 1 17  ? -15.385 -9.202  2.915   1.00 24.60 ? -2  PHE A C   1 
ATOM   79  O  O   . PHE A 1 17  ? -15.123 -8.028  2.699   1.00 26.98 ? -2  PHE A O   1 
ATOM   80  C  CB  . PHE A 1 17  ? -13.322 -10.482 2.385   1.00 26.81 ? -2  PHE A CB  1 
ATOM   81  C  CG  . PHE A 1 17  ? -13.096 -11.101 3.734   1.00 29.98 ? -2  PHE A CG  1 
ATOM   82  C  CD1 . PHE A 1 17  ? -13.592 -12.372 4.029   1.00 27.97 ? -2  PHE A CD1 1 
ATOM   83  C  CD2 . PHE A 1 17  ? -12.367 -10.419 4.700   1.00 26.02 ? -2  PHE A CD2 1 
ATOM   84  C  CE1 . PHE A 1 17  ? -13.386 -12.944 5.266   1.00 26.12 ? -2  PHE A CE1 1 
ATOM   85  C  CE2 . PHE A 1 17  ? -12.170 -10.974 5.954   1.00 25.69 ? -2  PHE A CE2 1 
ATOM   86  C  CZ  . PHE A 1 17  ? -12.655 -12.245 6.235   1.00 25.86 ? -2  PHE A CZ  1 
ATOM   87  N  N   . GLN A 1 18  ? -16.189 -9.597  3.903   1.00 24.94 ? -1  GLN A N   1 
ATOM   88  C  CA  . GLN A 1 18  ? -16.921 -8.618  4.687   1.00 28.18 ? -1  GLN A CA  1 
ATOM   89  C  C   . GLN A 1 18  ? -16.184 -8.221  5.961   1.00 28.09 ? -1  GLN A C   1 
ATOM   90  O  O   . GLN A 1 18  ? -16.650 -7.374  6.722   1.00 30.30 ? -1  GLN A O   1 
ATOM   91  C  CB  . GLN A 1 18  ? -18.321 -9.138  4.971   1.00 29.11 ? -1  GLN A CB  1 
ATOM   92  C  CG  . GLN A 1 18  ? -19.224 -9.112  3.711   1.00 31.36 ? -1  GLN A CG  1 
ATOM   93  C  CD  . GLN A 1 18  ? -20.447 -9.988  3.843   1.00 34.53 ? -1  GLN A CD  1 
ATOM   94  O  OE1 . GLN A 1 18  ? -20.810 -10.404 4.947   1.00 52.60 ? -1  GLN A OE1 1 
ATOM   95  N  NE2 . GLN A 1 18  ? -21.087 -10.287 2.717   1.00 34.25 ? -1  GLN A NE2 1 
ATOM   96  N  N   . GLY A 1 19  ? -14.994 -8.777  6.172   1.00 25.22 ? 0   GLY A N   1 
ATOM   97  C  CA  . GLY A 1 19  ? -14.251 -8.445  7.345   1.00 25.51 ? 0   GLY A CA  1 
ATOM   98  C  C   . GLY A 1 19  ? -13.095 -7.523  7.000   1.00 24.70 ? 0   GLY A C   1 
ATOM   99  O  O   . GLY A 1 19  ? -13.155 -6.737  6.050   1.00 24.92 ? 0   GLY A O   1 
HETATM 100 N  N   A MSE A 1 20  ? -12.051 -7.608  7.817   0.50 24.48 ? 1   MSE A N   1 
HETATM 101 N  N   B MSE A 1 20  ? -12.038 -7.643  7.772   0.50 24.17 ? 1   MSE A N   1 
HETATM 102 C  CA  A MSE A 1 20  ? -10.815 -6.843  7.588   0.50 24.39 ? 1   MSE A CA  1 
HETATM 103 C  CA  B MSE A 1 20  ? -10.853 -6.838  7.528   0.50 24.26 ? 1   MSE A CA  1 
HETATM 104 C  C   A MSE A 1 20  ? -10.101 -7.350  6.321   0.50 23.23 ? 1   MSE A C   1 
HETATM 105 C  C   B MSE A 1 20  ? -10.079 -7.361  6.320   0.50 23.04 ? 1   MSE A C   1 
HETATM 106 O  O   A MSE A 1 20  ? -10.198 -8.528  5.981   0.50 23.64 ? 1   MSE A O   1 
HETATM 107 O  O   B MSE A 1 20  ? -10.121 -8.552  6.012   0.50 23.68 ? 1   MSE A O   1 
HETATM 108 C  CB  A MSE A 1 20  ? -9.875  -6.964  8.797   0.50 25.03 ? 1   MSE A CB  1 
HETATM 109 C  CB  B MSE A 1 20  ? -9.995  -6.824  8.775   0.50 23.23 ? 1   MSE A CB  1 
HETATM 110 C  CG  A MSE A 1 20  ? -10.320 -6.291  10.072  0.50 27.03 ? 1   MSE A CG  1 
HETATM 111 C  CG  B MSE A 1 20  ? -10.620 -6.089  9.896   0.50 27.82 ? 1   MSE A CG  1 
HETATM 112 SE SE  A MSE A 1 20  ? -9.011  -6.514  11.523  0.37 29.99 ? 1   MSE A SE  1 
HETATM 113 SE SE  B MSE A 1 20  ? -9.525  -6.149  11.487  0.38 31.81 ? 1   MSE A SE  1 
HETATM 114 C  CE  A MSE A 1 20  ? -9.271  -8.430  11.733  0.50 24.99 ? 1   MSE A CE  1 
HETATM 115 C  CE  B MSE A 1 20  ? -7.796  -6.830  10.742  0.50 15.56 ? 1   MSE A CE  1 
ATOM   116 N  N   . ILE A 1 21  ? -9.396  -6.459  5.624   1.00 20.86 ? 2   ILE A N   1 
ATOM   117 C  CA  . ILE A 1 21  ? -8.709  -6.770  4.384   1.00 19.97 ? 2   ILE A CA  1 
ATOM   118 C  C   . ILE A 1 21  ? -7.216  -6.523  4.606   1.00 20.61 ? 2   ILE A C   1 
ATOM   119 O  O   . ILE A 1 21  ? -6.803  -5.429  4.979   1.00 22.79 ? 2   ILE A O   1 
ATOM   120 C  CB  . ILE A 1 21  ? -9.165  -5.890  3.236   1.00 22.41 ? 2   ILE A CB  1 
ATOM   121 C  CG1 . ILE A 1 21  ? -10.712 -5.925  3.101   1.00 26.80 ? 2   ILE A CG1 1 
ATOM   122 C  CG2 . ILE A 1 21  ? -8.451  -6.299  1.951   1.00 24.33 ? 2   ILE A CG2 1 
ATOM   123 C  CD1 . ILE A 1 21  ? -11.220 -7.278  2.807   1.00 29.89 ? 2   ILE A CD1 1 
ATOM   124 N  N   . GLY A 1 22  ? -6.429  -7.565  4.475   1.00 20.29 ? 3   GLY A N   1 
ATOM   125 C  CA  . GLY A 1 22  ? -4.975  -7.407  4.481   1.00 20.65 ? 3   GLY A CA  1 
ATOM   126 C  C   . GLY A 1 22  ? -4.422  -7.232  3.085   1.00 20.00 ? 3   GLY A C   1 
ATOM   127 O  O   . GLY A 1 22  ? -5.008  -7.643  2.087   1.00 21.15 ? 3   GLY A O   1 
ATOM   128 N  N   . VAL A 1 23  ? -3.244  -6.593  2.999   1.00 20.09 ? 4   VAL A N   1 
ATOM   129 C  CA  . VAL A 1 23  ? -2.566  -6.393  1.740   1.00 18.69 ? 4   VAL A CA  1 
ATOM   130 C  C   . VAL A 1 23  ? -1.077  -6.587  1.948   1.00 20.06 ? 4   VAL A C   1 
ATOM   131 O  O   . VAL A 1 23  ? -0.528  -6.092  2.935   1.00 21.37 ? 4   VAL A O   1 
ATOM   132 C  CB  . VAL A 1 23  ? -2.757  -4.965  1.151   1.00 20.61 ? 4   VAL A CB  1 
ATOM   133 C  CG1 . VAL A 1 23  ? -2.229  -4.898  -0.288  1.00 23.63 ? 4   VAL A CG1 1 
ATOM   134 C  CG2 . VAL A 1 23  ? -4.195  -4.530  1.228   1.00 25.49 ? 4   VAL A CG2 1 
ATOM   135 N  N   . VAL A 1 24  ? -0.447  -7.334  1.058   1.00 19.87 ? 5   VAL A N   1 
ATOM   136 C  CA  . VAL A 1 24  ? 1.004   -7.251  0.896   1.00 20.83 ? 5   VAL A CA  1 
ATOM   137 C  C   . VAL A 1 24  ? 1.255   -6.645  -0.472  1.00 19.76 ? 5   VAL A C   1 
ATOM   138 O  O   . VAL A 1 24  ? 0.888   -7.238  -1.498  1.00 19.57 ? 5   VAL A O   1 
ATOM   139 C  CB  . VAL A 1 24  ? 1.696   -8.610  1.034   1.00 21.46 ? 5   VAL A CB  1 
ATOM   140 C  CG1 . VAL A 1 24  ? 3.216   -8.444  0.880   1.00 21.46 ? 5   VAL A CG1 1 
ATOM   141 C  CG2 . VAL A 1 24  ? 1.359   -9.228  2.413   1.00 21.86 ? 5   VAL A CG2 1 
ATOM   142 N  N   . ALA A 1 25  ? 1.827   -5.441  -0.518  1.00 19.39 ? 6   ALA A N   1 
ATOM   143 C  CA  . ALA A 1 25  ? 2.122   -4.773  -1.795  1.00 19.26 ? 6   ALA A CA  1 
ATOM   144 C  C   . ALA A 1 25  ? 3.614   -4.819  -2.015  1.00 17.34 ? 6   ALA A C   1 
ATOM   145 O  O   . ALA A 1 25  ? 4.360   -4.155  -1.238  1.00 21.80 ? 6   ALA A O   1 
ATOM   146 C  CB  . ALA A 1 25  ? 1.655   -3.273  -1.653  1.00 20.83 ? 6   ALA A CB  1 
ATOM   147 N  N   . THR A 1 26  ? 4.034   -5.598  -3.007  1.00 19.10 ? 7   THR A N   1 
ATOM   148 C  CA  . THR A 1 26  ? 5.440   -5.736  -3.346  1.00 19.86 ? 7   THR A CA  1 
ATOM   149 C  C   . THR A 1 26  ? 5.772   -4.679  -4.401  1.00 22.22 ? 7   THR A C   1 
ATOM   150 O  O   . THR A 1 26  ? 5.243   -4.732  -5.515  1.00 21.88 ? 7   THR A O   1 
ATOM   151 C  CB  . THR A 1 26  ? 5.749   -7.136  -3.850  1.00 22.82 ? 7   THR A CB  1 
ATOM   152 O  OG1 . THR A 1 26  ? 5.410   -8.085  -2.840  1.00 23.60 ? 7   THR A OG1 1 
ATOM   153 C  CG2 . THR A 1 26  ? 7.252   -7.262  -4.209  1.00 22.29 ? 7   THR A CG2 1 
ATOM   154 N  N   . LEU A 1 27  ? 6.678   -3.771  -4.075  1.00 20.73 ? 8   LEU A N   1 
ATOM   155 C  CA  . LEU A 1 27  ? 7.068   -2.669  -4.953  1.00 20.35 ? 8   LEU A CA  1 
ATOM   156 C  C   . LEU A 1 27  ? 8.511   -2.863  -5.359  1.00 23.79 ? 8   LEU A C   1 
ATOM   157 O  O   . LEU A 1 27  ? 9.377   -3.210  -4.545  1.00 23.47 ? 8   LEU A O   1 
ATOM   158 C  CB  . LEU A 1 27  ? 6.890   -1.358  -4.231  1.00 20.11 ? 8   LEU A CB  1 
ATOM   159 C  CG  . LEU A 1 27  ? 5.525   -1.072  -3.545  1.00 22.52 ? 8   LEU A CG  1 
ATOM   160 C  CD1 . LEU A 1 27  ? 5.445   0.276   -2.859  1.00 24.32 ? 8   LEU A CD1 1 
ATOM   161 C  CD2 . LEU A 1 27  ? 4.383   -1.232  -4.572  1.00 23.84 ? 8   LEU A CD2 1 
ATOM   162 N  N   . LYS A 1 28  ? 8.759   -2.660  -6.641  1.00 20.67 ? 9   LYS A N   1 
ATOM   163 C  CA  . LYS A 1 28  ? 10.082  -2.819  -7.199  1.00 20.41 ? 9   LYS A CA  1 
ATOM   164 C  C   . LYS A 1 28  ? 10.584  -1.407  -7.554  1.00 19.96 ? 9   LYS A C   1 
ATOM   165 O  O   . LYS A 1 28  ? 10.155  -0.851  -8.568  1.00 20.05 ? 9   LYS A O   1 
ATOM   166 C  CB  . LYS A 1 28  ? 10.069  -3.705  -8.454  1.00 24.12 ? 9   LYS A CB  1 
ATOM   167 C  CG  . LYS A 1 28  ? 9.647   -5.154  -8.186  1.00 28.70 ? 9   LYS A CG  1 
ATOM   168 C  CD  . LYS A 1 28  ? 9.547   -5.951  -9.463  1.00 27.40 ? 9   LYS A CD  1 
ATOM   169 N  N   . VAL A 1 29  ? 11.547  -0.911  -6.765  1.00 18.78 ? 10  VAL A N   1 
ATOM   170 C  CA  . VAL A 1 29  ? 12.050  0.471   -6.872  1.00 18.18 ? 10  VAL A CA  1 
ATOM   171 C  C   . VAL A 1 29  ? 13.459  0.429   -7.473  1.00 19.96 ? 10  VAL A C   1 
ATOM   172 O  O   . VAL A 1 29  ? 14.205  -0.515  -7.239  1.00 18.73 ? 10  VAL A O   1 
ATOM   173 C  CB  . VAL A 1 29  ? 12.028  1.135   -5.464  1.00 17.14 ? 10  VAL A CB  1 
ATOM   174 C  CG1 . VAL A 1 29  ? 12.587  2.555   -5.467  1.00 20.04 ? 10  VAL A CG1 1 
ATOM   175 C  CG2 . VAL A 1 29  ? 10.582  1.195   -4.883  1.00 21.09 ? 10  VAL A CG2 1 
ATOM   176 N  N   . GLN A 1 30  ? 13.826  1.448   -8.237  1.00 19.45 ? 11  GLN A N   1 
ATOM   177 C  CA  . GLN A 1 30  ? 15.191  1.535   -8.754  1.00 19.54 ? 11  GLN A CA  1 
ATOM   178 C  C   . GLN A 1 30  ? 16.095  1.806   -7.550  1.00 18.66 ? 11  GLN A C   1 
ATOM   179 O  O   . GLN A 1 30  ? 15.874  2.783   -6.843  1.00 19.01 ? 11  GLN A O   1 
ATOM   180 C  CB  . GLN A 1 30  ? 15.308  2.680   -9.753  1.00 20.52 ? 11  GLN A CB  1 
ATOM   181 C  CG  . GLN A 1 30  ? 14.512  2.469   -11.024 1.00 19.37 ? 11  GLN A CG  1 
ATOM   182 C  CD  . GLN A 1 30  ? 14.507  3.690   -11.914 1.00 22.57 ? 11  GLN A CD  1 
ATOM   183 O  OE1 . GLN A 1 30  ? 15.550  4.306   -12.144 1.00 24.32 ? 11  GLN A OE1 1 
ATOM   184 N  NE2 . GLN A 1 30  ? 13.325  4.052   -12.433 1.00 23.17 ? 11  GLN A NE2 1 
ATOM   185 N  N   . PRO A 1 31  ? 17.106  0.944   -7.305  1.00 18.79 ? 12  PRO A N   1 
ATOM   186 C  CA  . PRO A 1 31  ? 17.937  1.199   -6.107  1.00 19.42 ? 12  PRO A CA  1 
ATOM   187 C  C   . PRO A 1 31  ? 18.550  2.595   -5.984  1.00 18.64 ? 12  PRO A C   1 
ATOM   188 O  O   . PRO A 1 31  ? 18.616  3.131   -4.871  1.00 20.03 ? 12  PRO A O   1 
ATOM   189 C  CB  . PRO A 1 31  ? 19.010  0.132   -6.214  1.00 20.08 ? 12  PRO A CB  1 
ATOM   190 C  CG  . PRO A 1 31  ? 18.261  -1.014  -6.862  1.00 22.34 ? 12  PRO A CG  1 
ATOM   191 C  CD  . PRO A 1 31  ? 17.501  -0.320  -7.955  1.00 22.34 ? 12  PRO A CD  1 
ATOM   192 N  N   . ALA A 1 32  ? 18.926  3.184   -7.102  1.00 19.36 ? 13  ALA A N   1 
ATOM   193 C  CA  . ALA A 1 32  ? 19.535  4.513   -7.081  1.00 18.26 ? 13  ALA A CA  1 
ATOM   194 C  C   . ALA A 1 32  ? 18.514  5.593   -6.688  1.00 20.86 ? 13  ALA A C   1 
ATOM   195 O  O   . ALA A 1 32  ? 18.895  6.713   -6.323  1.00 22.13 ? 13  ALA A O   1 
ATOM   196 C  CB  . ALA A 1 32  ? 20.176  4.826   -8.431  1.00 19.65 ? 13  ALA A CB  1 
ATOM   197 N  N   . LYS A 1 33  ? 17.223  5.274   -6.789  1.00 19.64 ? 14  LYS A N   1 
ATOM   198 C  CA  . LYS A 1 33  ? 16.165  6.229   -6.452  1.00 21.78 ? 14  LYS A CA  1 
ATOM   199 C  C   . LYS A 1 33  ? 15.424  5.859   -5.180  1.00 22.23 ? 14  LYS A C   1 
ATOM   200 O  O   . LYS A 1 33  ? 14.377  6.409   -4.883  1.00 20.53 ? 14  LYS A O   1 
ATOM   201 C  CB  . LYS A 1 33  ? 15.183  6.356   -7.625  1.00 21.40 ? 14  LYS A CB  1 
ATOM   202 C  CG  . LYS A 1 33  ? 15.830  6.832   -8.894  1.00 26.25 ? 14  LYS A CG  1 
ATOM   203 C  CD  . LYS A 1 33  ? 14.854  7.066   -10.017 1.00 28.57 ? 14  LYS A CD  1 
ATOM   204 C  CE  . LYS A 1 33  ? 15.526  7.908   -11.114 1.00 31.82 ? 14  LYS A CE  1 
ATOM   205 N  NZ  . LYS A 1 33  ? 15.011  7.587   -12.458 1.00 38.84 ? 14  LYS A NZ  1 
ATOM   206 N  N   . ALA A 1 34  ? 16.002  4.962   -4.380  1.00 22.39 ? 15  ALA A N   1 
ATOM   207 C  CA  . ALA A 1 34  ? 15.398  4.536   -3.102  1.00 24.56 ? 15  ALA A CA  1 
ATOM   208 C  C   . ALA A 1 34  ? 15.161  5.652   -2.087  1.00 23.28 ? 15  ALA A C   1 
ATOM   209 O  O   . ALA A 1 34  ? 14.110  5.697   -1.447  1.00 22.78 ? 15  ALA A O   1 
ATOM   210 C  CB  . ALA A 1 34  ? 16.250  3.418   -2.447  1.00 26.79 ? 15  ALA A CB  1 
ATOM   211 N  N   . ALA A 1 35  ? 16.113  6.577   -1.938  1.00 23.39 ? 16  ALA A N   1 
ATOM   212 C  CA  . ALA A 1 35  ? 15.939  7.687   -1.024  1.00 23.21 ? 16  ALA A CA  1 
ATOM   213 C  C   . ALA A 1 35  ? 14.726  8.546   -1.377  1.00 22.40 ? 16  ALA A C   1 
ATOM   214 O  O   . ALA A 1 35  ? 13.931  8.944   -0.511  1.00 23.98 ? 16  ALA A O   1 
ATOM   215 C  CB  . ALA A 1 35  ? 17.234  8.573   -1.015  1.00 24.77 ? 16  ALA A CB  1 
ATOM   216 N  N   A GLU A 1 36  ? 14.600  8.848   -2.668  0.50 21.90 ? 17  GLU A N   1 
ATOM   217 N  N   B GLU A 1 36  ? 14.584  8.813   -2.670  0.50 21.69 ? 17  GLU A N   1 
ATOM   218 C  CA  A GLU A 1 36  ? 13.473  9.613   -3.197  0.50 22.00 ? 17  GLU A CA  1 
ATOM   219 C  CA  B GLU A 1 36  ? 13.490  9.626   -3.162  0.50 21.93 ? 17  GLU A CA  1 
ATOM   220 C  C   A GLU A 1 36  ? 12.169  8.886   -2.913  0.50 21.37 ? 17  GLU A C   1 
ATOM   221 C  C   B GLU A 1 36  ? 12.155  8.903   -2.967  0.50 21.50 ? 17  GLU A C   1 
ATOM   222 O  O   A GLU A 1 36  ? 11.221  9.449   -2.361  0.50 21.84 ? 17  GLU A O   1 
ATOM   223 O  O   B GLU A 1 36  ? 11.167  9.496   -2.535  0.50 22.02 ? 17  GLU A O   1 
ATOM   224 C  CB  A GLU A 1 36  ? 13.665  9.802   -4.713  0.50 22.70 ? 17  GLU A CB  1 
ATOM   225 C  CB  B GLU A 1 36  ? 13.722  9.962   -4.643  0.50 23.08 ? 17  GLU A CB  1 
ATOM   226 C  CG  A GLU A 1 36  ? 12.561  10.556  -5.471  0.50 22.77 ? 17  GLU A CG  1 
ATOM   227 C  CG  B GLU A 1 36  ? 15.027  10.747  -4.929  0.50 26.43 ? 17  GLU A CG  1 
ATOM   228 C  CD  A GLU A 1 36  ? 12.902  10.759  -6.956  0.50 24.15 ? 17  GLU A CD  1 
ATOM   229 C  CD  B GLU A 1 36  ? 16.206  9.872   -5.390  0.50 31.64 ? 17  GLU A CD  1 
ATOM   230 O  OE1 A GLU A 1 36  ? 14.027  10.402  -7.377  0.50 27.65 ? 17  GLU A OE1 1 
ATOM   231 O  OE1 B GLU A 1 36  ? 16.756  9.084   -4.575  0.50 17.19 ? 17  GLU A OE1 1 
ATOM   232 O  OE2 A GLU A 1 36  ? 12.053  11.281  -7.706  0.50 28.62 ? 17  GLU A OE2 1 
ATOM   233 O  OE2 B GLU A 1 36  ? 16.607  10.018  -6.574  0.50 29.92 ? 17  GLU A OE2 1 
ATOM   234 N  N   . PHE A 1 37  ? 12.146  7.618   -3.291  1.00 19.70 ? 18  PHE A N   1 
ATOM   235 C  CA  . PHE A 1 37  ? 10.990  6.772   -3.066  1.00 19.17 ? 18  PHE A CA  1 
ATOM   236 C  C   . PHE A 1 37  ? 10.602  6.760   -1.572  1.00 18.99 ? 18  PHE A C   1 
ATOM   237 O  O   . PHE A 1 37  ? 9.426   6.957   -1.242  1.00 20.21 ? 18  PHE A O   1 
ATOM   238 C  CB  . PHE A 1 37  ? 11.234  5.350   -3.556  1.00 18.35 ? 18  PHE A CB  1 
ATOM   239 C  CG  . PHE A 1 37  ? 10.252  4.365   -2.991  1.00 20.52 ? 18  PHE A CG  1 
ATOM   240 C  CD1 . PHE A 1 37  ? 8.956   4.321   -3.477  1.00 21.00 ? 18  PHE A CD1 1 
ATOM   241 C  CD2 . PHE A 1 37  ? 10.586  3.555   -1.910  1.00 19.92 ? 18  PHE A CD2 1 
ATOM   242 C  CE1 . PHE A 1 37  ? 8.058   3.443   -2.975  1.00 22.01 ? 18  PHE A CE1 1 
ATOM   243 C  CE2 . PHE A 1 37  ? 9.678   2.682   -1.398  1.00 21.51 ? 18  PHE A CE2 1 
ATOM   244 C  CZ  . PHE A 1 37  ? 8.420   2.635   -1.905  1.00 23.09 ? 18  PHE A CZ  1 
ATOM   245 N  N   . GLU A 1 38  ? 11.563  6.499   -0.685  1.00 19.42 ? 19  GLU A N   1 
ATOM   246 C  CA  . GLU A 1 38  ? 11.222  6.400   0.736   1.00 19.63 ? 19  GLU A CA  1 
ATOM   247 C  C   . GLU A 1 38  ? 10.663  7.699   1.312   1.00 20.54 ? 19  GLU A C   1 
ATOM   248 O  O   . GLU A 1 38  ? 9.737   7.690   2.118   1.00 21.41 ? 19  GLU A O   1 
ATOM   249 C  CB  . GLU A 1 38  ? 12.391  5.886   1.596   1.00 20.07 ? 19  GLU A CB  1 
ATOM   250 C  CG  . GLU A 1 38  ? 12.744  4.432   1.284   1.00 19.87 ? 19  GLU A CG  1 
ATOM   251 C  CD  . GLU A 1 38  ? 13.834  3.862   2.154   1.00 23.82 ? 19  GLU A CD  1 
ATOM   252 O  OE1 . GLU A 1 38  ? 14.161  4.500   3.171   1.00 26.81 ? 19  GLU A OE1 1 
ATOM   253 O  OE2 . GLU A 1 38  ? 14.379  2.793   1.798   1.00 24.04 ? 19  GLU A OE2 1 
ATOM   254 N  N   . LYS A 1 39  ? 11.217  8.831   0.887   1.00 20.62 ? 20  LYS A N   1 
ATOM   255 C  CA  . LYS A 1 39  ? 10.686  10.107  1.352   1.00 21.86 ? 20  LYS A CA  1 
ATOM   256 C  C   . LYS A 1 39  ? 9.239   10.325  0.952   1.00 20.31 ? 20  LYS A C   1 
ATOM   257 O  O   . LYS A 1 39  ? 8.429   10.727  1.792   1.00 23.41 ? 20  LYS A O   1 
ATOM   258 C  CB  . LYS A 1 39  ? 11.556  11.269  0.843   1.00 23.42 ? 20  LYS A CB  1 
ATOM   259 C  CG  . LYS A 1 39  ? 11.101  12.619  1.389   1.00 30.79 ? 20  LYS A CG  1 
ATOM   260 N  N   . VAL A 1 40  ? 8.901   10.047  -0.310  1.00 20.55 ? 21  VAL A N   1 
ATOM   261 C  CA  . VAL A 1 40  ? 7.528   10.196  -0.767  1.00 20.06 ? 21  VAL A CA  1 
ATOM   262 C  C   . VAL A 1 40  ? 6.635   9.194   -0.047  1.00 21.24 ? 21  VAL A C   1 
ATOM   263 O  O   . VAL A 1 40  ? 5.544   9.539   0.418   1.00 20.41 ? 21  VAL A O   1 
ATOM   264 C  CB  . VAL A 1 40  ? 7.415   9.962   -2.261  1.00 20.76 ? 21  VAL A CB  1 
ATOM   265 C  CG1 . VAL A 1 40  ? 5.943   9.984   -2.708  1.00 26.25 ? 21  VAL A CG1 1 
ATOM   266 C  CG2 . VAL A 1 40  ? 8.253   11.012  -3.023  1.00 25.79 ? 21  VAL A CG2 1 
ATOM   267 N  N   . PHE A 1 41  ? 7.089   7.943   0.046   1.00 20.24 ? 22  PHE A N   1 
ATOM   268 C  CA  . PHE A 1 41  ? 6.269   6.949   0.695   1.00 20.40 ? 22  PHE A CA  1 
ATOM   269 C  C   . PHE A 1 41  ? 6.011   7.261   2.180   1.00 20.18 ? 22  PHE A C   1 
ATOM   270 O  O   . PHE A 1 41  ? 4.895   7.099   2.668   1.00 19.89 ? 22  PHE A O   1 
ATOM   271 C  CB  . PHE A 1 41  ? 6.824   5.528   0.553   1.00 19.24 ? 22  PHE A CB  1 
ATOM   272 C  CG  . PHE A 1 41  ? 5.771   4.498   0.833   1.00 19.44 ? 22  PHE A CG  1 
ATOM   273 C  CD1 . PHE A 1 41  ? 5.436   4.167   2.125   1.00 21.20 ? 22  PHE A CD1 1 
ATOM   274 C  CD2 . PHE A 1 41  ? 5.032   3.979   -0.195  1.00 21.95 ? 22  PHE A CD2 1 
ATOM   275 C  CE1 . PHE A 1 41  ? 4.387   3.280   2.358   1.00 21.57 ? 22  PHE A CE1 1 
ATOM   276 C  CE2 . PHE A 1 41  ? 4.003   3.080   0.048   1.00 23.39 ? 22  PHE A CE2 1 
ATOM   277 C  CZ  . PHE A 1 41  ? 3.706   2.758   1.326   1.00 20.70 ? 22  PHE A CZ  1 
ATOM   278 N  N   . LEU A 1 42  ? 7.040   7.657   2.904   1.00 19.70 ? 23  LEU A N   1 
ATOM   279 C  CA  . LEU A 1 42  ? 6.838   7.945   4.328   1.00 19.36 ? 23  LEU A CA  1 
ATOM   280 C  C   . LEU A 1 42  ? 5.926   9.136   4.565   1.00 21.13 ? 23  LEU A C   1 
ATOM   281 O  O   . LEU A 1 42  ? 5.171   9.168   5.523   1.00 20.84 ? 23  LEU A O   1 
ATOM   282 C  CB  . LEU A 1 42  ? 8.169   8.093   5.053   1.00 21.16 ? 23  LEU A CB  1 
ATOM   283 C  CG  . LEU A 1 42  ? 8.982   6.807   5.200   1.00 22.70 ? 23  LEU A CG  1 
ATOM   284 C  CD1 . LEU A 1 42  ? 10.345  7.086   5.797   1.00 27.51 ? 23  LEU A CD1 1 
ATOM   285 C  CD2 . LEU A 1 42  ? 8.195   5.764   6.050   1.00 24.96 ? 23  LEU A CD2 1 
ATOM   286 N  N   A ASP A 1 43  ? 6.004   10.120  3.681   0.50 19.41 ? 24  ASP A N   1 
ATOM   287 N  N   B ASP A 1 43  ? 6.000   10.142  3.691   0.50 19.81 ? 24  ASP A N   1 
ATOM   288 C  CA  A ASP A 1 43  ? 5.114   11.256  3.746   0.50 19.14 ? 24  ASP A CA  1 
ATOM   289 C  CA  B ASP A 1 43  ? 5.074   11.271  3.765   0.50 20.03 ? 24  ASP A CA  1 
ATOM   290 C  C   A ASP A 1 43  ? 3.666   10.789  3.514   0.50 19.07 ? 24  ASP A C   1 
ATOM   291 C  C   B ASP A 1 43  ? 3.646   10.771  3.531   0.50 19.49 ? 24  ASP A C   1 
ATOM   292 O  O   A ASP A 1 43  ? 2.753   11.212  4.215   0.50 19.48 ? 24  ASP A O   1 
ATOM   293 O  O   B ASP A 1 43  ? 2.724   11.149  4.245   0.50 19.73 ? 24  ASP A O   1 
ATOM   294 C  CB  A ASP A 1 43  ? 5.551   12.285  2.713   0.50 18.26 ? 24  ASP A CB  1 
ATOM   295 C  CB  B ASP A 1 43  ? 5.427   12.354  2.737   0.50 19.41 ? 24  ASP A CB  1 
ATOM   296 C  CG  A ASP A 1 43  ? 4.625   13.451  2.640   0.50 23.32 ? 24  ASP A CG  1 
ATOM   297 C  CG  B ASP A 1 43  ? 6.670   13.150  3.109   0.50 26.37 ? 24  ASP A CG  1 
ATOM   298 O  OD1 A ASP A 1 43  ? 4.825   14.412  3.396   0.50 21.89 ? 24  ASP A OD1 1 
ATOM   299 O  OD1 B ASP A 1 43  ? 7.171   13.888  2.230   0.50 33.79 ? 24  ASP A OD1 1 
ATOM   300 O  OD2 A ASP A 1 43  ? 3.701   13.410  1.813   0.50 20.15 ? 24  ASP A OD2 1 
ATOM   301 O  OD2 B ASP A 1 43  ? 7.141   13.062  4.265   0.50 29.24 ? 24  ASP A OD2 1 
ATOM   302 N  N   . LEU A 1 44  ? 3.465   9.911   2.538   1.00 20.36 ? 25  LEU A N   1 
ATOM   303 C  CA  . LEU A 1 44  ? 2.152   9.299   2.282   1.00 18.44 ? 25  LEU A CA  1 
ATOM   304 C  C   . LEU A 1 44  ? 1.658   8.533   3.527   1.00 18.27 ? 25  LEU A C   1 
ATOM   305 O  O   . LEU A 1 44  ? 0.533   8.709   4.017   1.00 18.08 ? 25  LEU A O   1 
ATOM   306 C  CB  . LEU A 1 44  ? 2.209   8.371   1.074   1.00 20.14 ? 25  LEU A CB  1 
ATOM   307 C  CG  . LEU A 1 44  ? 0.977   7.480   0.857   1.00 19.63 ? 25  LEU A CG  1 
ATOM   308 C  CD1 . LEU A 1 44  ? -0.309  8.338   0.652   1.00 21.69 ? 25  LEU A CD1 1 
ATOM   309 C  CD2 . LEU A 1 44  ? 1.236   6.490   -0.279  1.00 23.26 ? 25  LEU A CD2 1 
ATOM   310 N  N   . ALA A 1 45  ? 2.525   7.703   4.068   1.00 19.46 ? 26  ALA A N   1 
ATOM   311 C  CA  . ALA A 1 45  ? 2.135   6.886   5.219   1.00 19.68 ? 26  ALA A CA  1 
ATOM   312 C  C   . ALA A 1 45  ? 1.705   7.694   6.416   1.00 20.02 ? 26  ALA A C   1 
ATOM   313 O  O   . ALA A 1 45  ? 0.728   7.349   7.066   1.00 19.47 ? 26  ALA A O   1 
ATOM   314 C  CB  . ALA A 1 45  ? 3.286   5.920   5.578   1.00 19.92 ? 26  ALA A CB  1 
ATOM   315 N  N   . ALA A 1 46  ? 2.388   8.813   6.711   1.00 16.69 ? 27  ALA A N   1 
ATOM   316 C  CA  . ALA A 1 46  ? 1.987   9.663   7.779   1.00 15.52 ? 27  ALA A CA  1 
ATOM   317 C  C   . ALA A 1 46  ? 0.579   10.225  7.535   1.00 18.70 ? 27  ALA A C   1 
ATOM   318 O  O   . ALA A 1 46  ? -0.198  10.320  8.464   1.00 18.74 ? 27  ALA A O   1 
ATOM   319 C  CB  . ALA A 1 46  ? 3.022   10.812  7.961   1.00 20.99 ? 27  ALA A CB  1 
ATOM   320 N  N   . LYS A 1 47  ? 0.264   10.622  6.301   1.00 17.18 ? 28  LYS A N   1 
ATOM   321 C  CA  . LYS A 1 47  ? -1.059  11.113  5.945   1.00 17.49 ? 28  LYS A CA  1 
ATOM   322 C  C   . LYS A 1 47  ? -2.151  10.038  6.092   1.00 14.99 ? 28  LYS A C   1 
ATOM   323 O  O   . LYS A 1 47  ? -3.244  10.296  6.634   1.00 17.90 ? 28  LYS A O   1 
ATOM   324 C  CB  . LYS A 1 47  ? -1.042  11.731  4.539   1.00 18.57 ? 28  LYS A CB  1 
ATOM   325 C  CG  . LYS A 1 47  ? -0.211  13.039  4.503   1.00 18.37 ? 28  LYS A CG  1 
ATOM   326 C  CD  . LYS A 1 47  ? -0.008  13.617  3.108   1.00 21.52 ? 28  LYS A CD  1 
ATOM   327 C  CE  . LYS A 1 47  ? 0.970   14.837  3.181   1.00 22.76 ? 28  LYS A CE  1 
ATOM   328 N  NZ  . LYS A 1 47  ? 1.610   15.165  1.863   1.00 35.87 ? 28  LYS A NZ  1 
ATOM   329 N  N   . VAL A 1 48  ? -1.815  8.858   5.618   1.00 18.07 ? 29  VAL A N   1 
ATOM   330 C  CA  . VAL A 1 48  ? -2.731  7.693   5.670   1.00 18.71 ? 29  VAL A CA  1 
ATOM   331 C  C   . VAL A 1 48  ? -3.076  7.450   7.135   1.00 19.01 ? 29  VAL A C   1 
ATOM   332 O  O   . VAL A 1 48  ? -4.259  7.431   7.527   1.00 20.19 ? 29  VAL A O   1 
ATOM   333 C  CB  . VAL A 1 48  ? -2.150  6.457   5.002   1.00 17.09 ? 29  VAL A CB  1 
ATOM   334 C  CG1 . VAL A 1 48  ? -3.013  5.255   5.371   1.00 18.50 ? 29  VAL A CG1 1 
ATOM   335 C  CG2 . VAL A 1 48  ? -2.086  6.637   3.495   1.00 18.16 ? 29  VAL A CG2 1 
ATOM   336 N  N   . LYS A 1 49  ? -2.036  7.261   7.950   1.00 19.39 ? 30  LYS A N   1 
ATOM   337 C  CA  . LYS A 1 49  ? -2.276  7.012   9.404   1.00 23.46 ? 30  LYS A CA  1 
ATOM   338 C  C   . LYS A 1 49  ? -2.988  8.126   10.167  1.00 20.71 ? 30  LYS A C   1 
ATOM   339 O  O   . LYS A 1 49  ? -3.848  7.892   11.047  1.00 20.57 ? 30  LYS A O   1 
ATOM   340 C  CB  . LYS A 1 49  ? -0.972  6.599   10.089  1.00 23.68 ? 30  LYS A CB  1 
ATOM   341 C  CG  . LYS A 1 49  ? -0.443  5.332   9.505   1.00 28.15 ? 30  LYS A CG  1 
ATOM   342 C  CD  . LYS A 1 49  ? 0.791   4.819   10.204  1.00 34.19 ? 30  LYS A CD  1 
ATOM   343 C  CE  . LYS A 1 49  ? 1.870   4.489   9.226   1.00 40.09 ? 30  LYS A CE  1 
ATOM   344 N  NZ  . LYS A 1 49  ? 2.927   3.684   9.868   1.00 37.09 ? 30  LYS A NZ  1 
ATOM   345 N  N   . ALA A 1 50  ? -2.687  9.375   9.834   1.00 13.37 ? 31  ALA A N   1 
ATOM   346 C  CA  . ALA A 1 50  ? -3.295  10.432  10.465  1.00 12.29 ? 31  ALA A CA  1 
ATOM   347 C  C   . ALA A 1 50  ? -4.738  10.655  10.044  1.00 14.81 ? 31  ALA A C   1 
ATOM   348 O  O   . ALA A 1 50  ? -5.525  11.129  10.858  1.00 16.06 ? 31  ALA A O   1 
ATOM   349 C  CB  . ALA A 1 50  ? -2.469  11.754  10.185  1.00 19.28 ? 31  ALA A CB  1 
ATOM   350 N  N   . ASN A 1 51  ? -5.070  10.411  8.777   1.00 18.71 ? 32  ASN A N   1 
ATOM   351 C  CA  . ASN A 1 51  ? -6.355  10.789  8.198   1.00 19.80 ? 32  ASN A CA  1 
ATOM   352 C  C   . ASN A 1 51  ? -7.405  9.703   8.073   1.00 21.83 ? 32  ASN A C   1 
ATOM   353 O  O   . ASN A 1 51  ? -8.590  10.021  7.934   1.00 24.09 ? 32  ASN A O   1 
ATOM   354 C  CB  . ASN A 1 51  ? -6.149  11.411  6.809   1.00 21.20 ? 32  ASN A CB  1 
ATOM   355 C  CG  . ASN A 1 51  ? -5.317  12.658  6.851   1.00 24.90 ? 32  ASN A CG  1 
ATOM   356 O  OD1 . ASN A 1 51  ? -5.422  13.455  7.788   1.00 29.66 ? 32  ASN A OD1 1 
ATOM   357 N  ND2 . ASN A 1 51  ? -4.525  12.882  5.813   1.00 29.21 ? 32  ASN A ND2 1 
ATOM   358 N  N   . GLU A 1 52  ? -6.991  8.441   8.155   1.00 19.78 ? 33  GLU A N   1 
ATOM   359 C  CA  . GLU A 1 52  ? -7.872  7.291   7.835   1.00 17.50 ? 33  GLU A CA  1 
ATOM   360 C  C   . GLU A 1 52  ? -8.061  6.342   9.007   1.00 17.80 ? 33  GLU A C   1 
ATOM   361 O  O   . GLU A 1 52  ? -7.235  5.451   9.227   1.00 19.40 ? 33  GLU A O   1 
ATOM   362 C  CB  . GLU A 1 52  ? -7.287  6.501   6.668   1.00 17.07 ? 33  GLU A CB  1 
ATOM   363 C  CG  . GLU A 1 52  ? -7.263  7.283   5.358   1.00 20.71 ? 33  GLU A CG  1 
ATOM   364 C  CD  . GLU A 1 52  ? -6.482  6.596   4.244   1.00 19.59 ? 33  GLU A CD  1 
ATOM   365 O  OE1 . GLU A 1 52  ? -6.620  5.347   4.052   1.00 22.38 ? 33  GLU A OE1 1 
ATOM   366 O  OE2 . GLU A 1 52  ? -5.687  7.323   3.563   1.00 23.08 ? 33  GLU A OE2 1 
ATOM   367 N  N   . PRO A 1 53  ? -9.142  6.531   9.775   1.00 18.81 ? 34  PRO A N   1 
ATOM   368 C  CA  . PRO A 1 53  ? -9.381  5.640   10.905  1.00 19.35 ? 34  PRO A CA  1 
ATOM   369 C  C   . PRO A 1 53  ? -9.577  4.169   10.495  1.00 19.25 ? 34  PRO A C   1 
ATOM   370 O  O   . PRO A 1 53  ? -9.419  3.291   11.330  1.00 23.63 ? 34  PRO A O   1 
ATOM   371 C  CB  . PRO A 1 53  ? -10.640 6.232   11.572  1.00 22.73 ? 34  PRO A CB  1 
ATOM   372 C  CG  . PRO A 1 53  ? -11.251 7.065   10.582  1.00 28.31 ? 34  PRO A CG  1 
ATOM   373 C  CD  . PRO A 1 53  ? -10.166 7.574   9.678   1.00 21.08 ? 34  PRO A CD  1 
ATOM   374 N  N   . GLY A 1 54  ? -9.959  3.929   9.237   1.00 19.25 ? 35  GLY A N   1 
ATOM   375 C  CA  . GLY A 1 54  ? -10.164 2.590   8.732   1.00 19.75 ? 35  GLY A CA  1 
ATOM   376 C  C   . GLY A 1 54  ? -8.909  1.893   8.287   1.00 19.74 ? 35  GLY A C   1 
ATOM   377 O  O   . GLY A 1 54  ? -8.948  0.727   7.916   1.00 22.68 ? 35  GLY A O   1 
ATOM   378 N  N   . CYS A 1 55  ? -7.786  2.611   8.284   1.00 18.78 ? 36  CYS A N   1 
ATOM   379 C  CA  . CYS A 1 55  ? -6.513  1.987   7.995   1.00 19.38 ? 36  CYS A CA  1 
ATOM   380 C  C   . CYS A 1 55  ? -5.859  1.640   9.325   1.00 20.55 ? 36  CYS A C   1 
ATOM   381 O  O   . CYS A 1 55  ? -5.469  2.517   10.065  1.00 22.17 ? 36  CYS A O   1 
ATOM   382 C  CB  . CYS A 1 55  ? -5.630  2.917   7.201   1.00 18.84 ? 36  CYS A CB  1 
ATOM   383 S  SG  . CYS A 1 55  ? -4.051  2.114   6.818   1.00 22.36 ? 36  CYS A SG  1 
ATOM   384 N  N   . LEU A 1 56  ? -5.742  0.350   9.597   1.00 19.91 ? 37  LEU A N   1 
ATOM   385 C  CA  . LEU A 1 56  ? -5.258  -0.198  10.852  1.00 19.80 ? 37  LEU A CA  1 
ATOM   386 C  C   . LEU A 1 56  ? -3.739  -0.417  10.896  1.00 20.60 ? 37  LEU A C   1 
ATOM   387 O  O   . LEU A 1 56  ? -3.121  -0.248  11.957  1.00 23.16 ? 37  LEU A O   1 
ATOM   388 C  CB  . LEU A 1 56  ? -5.981  -1.512  11.173  1.00 21.01 ? 37  LEU A CB  1 
ATOM   389 C  CG  . LEU A 1 56  ? -7.517  -1.446  11.168  1.00 23.50 ? 37  LEU A CG  1 
ATOM   390 C  CD1 . LEU A 1 56  ? -8.108  -2.803  11.483  1.00 27.95 ? 37  LEU A CD1 1 
ATOM   391 C  CD2 . LEU A 1 56  ? -7.996  -0.396  12.170  1.00 29.08 ? 37  LEU A CD2 1 
ATOM   392 N  N   . VAL A 1 57  ? -3.176  -0.747  9.756   1.00 20.19 ? 38  VAL A N   1 
ATOM   393 C  CA  . VAL A 1 57  ? -1.731  -0.968  9.568   1.00 20.24 ? 38  VAL A CA  1 
ATOM   394 C  C   . VAL A 1 57  ? -1.325  -0.413  8.212   1.00 19.38 ? 38  VAL A C   1 
ATOM   395 O  O   . VAL A 1 57  ? -1.994  -0.678  7.192   1.00 19.53 ? 38  VAL A O   1 
ATOM   396 C  CB  . VAL A 1 57  ? -1.374  -2.459  9.662   1.00 21.26 ? 38  VAL A CB  1 
ATOM   397 C  CG1 . VAL A 1 57  ? 0.170   -2.674  9.472   1.00 21.69 ? 38  VAL A CG1 1 
ATOM   398 C  CG2 . VAL A 1 57  ? -1.882  -3.038  11.003  1.00 22.99 ? 38  VAL A CG2 1 
ATOM   399 N  N   . TYR A 1 58  ? -0.204  0.303   8.160   1.00 19.44 ? 39  TYR A N   1 
ATOM   400 C  CA  . TYR A 1 58  ? 0.319   0.788   6.923   1.00 20.05 ? 39  TYR A CA  1 
ATOM   401 C  C   . TYR A 1 58  ? 1.820   0.923   7.064   1.00 21.65 ? 39  TYR A C   1 
ATOM   402 O  O   . TYR A 1 58  ? 2.327   1.978   7.421   1.00 24.42 ? 39  TYR A O   1 
ATOM   403 C  CB  . TYR A 1 58  ? -0.336  2.135   6.554   1.00 21.56 ? 39  TYR A CB  1 
ATOM   404 C  CG  . TYR A 1 58  ? -0.217  2.471   5.113   1.00 19.90 ? 39  TYR A CG  1 
ATOM   405 C  CD1 . TYR A 1 58  ? -0.987  1.862   4.150   1.00 21.83 ? 39  TYR A CD1 1 
ATOM   406 C  CD2 . TYR A 1 58  ? 0.708   3.437   4.680   1.00 23.65 ? 39  TYR A CD2 1 
ATOM   407 C  CE1 . TYR A 1 58  ? -0.865  2.168   2.799   1.00 24.50 ? 39  TYR A CE1 1 
ATOM   408 C  CE2 . TYR A 1 58  ? 0.850   3.736   3.361   1.00 23.20 ? 39  TYR A CE2 1 
ATOM   409 C  CZ  . TYR A 1 58  ? 0.057   3.161   2.411   1.00 23.21 ? 39  TYR A CZ  1 
ATOM   410 O  OH  . TYR A 1 58  ? 0.187   3.445   1.079   1.00 28.94 ? 39  TYR A OH  1 
ATOM   411 N  N   . GLN A 1 59  ? 2.542   -0.146  6.802   1.00 19.42 ? 40  GLN A N   1 
ATOM   412 C  CA  . GLN A 1 59  ? 3.935   -0.246  7.216   1.00 20.87 ? 40  GLN A CA  1 
ATOM   413 C  C   . GLN A 1 59  ? 4.810   -0.624  6.023   1.00 19.19 ? 40  GLN A C   1 
ATOM   414 O  O   . GLN A 1 59  ? 4.820   -1.781  5.477   1.00 18.60 ? 40  GLN A O   1 
ATOM   415 C  CB  . GLN A 1 59  ? 4.105   -1.290  8.320   1.00 20.79 ? 40  GLN A CB  1 
ATOM   416 C  CG  . GLN A 1 59  ? 5.549   -1.389  8.771   1.00 23.41 ? 40  GLN A CG  1 
ATOM   417 C  CD  . GLN A 1 59  ? 6.010   -0.093  9.400   1.00 23.69 ? 40  GLN A CD  1 
ATOM   418 O  OE1 . GLN A 1 59  ? 5.441   0.382   10.419  1.00 26.06 ? 40  GLN A OE1 1 
ATOM   419 N  NE2 . GLN A 1 59  ? 7.047   0.511   8.811   1.00 24.73 ? 40  GLN A NE2 1 
ATOM   420 N  N   . LEU A 1 60  ? 5.635   0.344   5.586   1.00 18.70 ? 41  LEU A N   1 
ATOM   421 C  CA  . LEU A 1 60  ? 6.645   0.079   4.605   1.00 18.87 ? 41  LEU A CA  1 
ATOM   422 C  C   . LEU A 1 60  ? 7.759   -0.780  5.201   1.00 18.81 ? 41  LEU A C   1 
ATOM   423 O  O   . LEU A 1 60  ? 8.230   -0.512  6.300   1.00 20.20 ? 41  LEU A O   1 
ATOM   424 C  CB  . LEU A 1 60  ? 7.281   1.398   4.146   1.00 20.01 ? 41  LEU A CB  1 
ATOM   425 C  CG  . LEU A 1 60  ? 8.237   1.286   2.966   1.00 20.37 ? 41  LEU A CG  1 
ATOM   426 C  CD1 . LEU A 1 60  ? 7.601   0.796   1.660   1.00 20.39 ? 41  LEU A CD1 1 
ATOM   427 C  CD2 . LEU A 1 60  ? 8.932   2.692   2.768   1.00 20.72 ? 41  LEU A CD2 1 
ATOM   428 N  N   . THR A 1 61  ? 8.168   -1.780  4.460   1.00 18.74 ? 42  THR A N   1 
ATOM   429 C  CA  . THR A 1 61  ? 9.335   -2.622  4.805   1.00 19.19 ? 42  THR A CA  1 
ATOM   430 C  C   . THR A 1 61  ? 10.233  -2.859  3.625   1.00 20.56 ? 42  THR A C   1 
ATOM   431 O  O   . THR A 1 61  ? 9.797   -2.782  2.469   1.00 18.97 ? 42  THR A O   1 
ATOM   432 C  CB  . THR A 1 61  ? 8.884   -4.026  5.374   1.00 19.98 ? 42  THR A CB  1 
ATOM   433 O  OG1 . THR A 1 61  ? 8.491   -4.894  4.293   1.00 20.96 ? 42  THR A OG1 1 
ATOM   434 C  CG2 . THR A 1 61  ? 7.782   -3.863  6.464   1.00 21.36 ? 42  THR A CG2 1 
ATOM   435 N  N   . ARG A 1 62  ? 11.511  -3.161  3.899   1.00 20.63 ? 43  ARG A N   1 
ATOM   436 C  CA  . ARG A 1 62  ? 12.479  -3.455  2.856   1.00 20.34 ? 43  ARG A CA  1 
ATOM   437 C  C   . ARG A 1 62  ? 12.796  -4.943  2.818   1.00 19.53 ? 43  ARG A C   1 
ATOM   438 O  O   . ARG A 1 62  ? 13.022  -5.536  3.882   1.00 21.36 ? 43  ARG A O   1 
ATOM   439 C  CB  . ARG A 1 62  ? 13.813  -2.748  3.165   1.00 21.56 ? 43  ARG A CB  1 
ATOM   440 C  CG  . ARG A 1 62  ? 13.729  -1.272  3.365   1.00 25.95 ? 43  ARG A CG  1 
ATOM   441 C  CD  . ARG A 1 62  ? 15.146  -0.614  3.177   1.00 26.13 ? 43  ARG A CD  1 
ATOM   442 N  NE  . ARG A 1 62  ? 15.157  0.781   3.614   1.00 26.09 ? 43  ARG A NE  1 
ATOM   443 C  CZ  . ARG A 1 62  ? 15.342  1.191   4.859   1.00 29.00 ? 43  ARG A CZ  1 
ATOM   444 N  NH1 . ARG A 1 62  ? 15.613  0.330   5.840   1.00 32.70 ? 43  ARG A NH1 1 
ATOM   445 N  NH2 . ARG A 1 62  ? 15.286  2.491   5.124   1.00 30.02 ? 43  ARG A NH2 1 
ATOM   446 N  N   . SER A 1 63  ? 12.908  -5.492  1.614   1.00 19.96 ? 44  SER A N   1 
ATOM   447 C  CA  . SER A 1 63  ? 13.446  -6.824  1.433   1.00 20.76 ? 44  SER A CA  1 
ATOM   448 C  C   . SER A 1 63  ? 14.866  -6.911  1.931   1.00 22.23 ? 44  SER A C   1 
ATOM   449 O  O   . SER A 1 63  ? 15.630  -5.960  1.811   1.00 22.65 ? 44  SER A O   1 
ATOM   450 C  CB  . SER A 1 63  ? 13.361  -7.234  -0.022  1.00 20.36 ? 44  SER A CB  1 
ATOM   451 O  OG  . SER A 1 63  ? 13.994  -8.487  -0.267  1.00 21.13 ? 44  SER A OG  1 
ATOM   452 N  N   . LYS A 1 64  ? 15.178  -8.067  2.509   1.00 23.16 ? 45  LYS A N   1 
ATOM   453 C  CA  . LYS A 1 64  ? 16.534  -8.376  2.960   1.00 25.72 ? 45  LYS A CA  1 
ATOM   454 C  C   . LYS A 1 64  ? 17.394  -9.019  1.847   1.00 26.08 ? 45  LYS A C   1 
ATOM   455 O  O   . LYS A 1 64  ? 18.619  -9.150  1.990   1.00 26.58 ? 45  LYS A O   1 
ATOM   456 C  CB  . LYS A 1 64  ? 16.443  -9.242  4.230   1.00 27.14 ? 45  LYS A CB  1 
ATOM   457 C  CG  . LYS A 1 64  ? 15.760  -8.477  5.377   1.00 29.09 ? 45  LYS A CG  1 
ATOM   458 C  CD  . LYS A 1 64  ? 15.659  -9.260  6.693   1.00 34.03 ? 45  LYS A CD  1 
ATOM   459 C  CE  . LYS A 1 64  ? 16.932  -9.209  7.488   1.00 39.44 ? 45  LYS A CE  1 
ATOM   460 N  NZ  . LYS A 1 64  ? 17.221  -7.867  8.124   1.00 39.48 ? 45  LYS A NZ  1 
ATOM   461 N  N   . THR A 1 65  ? 16.767  -9.408  0.739   1.00 22.65 ? 46  THR A N   1 
ATOM   462 C  CA  . THR A 1 65  ? 17.476  -10.179 -0.298  1.00 22.72 ? 46  THR A CA  1 
ATOM   463 C  C   . THR A 1 65  ? 17.374  -9.659  -1.736  1.00 23.54 ? 46  THR A C   1 
ATOM   464 O  O   . THR A 1 65  ? 18.218  -9.991  -2.569  1.00 26.29 ? 46  THR A O   1 
ATOM   465 C  CB  . THR A 1 65  ? 17.012  -11.647 -0.303  1.00 23.12 ? 46  THR A CB  1 
ATOM   466 O  OG1 . THR A 1 65  ? 15.631  -11.736 -0.641  1.00 25.69 ? 46  THR A OG1 1 
ATOM   467 C  CG2 . THR A 1 65  ? 17.234  -12.314 1.087   1.00 23.52 ? 46  THR A CG2 1 
ATOM   468 N  N   . GLU A 1 66  ? 16.330  -8.896  -2.049  1.00 23.18 ? 47  GLU A N   1 
ATOM   469 C  CA  . GLU A 1 66  ? 16.125  -8.394  -3.421  1.00 25.82 ? 47  GLU A CA  1 
ATOM   470 C  C   . GLU A 1 66  ? 16.307  -6.876  -3.460  1.00 27.26 ? 47  GLU A C   1 
ATOM   471 O  O   . GLU A 1 66  ? 15.573  -6.130  -2.813  1.00 25.03 ? 47  GLU A O   1 
ATOM   472 C  CB  . GLU A 1 66  ? 14.745  -8.781  -3.922  1.00 29.48 ? 47  GLU A CB  1 
ATOM   473 C  CG  . GLU A 1 66  ? 14.414  -10.245 -3.783  1.00 33.28 ? 47  GLU A CG  1 
ATOM   474 N  N   . GLU A 1 67  ? 17.297  -6.421  -4.234  1.00 27.10 ? 48  GLU A N   1 
ATOM   475 C  CA  . GLU A 1 67  ? 17.696  -5.028  -4.233  1.00 27.16 ? 48  GLU A CA  1 
ATOM   476 C  C   . GLU A 1 67  ? 16.538  -4.166  -4.742  1.00 23.39 ? 48  GLU A C   1 
ATOM   477 O  O   . GLU A 1 67  ? 15.898  -4.496  -5.739  1.00 25.18 ? 48  GLU A O   1 
ATOM   478 C  CB  . GLU A 1 67  ? 18.934  -4.829  -5.127  1.00 28.38 ? 48  GLU A CB  1 
ATOM   479 N  N   . GLY A 1 68  ? 16.246  -3.113  -4.008  1.00 24.33 ? 49  GLY A N   1 
ATOM   480 C  CA  . GLY A 1 68  ? 15.184  -2.181  -4.374  1.00 23.74 ? 49  GLY A CA  1 
ATOM   481 C  C   . GLY A 1 68  ? 13.770  -2.698  -4.162  1.00 21.94 ? 49  GLY A C   1 
ATOM   482 O  O   . GLY A 1 68  ? 12.830  -2.011  -4.517  1.00 21.75 ? 49  GLY A O   1 
ATOM   483 N  N   . VAL A 1 69  ? 13.615  -3.863  -3.534  1.00 20.43 ? 50  VAL A N   1 
ATOM   484 C  CA  . VAL A 1 69  ? 12.282  -4.404  -3.312  1.00 20.89 ? 50  VAL A CA  1 
ATOM   485 C  C   . VAL A 1 69  ? 11.776  -3.995  -1.943  1.00 19.59 ? 50  VAL A C   1 
ATOM   486 O  O   . VAL A 1 69  ? 12.497  -4.099  -0.926  1.00 19.94 ? 50  VAL A O   1 
ATOM   487 C  CB  . VAL A 1 69  ? 12.217  -5.935  -3.542  1.00 19.75 ? 50  VAL A CB  1 
ATOM   488 C  CG1 . VAL A 1 69  ? 10.828  -6.486  -3.066  1.00 21.81 ? 50  VAL A CG1 1 
ATOM   489 C  CG2 . VAL A 1 69  ? 12.475  -6.228  -5.037  1.00 22.08 ? 50  VAL A CG2 1 
ATOM   490 N  N   . TYR A 1 70  ? 10.514  -3.535  -1.898  1.00 18.99 ? 51  TYR A N   1 
ATOM   491 C  CA  . TYR A 1 70  ? 9.842   -3.163  -0.678  1.00 18.76 ? 51  TYR A CA  1 
ATOM   492 C  C   . TYR A 1 70  ? 8.533   -3.949  -0.594  1.00 19.58 ? 51  TYR A C   1 
ATOM   493 O  O   . TYR A 1 70  ? 7.996   -4.337  -1.616  1.00 19.40 ? 51  TYR A O   1 
ATOM   494 C  CB  . TYR A 1 70  ? 9.507   -1.686  -0.669  1.00 20.94 ? 51  TYR A CB  1 
ATOM   495 C  CG  . TYR A 1 70  ? 10.710  -0.795  -0.602  1.00 18.29 ? 51  TYR A CG  1 
ATOM   496 C  CD1 . TYR A 1 70  ? 11.426  -0.523  -1.761  1.00 20.43 ? 51  TYR A CD1 1 
ATOM   497 C  CD2 . TYR A 1 70  ? 11.091  -0.194  0.598   1.00 20.10 ? 51  TYR A CD2 1 
ATOM   498 C  CE1 . TYR A 1 70  ? 12.554  0.282   -1.707  1.00 21.01 ? 51  TYR A CE1 1 
ATOM   499 C  CE2 . TYR A 1 70  ? 12.211  0.632   0.653   1.00 20.42 ? 51  TYR A CE2 1 
ATOM   500 C  CZ  . TYR A 1 70  ? 12.904  0.878   -0.507  1.00 20.14 ? 51  TYR A CZ  1 
ATOM   501 O  OH  . TYR A 1 70  ? 14.035  1.694   -0.482  1.00 22.33 ? 51  TYR A OH  1 
ATOM   502 N  N   . LYS A 1 71  ? 8.115   -4.264  0.606   1.00 18.63 ? 52  LYS A N   1 
ATOM   503 C  CA  . LYS A 1 71  ? 6.793   -4.843  0.820   1.00 20.14 ? 52  LYS A CA  1 
ATOM   504 C  C   . LYS A 1 71  ? 6.053   -3.952  1.801   1.00 18.30 ? 52  LYS A C   1 
ATOM   505 O  O   . LYS A 1 71  ? 6.480   -3.662  2.974   1.00 19.50 ? 52  LYS A O   1 
ATOM   506 C  CB  . LYS A 1 71  ? 6.851   -6.287  1.304   1.00 18.72 ? 52  LYS A CB  1 
ATOM   507 C  CG  . LYS A 1 71  ? 7.509   -7.140  0.293   1.00 20.68 ? 52  LYS A CG  1 
ATOM   508 C  CD  . LYS A 1 71  ? 7.337   -8.645  0.488   1.00 23.74 ? 52  LYS A CD  1 
ATOM   509 C  CE  . LYS A 1 71  ? 8.019   -9.374  -0.649  1.00 29.74 ? 52  LYS A CE  1 
ATOM   510 N  NZ  . LYS A 1 71  ? 7.778   -10.843 -0.572  1.00 33.55 ? 52  LYS A NZ  1 
ATOM   511 N  N   . VAL A 1 72  ? 4.873   -3.466  1.395   1.00 18.80 ? 53  VAL A N   1 
ATOM   512 C  CA  . VAL A 1 72  ? 4.047   -2.708  2.293   1.00 17.48 ? 53  VAL A CA  1 
ATOM   513 C  C   . VAL A 1 72  ? 3.074   -3.676  2.952   1.00 18.38 ? 53  VAL A C   1 
ATOM   514 O  O   . VAL A 1 72  ? 2.370   -4.388  2.263   1.00 19.71 ? 53  VAL A O   1 
ATOM   515 C  CB  . VAL A 1 72  ? 3.219   -1.576  1.606   1.00 19.65 ? 53  VAL A CB  1 
ATOM   516 C  CG1 . VAL A 1 72  ? 2.669   -0.598  2.653   1.00 20.42 ? 53  VAL A CG1 1 
ATOM   517 C  CG2 . VAL A 1 72  ? 4.053   -0.838  0.535   1.00 21.20 ? 53  VAL A CG2 1 
ATOM   518 N  N   . LEU A 1 73  ? 3.012   -3.660  4.259   1.00 18.89 ? 54  LEU A N   1 
ATOM   519 C  CA  . LEU A 1 73  ? 2.028   -4.455  5.012   1.00 19.40 ? 54  LEU A CA  1 
ATOM   520 C  C   . LEU A 1 73  ? 0.896   -3.498  5.333   1.00 19.23 ? 54  LEU A C   1 
ATOM   521 O  O   . LEU A 1 73  ? 1.082   -2.501  6.059   1.00 20.05 ? 54  LEU A O   1 
ATOM   522 C  CB  . LEU A 1 73  ? 2.656   -5.039  6.257   1.00 19.75 ? 54  LEU A CB  1 
ATOM   523 C  CG  . LEU A 1 73  ? 3.962   -5.807  5.984   1.00 20.17 ? 54  LEU A CG  1 
ATOM   524 C  CD1 . LEU A 1 73  ? 4.500   -6.411  7.295   1.00 24.81 ? 54  LEU A CD1 1 
ATOM   525 C  CD2 . LEU A 1 73  ? 3.870   -6.886  4.936   1.00 23.31 ? 54  LEU A CD2 1 
ATOM   526 N  N   . GLU A 1 74  ? -0.316  -3.843  4.881   1.00 20.06 ? 55  GLU A N   1 
ATOM   527 C  CA  . GLU A 1 74  ? -1.483  -2.968  5.066   1.00 19.80 ? 55  GLU A CA  1 
ATOM   528 C  C   . GLU A 1 74  ? -2.646  -3.766  5.632   1.00 21.08 ? 55  GLU A C   1 
ATOM   529 O  O   . GLU A 1 74  ? -2.790  -4.958  5.307   1.00 21.81 ? 55  GLU A O   1 
ATOM   530 C  CB  . GLU A 1 74  ? -1.911  -2.268  3.766   1.00 20.72 ? 55  GLU A CB  1 
ATOM   531 C  CG  . GLU A 1 74  ? -0.766  -1.789  2.890   1.00 22.18 ? 55  GLU A CG  1 
ATOM   532 C  CD  . GLU A 1 74  ? -1.181  -1.235  1.521   1.00 28.22 ? 55  GLU A CD  1 
ATOM   533 O  OE1 . GLU A 1 74  ? -2.373  -0.903  1.321   1.00 24.24 ? 55  GLU A OE1 1 
ATOM   534 O  OE2 . GLU A 1 74  ? -0.257  -1.049  0.674   1.00 27.04 ? 55  GLU A OE2 1 
ATOM   535 N  N   . LEU A 1 75  ? -3.466  -3.119  6.443   1.00 20.77 ? 56  LEU A N   1 
ATOM   536 C  CA  . LEU A 1 75  ? -4.663  -3.754  6.985   1.00 19.88 ? 56  LEU A CA  1 
ATOM   537 C  C   . LEU A 1 75  ? -5.736  -2.707  7.061   1.00 21.31 ? 56  LEU A C   1 
ATOM   538 O  O   . LEU A 1 75  ? -5.495  -1.626  7.589   1.00 20.91 ? 56  LEU A O   1 
ATOM   539 C  CB  . LEU A 1 75  ? -4.415  -4.360  8.363   1.00 19.89 ? 56  LEU A CB  1 
ATOM   540 C  CG  . LEU A 1 75  ? -5.520  -5.203  9.002   1.00 24.44 ? 56  LEU A CG  1 
ATOM   541 C  CD1 . LEU A 1 75  ? -5.836  -6.480  8.246   1.00 25.35 ? 56  LEU A CD1 1 
ATOM   542 C  CD2 . LEU A 1 75  ? -5.192  -5.473  10.495  1.00 23.06 ? 56  LEU A CD2 1 
ATOM   543 N  N   . TYR A 1 76  ? -6.911  -3.022  6.524   1.00 19.53 ? 57  TYR A N   1 
ATOM   544 C  CA  . TYR A 1 76  ? -8.053  -2.104  6.519   1.00 19.48 ? 57  TYR A CA  1 
ATOM   545 C  C   . TYR A 1 76  ? -9.224  -2.724  7.251   1.00 21.25 ? 57  TYR A C   1 
ATOM   546 O  O   . TYR A 1 76  ? -9.412  -3.934  7.212   1.00 22.44 ? 57  TYR A O   1 
ATOM   547 C  CB  . TYR A 1 76  ? -8.470  -1.775  5.063   1.00 19.90 ? 57  TYR A CB  1 
ATOM   548 C  CG  . TYR A 1 76  ? -7.362  -1.118  4.327   1.00 19.70 ? 57  TYR A CG  1 
ATOM   549 C  CD1 . TYR A 1 76  ? -7.175  0.257   4.398   1.00 20.26 ? 57  TYR A CD1 1 
ATOM   550 C  CD2 . TYR A 1 76  ? -6.402  -1.882  3.667   1.00 20.97 ? 57  TYR A CD2 1 
ATOM   551 C  CE1 . TYR A 1 76  ? -6.061  0.859   3.826   1.00 20.65 ? 57  TYR A CE1 1 
ATOM   552 C  CE2 . TYR A 1 76  ? -5.277  -1.281  3.094   1.00 22.01 ? 57  TYR A CE2 1 
ATOM   553 C  CZ  . TYR A 1 76  ? -5.131  0.090   3.180   1.00 20.71 ? 57  TYR A CZ  1 
ATOM   554 O  OH  . TYR A 1 76  ? -4.039  0.710   2.620   1.00 23.97 ? 57  TYR A OH  1 
ATOM   555 N  N   . ALA A 1 77  ? -10.036 -1.876  7.876   1.00 21.96 ? 58  ALA A N   1 
ATOM   556 C  CA  . ALA A 1 77  ? -11.175 -2.326  8.694   1.00 22.44 ? 58  ALA A CA  1 
ATOM   557 C  C   . ALA A 1 77  ? -12.238 -3.002  7.836   1.00 21.71 ? 58  ALA A C   1 
ATOM   558 O  O   . ALA A 1 77  ? -12.988 -3.847  8.330   1.00 24.69 ? 58  ALA A O   1 
ATOM   559 C  CB  . ALA A 1 77  ? -11.787 -1.143  9.423   1.00 22.42 ? 58  ALA A CB  1 
ATOM   560 N  N   . SER A 1 78  ? -12.319 -2.611  6.565   1.00 22.45 ? 59  SER A N   1 
ATOM   561 C  CA  . SER A 1 78  ? -13.379 -3.050  5.655   1.00 22.90 ? 59  SER A CA  1 
ATOM   562 C  C   . SER A 1 78  ? -13.033 -2.740  4.212   1.00 22.91 ? 59  SER A C   1 
ATOM   563 O  O   . SER A 1 78  ? -12.153 -1.912  3.939   1.00 22.08 ? 59  SER A O   1 
ATOM   564 C  CB  . SER A 1 78  ? -14.685 -2.310  5.986   1.00 24.21 ? 59  SER A CB  1 
ATOM   565 O  OG  . SER A 1 78  ? -14.568 -0.930  5.631   1.00 22.47 ? 59  SER A OG  1 
HETATM 566 N  N   . MSE A 1 79  ? -13.779 -3.324  3.280   1.00 21.77 ? 60  MSE A N   1 
HETATM 567 C  CA  . MSE A 1 79  ? -13.669 -2.939  1.870   1.00 23.77 ? 60  MSE A CA  1 
HETATM 568 C  C   . MSE A 1 79  ? -13.927 -1.436  1.686   1.00 22.56 ? 60  MSE A C   1 
HETATM 569 O  O   . MSE A 1 79  ? -13.276 -0.798  0.857   1.00 24.52 ? 60  MSE A O   1 
HETATM 570 C  CB  . MSE A 1 79  ? -14.611 -3.798  1.002   1.00 25.39 ? 60  MSE A CB  1 
HETATM 571 C  CG  . MSE A 1 79  ? -14.127 -5.277  0.822   1.00 30.07 ? 60  MSE A CG  1 
HETATM 572 SE SE  . MSE A 1 79  ? -12.555 -5.435  -0.321  0.75 36.10 ? 60  MSE A SE  1 
HETATM 573 C  CE  . MSE A 1 79  ? -12.922 -3.822  -1.383  1.00 32.04 ? 60  MSE A CE  1 
ATOM   574 N  N   . ASP A 1 80  ? -14.885 -0.877  2.429   1.00 23.72 ? 61  ASP A N   1 
ATOM   575 C  CA  . ASP A 1 80  ? -15.206 0.579   2.364   1.00 24.66 ? 61  ASP A CA  1 
ATOM   576 C  C   . ASP A 1 80  ? -13.967 1.431   2.705   1.00 23.29 ? 61  ASP A C   1 
ATOM   577 O  O   . ASP A 1 80  ? -13.655 2.388   2.000   1.00 22.51 ? 61  ASP A O   1 
ATOM   578 C  CB  . ASP A 1 80  ? -16.355 0.952   3.310   1.00 25.54 ? 61  ASP A CB  1 
ATOM   579 C  CG  . ASP A 1 80  ? -17.729 0.670   2.734   1.00 35.03 ? 61  ASP A CG  1 
ATOM   580 O  OD1 . ASP A 1 80  ? -17.851 0.497   1.508   1.00 33.96 ? 61  ASP A OD1 1 
ATOM   581 O  OD2 . ASP A 1 80  ? -18.692 0.644   3.530   1.00 37.40 ? 61  ASP A OD2 1 
ATOM   582 N  N   . ALA A 1 81  ? -13.245 1.034   3.755   1.00 21.78 ? 62  ALA A N   1 
ATOM   583 C  CA  . ALA A 1 81  ? -12.024 1.739   4.135   1.00 20.82 ? 62  ALA A CA  1 
ATOM   584 C  C   . ALA A 1 81  ? -10.955 1.645   3.053   1.00 20.76 ? 62  ALA A C   1 
ATOM   585 O  O   . ALA A 1 81  ? -10.270 2.625   2.761   1.00 21.38 ? 62  ALA A O   1 
ATOM   586 C  CB  . ALA A 1 81  ? -11.507 1.263   5.501   1.00 22.41 ? 62  ALA A CB  1 
ATOM   587 N  N   . LEU A 1 82  ? -10.822 0.472   2.420   1.00 21.00 ? 63  LEU A N   1 
ATOM   588 C  CA  . LEU A 1 82  ? -9.909  0.312   1.296   1.00 22.48 ? 63  LEU A CA  1 
ATOM   589 C  C   . LEU A 1 82  ? -10.295 1.148   0.067   1.00 21.69 ? 63  LEU A C   1 
ATOM   590 O  O   . LEU A 1 82  ? -9.443  1.755   -0.613  1.00 22.15 ? 63  LEU A O   1 
ATOM   591 C  CB  . LEU A 1 82  ? -9.762  -1.188  0.935   1.00 22.91 ? 63  LEU A CB  1 
ATOM   592 C  CG  . LEU A 1 82  ? -8.866  -1.501  -0.279  1.00 25.98 ? 63  LEU A CG  1 
ATOM   593 C  CD1 . LEU A 1 82  ? -7.453  -0.922  -0.170  1.00 23.16 ? 63  LEU A CD1 1 
ATOM   594 C  CD2 . LEU A 1 82  ? -8.808  -3.022  -0.532  1.00 27.52 ? 63  LEU A CD2 1 
ATOM   595 N  N   . LYS A 1 83  ? -11.591 1.161   -0.259  1.00 21.62 ? 64  LYS A N   1 
ATOM   596 C  CA  . LYS A 1 83  ? -12.074 1.981   -1.364  1.00 23.17 ? 64  LYS A CA  1 
ATOM   597 C  C   . LYS A 1 83  ? -11.750 3.456   -1.126  1.00 21.68 ? 64  LYS A C   1 
ATOM   598 O  O   . LYS A 1 83  ? -11.286 4.161   -2.013  1.00 24.19 ? 64  LYS A O   1 
ATOM   599 C  CB  . LYS A 1 83  ? -13.584 1.815   -1.538  1.00 22.51 ? 64  LYS A CB  1 
ATOM   600 C  CG  . LYS A 1 83  ? -14.144 2.416   -2.819  1.00 26.17 ? 64  LYS A CG  1 
ATOM   601 C  CD  . LYS A 1 83  ? -15.651 2.197   -2.899  1.00 27.24 ? 64  LYS A CD  1 
ATOM   602 N  N   . HIS A 1 84  ? -11.979 3.921   0.096   1.00 22.47 ? 65  HIS A N   1 
ATOM   603 C  CA  . HIS A 1 84  ? -11.661 5.303   0.426   1.00 21.12 ? 65  HIS A CA  1 
ATOM   604 C  C   . HIS A 1 84  ? -10.154 5.561   0.247   1.00 20.41 ? 65  HIS A C   1 
ATOM   605 O  O   . HIS A 1 84  ? -9.736  6.562   -0.341  1.00 20.80 ? 65  HIS A O   1 
ATOM   606 C  CB  . HIS A 1 84  ? -12.078 5.620   1.862   1.00 20.04 ? 65  HIS A CB  1 
ATOM   607 C  CG  . HIS A 1 84  ? -11.605 6.959   2.324   1.00 21.44 ? 65  HIS A CG  1 
ATOM   608 N  ND1 . HIS A 1 84  ? -12.231 8.132   1.966   1.00 22.94 ? 65  HIS A ND1 1 
ATOM   609 C  CD2 . HIS A 1 84  ? -10.540 7.312   3.084   1.00 21.68 ? 65  HIS A CD2 1 
ATOM   610 C  CE1 . HIS A 1 84  ? -11.575 9.153   2.494   1.00 22.93 ? 65  HIS A CE1 1 
ATOM   611 N  NE2 . HIS A 1 84  ? -10.546 8.684   3.176   1.00 22.70 ? 65  HIS A NE2 1 
ATOM   612 N  N   . HIS A 1 85  ? -9.356  4.651   0.783   1.00 20.02 ? 66  HIS A N   1 
ATOM   613 C  CA  . HIS A 1 85  ? -7.905  4.776   0.769   1.00 20.53 ? 66  HIS A CA  1 
ATOM   614 C  C   . HIS A 1 85  ? -7.383  5.029   -0.631  1.00 21.18 ? 66  HIS A C   1 
ATOM   615 O  O   . HIS A 1 85  ? -6.561  5.917   -0.850  1.00 22.06 ? 66  HIS A O   1 
ATOM   616 C  CB  . HIS A 1 85  ? -7.278  3.488   1.303   1.00 20.73 ? 66  HIS A CB  1 
ATOM   617 C  CG  . HIS A 1 85  ? -5.797  3.469   1.221   1.00 20.11 ? 66  HIS A CG  1 
ATOM   618 N  ND1 . HIS A 1 85  ? -5.003  4.190   2.091   1.00 23.17 ? 66  HIS A ND1 1 
ATOM   619 C  CD2 . HIS A 1 85  ? -4.955  2.829   0.374   1.00 21.68 ? 66  HIS A CD2 1 
ATOM   620 C  CE1 . HIS A 1 85  ? -3.732  3.971   1.788   1.00 21.30 ? 66  HIS A CE1 1 
ATOM   621 N  NE2 . HIS A 1 85  ? -3.672  3.180   0.732   1.00 22.48 ? 66  HIS A NE2 1 
ATOM   622 N  N   . GLY A 1 86  ? -7.878  4.249   -1.585  1.00 22.81 ? 67  GLY A N   1 
ATOM   623 C  CA  . GLY A 1 86  ? -7.341  4.265   -2.941  1.00 23.86 ? 67  GLY A CA  1 
ATOM   624 C  C   . GLY A 1 86  ? -7.709  5.491   -3.751  1.00 25.98 ? 67  GLY A C   1 
ATOM   625 O  O   . GLY A 1 86  ? -7.149  5.736   -4.826  1.00 28.56 ? 67  GLY A O   1 
ATOM   626 N  N   . GLY A 1 87  ? -8.650  6.276   -3.246  1.00 24.32 ? 68  GLY A N   1 
ATOM   627 C  CA  . GLY A 1 87  ? -9.161  7.444   -3.971  1.00 23.84 ? 68  GLY A CA  1 
ATOM   628 C  C   . GLY A 1 87  ? -8.824  8.826   -3.448  1.00 23.38 ? 68  GLY A C   1 
ATOM   629 O  O   . GLY A 1 87  ? -9.250  9.816   -4.016  1.00 24.26 ? 68  GLY A O   1 
ATOM   630 N  N   . THR A 1 88  ? -8.067  8.919   -2.354  1.00 23.09 ? 69  THR A N   1 
ATOM   631 C  CA  . THR A 1 88  ? -7.742  10.210  -1.800  1.00 20.12 ? 69  THR A CA  1 
ATOM   632 C  C   . THR A 1 88  ? -6.798  11.032  -2.694  1.00 21.38 ? 69  THR A C   1 
ATOM   633 O  O   . THR A 1 88  ? -6.019  10.462  -3.463  1.00 22.44 ? 69  THR A O   1 
ATOM   634 C  CB  . THR A 1 88  ? -7.091  10.127  -0.406  1.00 20.16 ? 69  THR A CB  1 
ATOM   635 O  OG1 . THR A 1 88  ? -5.771  9.587   -0.524  1.00 21.32 ? 69  THR A OG1 1 
ATOM   636 C  CG2 . THR A 1 88  ? -7.949  9.289   0.561   1.00 21.73 ? 69  THR A CG2 1 
ATOM   637 N  N   A ASP A 1 89  ? -6.868  12.359  -2.593  0.50 21.74 ? 70  ASP A N   1 
ATOM   638 N  N   B ASP A 1 89  ? -6.904  12.355  -2.585  0.50 22.11 ? 70  ASP A N   1 
ATOM   639 C  CA  A ASP A 1 89  ? -5.978  13.221  -3.393  0.50 22.68 ? 70  ASP A CA  1 
ATOM   640 C  CA  B ASP A 1 89  ? -6.013  13.260  -3.309  0.50 23.74 ? 70  ASP A CA  1 
ATOM   641 C  C   A ASP A 1 89  ? -4.503  13.047  -3.030  0.50 22.91 ? 70  ASP A C   1 
ATOM   642 C  C   B ASP A 1 89  ? -4.568  12.891  -3.040  0.50 23.25 ? 70  ASP A C   1 
ATOM   643 O  O   A ASP A 1 89  ? -3.626  13.159  -3.889  0.50 20.04 ? 70  ASP A O   1 
ATOM   644 O  O   B ASP A 1 89  ? -3.799  12.678  -3.974  0.50 20.91 ? 70  ASP A O   1 
ATOM   645 C  CB  A ASP A 1 89  ? -6.382  14.706  -3.299  0.50 22.64 ? 70  ASP A CB  1 
ATOM   646 C  CB  B ASP A 1 89  ? -6.245  14.715  -2.889  0.50 23.83 ? 70  ASP A CB  1 
ATOM   647 C  CG  A ASP A 1 89  ? -6.409  15.239  -1.867  0.50 23.13 ? 70  ASP A CG  1 
ATOM   648 C  CG  B ASP A 1 89  ? -7.592  15.247  -3.331  0.50 28.38 ? 70  ASP A CG  1 
ATOM   649 O  OD1 A ASP A 1 89  ? -6.219  14.461  -0.909  0.50 26.82 ? 70  ASP A OD1 1 
ATOM   650 O  OD1 B ASP A 1 89  ? -8.426  14.466  -3.838  0.50 32.22 ? 70  ASP A OD1 1 
ATOM   651 O  OD2 A ASP A 1 89  ? -6.668  16.449  -1.700  0.50 30.53 ? 70  ASP A OD2 1 
ATOM   652 O  OD2 B ASP A 1 89  ? -7.811  16.458  -3.163  0.50 27.48 ? 70  ASP A OD2 1 
ATOM   653 N  N   . TYR A 1 90  ? -4.217  12.793  -1.756  1.00 22.71 ? 71  TYR A N   1 
ATOM   654 C  CA  . TYR A 1 90  ? -2.841  12.561  -1.343  1.00 21.39 ? 71  TYR A CA  1 
ATOM   655 C  C   . TYR A 1 90  ? -2.307  11.201  -1.781  1.00 21.45 ? 71  TYR A C   1 
ATOM   656 O  O   . TYR A 1 90  ? -1.134  11.085  -2.090  1.00 21.72 ? 71  TYR A O   1 
ATOM   657 C  CB  . TYR A 1 90  ? -2.642  12.844  0.165   1.00 20.88 ? 71  TYR A CB  1 
ATOM   658 C  CG  . TYR A 1 90  ? -3.518  12.052  1.101   1.00 20.90 ? 71  TYR A CG  1 
ATOM   659 C  CD1 . TYR A 1 90  ? -3.131  10.800  1.554   1.00 19.86 ? 71  TYR A CD1 1 
ATOM   660 C  CD2 . TYR A 1 90  ? -4.715  12.574  1.572   1.00 18.22 ? 71  TYR A CD2 1 
ATOM   661 C  CE1 . TYR A 1 90  ? -3.956  10.068  2.412   1.00 20.99 ? 71  TYR A CE1 1 
ATOM   662 C  CE2 . TYR A 1 90  ? -5.522  11.868  2.445   1.00 18.57 ? 71  TYR A CE2 1 
ATOM   663 C  CZ  . TYR A 1 90  ? -5.132  10.627  2.872   1.00 22.83 ? 71  TYR A CZ  1 
ATOM   664 O  OH  . TYR A 1 90  ? -5.956  9.929   3.737   1.00 20.01 ? 71  TYR A OH  1 
ATOM   665 N  N   . PHE A 1 91  ? -3.148  10.179  -1.811  1.00 20.49 ? 72  PHE A N   1 
ATOM   666 C  CA  . PHE A 1 91  ? -2.735  8.892   -2.378  1.00 21.46 ? 72  PHE A CA  1 
ATOM   667 C  C   . PHE A 1 91  ? -2.403  9.027   -3.875  1.00 23.51 ? 72  PHE A C   1 
ATOM   668 O  O   . PHE A 1 91  ? -1.367  8.558   -4.346  1.00 22.21 ? 72  PHE A O   1 
ATOM   669 C  CB  . PHE A 1 91  ? -3.804  7.818   -2.164  1.00 21.18 ? 72  PHE A CB  1 
ATOM   670 C  CG  . PHE A 1 91  ? -3.432  6.486   -2.662  1.00 24.90 ? 72  PHE A CG  1 
ATOM   671 C  CD1 . PHE A 1 91  ? -2.735  5.597   -1.864  1.00 25.04 ? 72  PHE A CD1 1 
ATOM   672 C  CD2 . PHE A 1 91  ? -3.816  6.084   -3.929  1.00 28.02 ? 72  PHE A CD2 1 
ATOM   673 C  CE1 . PHE A 1 91  ? -2.390  4.342   -2.325  1.00 28.27 ? 72  PHE A CE1 1 
ATOM   674 C  CE2 . PHE A 1 91  ? -3.490  4.830   -4.390  1.00 29.58 ? 72  PHE A CE2 1 
ATOM   675 C  CZ  . PHE A 1 91  ? -2.783  3.951   -3.591  1.00 28.23 ? 72  PHE A CZ  1 
ATOM   676 N  N   . LYS A 1 92  ? -3.287  9.701   -4.605  1.00 22.96 ? 73  LYS A N   1 
ATOM   677 C  CA  . LYS A 1 92  ? -3.070  9.920   -6.025  1.00 23.59 ? 73  LYS A CA  1 
ATOM   678 C  C   . LYS A 1 92  ? -1.815  10.758  -6.308  1.00 21.93 ? 73  LYS A C   1 
ATOM   679 O  O   . LYS A 1 92  ? -1.041  10.396  -7.212  1.00 26.08 ? 73  LYS A O   1 
ATOM   680 C  CB  . LYS A 1 92  ? -4.333  10.502  -6.664  1.00 23.91 ? 73  LYS A CB  1 
ATOM   681 C  CG  . LYS A 1 92  ? -5.511  9.511   -6.682  1.00 24.03 ? 73  LYS A CG  1 
ATOM   682 C  CD  . LYS A 1 92  ? -6.756  10.032  -7.373  1.00 26.37 ? 73  LYS A CD  1 
ATOM   683 C  CE  . LYS A 1 92  ? -7.342  11.262  -6.732  1.00 31.69 ? 73  LYS A CE  1 
ATOM   684 N  NZ  . LYS A 1 92  ? -8.484  11.808  -7.513  1.00 29.63 ? 73  LYS A NZ  1 
ATOM   685 N  N   . ALA A 1 93  ? -1.591  11.811  -5.538  1.00 21.15 ? 74  ALA A N   1 
ATOM   686 C  CA  . ALA A 1 93  ? -0.428  12.678  -5.695  1.00 23.51 ? 74  ALA A CA  1 
ATOM   687 C  C   . ALA A 1 93  ? 0.828   11.867  -5.384  1.00 23.72 ? 74  ALA A C   1 
ATOM   688 O  O   . ALA A 1 93  ? 1.839   11.970  -6.087  1.00 23.10 ? 74  ALA A O   1 
ATOM   689 C  CB  . ALA A 1 93  ? -0.521  13.908  -4.791  1.00 26.06 ? 74  ALA A CB  1 
ATOM   690 N  N   . ALA A 1 94  ? 0.780   11.068  -4.315  1.00 22.46 ? 75  ALA A N   1 
ATOM   691 C  CA  . ALA A 1 94  ? 1.967   10.259  -3.970  1.00 23.19 ? 75  ALA A CA  1 
ATOM   692 C  C   . ALA A 1 94  ? 2.307   9.244   -5.046  1.00 22.26 ? 75  ALA A C   1 
ATOM   693 O  O   . ALA A 1 94  ? 3.476   9.073   -5.399  1.00 24.03 ? 75  ALA A O   1 
ATOM   694 C  CB  . ALA A 1 94  ? 1.758   9.545   -2.613  1.00 21.33 ? 75  ALA A CB  1 
ATOM   695 N  N   . GLY A 1 95  ? 1.302   8.581   -5.598  1.00 23.32 ? 76  GLY A N   1 
ATOM   696 C  CA  . GLY A 1 95  ? 1.491   7.643   -6.673  1.00 23.67 ? 76  GLY A CA  1 
ATOM   697 C  C   . GLY A 1 95  ? 2.174   8.305   -7.869  1.00 24.80 ? 76  GLY A C   1 
ATOM   698 O  O   . GLY A 1 95  ? 3.110   7.749   -8.437  1.00 25.44 ? 76  GLY A O   1 
ATOM   699 N  N   . ALA A 1 96  ? 1.716   9.500   -8.234  1.00 23.12 ? 77  ALA A N   1 
ATOM   700 C  CA  . ALA A 1 96  ? 2.338   10.259  -9.336  1.00 24.16 ? 77  ALA A CA  1 
ATOM   701 C  C   . ALA A 1 96  ? 3.805   10.597  -9.063  1.00 24.21 ? 77  ALA A C   1 
ATOM   702 O  O   . ALA A 1 96  ? 4.645   10.580  -9.980  1.00 23.69 ? 77  ALA A O   1 
ATOM   703 C  CB  . ALA A 1 96  ? 1.546   11.558  -9.591  1.00 23.75 ? 77  ALA A CB  1 
ATOM   704 N  N   . ALA A 1 97  ? 4.109   10.918  -7.804  1.00 24.49 ? 78  ALA A N   1 
ATOM   705 C  CA  . ALA A 1 97  ? 5.471   11.270  -7.391  1.00 23.01 ? 78  ALA A CA  1 
ATOM   706 C  C   . ALA A 1 97  ? 6.387   10.025  -7.359  1.00 24.85 ? 78  ALA A C   1 
ATOM   707 O  O   . ALA A 1 97  ? 7.572   10.128  -7.676  1.00 28.77 ? 78  ALA A O   1 
ATOM   708 C  CB  . ALA A 1 97  ? 5.456   11.990  -6.024  1.00 23.53 ? 78  ALA A CB  1 
HETATM 709 N  N   A MSE A 1 98  ? 5.853   8.865   -6.998  0.50 24.04 ? 79  MSE A N   1 
HETATM 710 N  N   B MSE A 1 98  ? 5.811   8.885   -6.977  0.50 26.70 ? 79  MSE A N   1 
HETATM 711 C  CA  A MSE A 1 98  ? 6.672   7.645   -6.876  0.50 23.45 ? 79  MSE A CA  1 
HETATM 712 C  CA  B MSE A 1 98  ? 6.528   7.611   -6.834  0.50 28.50 ? 79  MSE A CA  1 
HETATM 713 C  C   A MSE A 1 98  ? 6.803   6.822   -8.128  0.50 25.30 ? 79  MSE A C   1 
HETATM 714 C  C   B MSE A 1 98  ? 6.819   6.908   -8.132  0.50 27.14 ? 79  MSE A C   1 
HETATM 715 O  O   A MSE A 1 98  ? 7.720   6.008   -8.230  0.50 22.67 ? 79  MSE A O   1 
HETATM 716 O  O   B MSE A 1 98  ? 7.863   6.279   -8.273  0.50 23.55 ? 79  MSE A O   1 
HETATM 717 C  CB  A MSE A 1 98  ? 6.128   6.729   -5.782  0.50 24.13 ? 79  MSE A CB  1 
HETATM 718 C  CB  B MSE A 1 98  ? 5.723   6.628   -5.974  0.50 29.92 ? 79  MSE A CB  1 
HETATM 719 C  CG  A MSE A 1 98  ? 6.238   7.332   -4.454  0.50 24.91 ? 79  MSE A CG  1 
HETATM 720 C  CG  B MSE A 1 98  ? 5.715   6.968   -4.532  0.50 31.43 ? 79  MSE A CG  1 
HETATM 721 SE SE  A MSE A 1 98  ? 5.494   6.197   -3.096  0.37 23.98 ? 79  MSE A SE  1 
HETATM 722 SE SE  B MSE A 1 98  ? 4.941   5.534   -3.492  0.38 42.98 ? 79  MSE A SE  1 
HETATM 723 C  CE  A MSE A 1 98  ? 4.418   4.874   -4.226  0.50 20.28 ? 79  MSE A CE  1 
HETATM 724 C  CE  B MSE A 1 98  ? 3.099   6.013   -3.483  0.50 23.44 ? 79  MSE A CE  1 
ATOM   725 N  N   . GLY A 1 99  ? 5.879   6.979   -9.073  1.00 26.30 ? 80  GLY A N   1 
ATOM   726 C  CA  . GLY A 1 99  ? 5.974   6.253   -10.330 1.00 26.10 ? 80  GLY A CA  1 
ATOM   727 C  C   . GLY A 1 99  ? 7.350   6.304   -10.973 1.00 25.79 ? 80  GLY A C   1 
ATOM   728 O  O   . GLY A 1 99  ? 7.878   5.271   -11.334 1.00 24.50 ? 80  GLY A O   1 
ATOM   729 N  N   . PRO A 1 100 ? 7.921   7.510   -11.138 1.00 23.61 ? 81  PRO A N   1 
ATOM   730 C  CA  . PRO A 1 100 ? 9.220   7.607   -11.799 1.00 24.86 ? 81  PRO A CA  1 
ATOM   731 C  C   . PRO A 1 100 ? 10.372  6.932   -11.094 1.00 22.33 ? 81  PRO A C   1 
ATOM   732 O  O   . PRO A 1 100 ? 11.422  6.750   -11.721 1.00 24.95 ? 81  PRO A O   1 
ATOM   733 C  CB  . PRO A 1 100 ? 9.462   9.128   -11.908 1.00 26.22 ? 81  PRO A CB  1 
ATOM   734 C  CG  . PRO A 1 100 ? 8.145   9.741   -11.703 1.00 27.76 ? 81  PRO A CG  1 
ATOM   735 C  CD  . PRO A 1 100 ? 7.349   8.836   -10.851 1.00 26.96 ? 81  PRO A CD  1 
ATOM   736 N  N   . THR A 1 101 ? 10.193  6.561   -9.811  1.00 20.22 ? 82  THR A N   1 
ATOM   737 C  CA  . THR A 1 101 ? 11.230  5.823   -9.080  1.00 19.33 ? 82  THR A CA  1 
ATOM   738 C  C   . THR A 1 101 ? 11.175  4.315   -9.314  1.00 19.43 ? 82  THR A C   1 
ATOM   739 O  O   . THR A 1 101 ? 12.045  3.593   -8.858  1.00 19.86 ? 82  THR A O   1 
ATOM   740 C  CB  . THR A 1 101 ? 11.212  6.079   -7.544  1.00 19.62 ? 82  THR A CB  1 
ATOM   741 O  OG1 . THR A 1 101 ? 10.057  5.464   -6.945  1.00 19.89 ? 82  THR A OG1 1 
ATOM   742 C  CG2 . THR A 1 101 ? 11.244  7.570   -7.229  1.00 21.25 ? 82  THR A CG2 1 
HETATM 743 N  N   . MSE A 1 102 ? 10.095  3.836   -9.932  1.00 21.76 ? 83  MSE A N   1 
HETATM 744 C  CA  . MSE A 1 102 ? 9.872   2.404   -10.033 1.00 20.38 ? 83  MSE A CA  1 
HETATM 745 C  C   . MSE A 1 102 ? 10.770  1.723   -11.061 1.00 20.71 ? 83  MSE A C   1 
HETATM 746 O  O   . MSE A 1 102 ? 11.111  2.314   -12.091 1.00 19.87 ? 83  MSE A O   1 
HETATM 747 C  CB  . MSE A 1 102 ? 8.402   2.118   -10.351 1.00 22.41 ? 83  MSE A CB  1 
HETATM 748 C  CG  . MSE A 1 102 ? 7.466   2.570   -9.277  1.00 23.81 ? 83  MSE A CG  1 
HETATM 749 SE SE  . MSE A 1 102 ? 7.705   1.563   -7.616  0.75 24.91 ? 83  MSE A SE  1 
HETATM 750 C  CE  . MSE A 1 102 ? 7.235   2.892   -6.393  1.00 29.89 ? 83  MSE A CE  1 
ATOM   751 N  N   . ALA A 1 103 ? 11.159  0.481   -10.764 1.00 18.09 ? 84  ALA A N   1 
ATOM   752 C  CA  . ALA A 1 103 ? 11.957  -0.362  -11.667 1.00 18.72 ? 84  ALA A CA  1 
ATOM   753 C  C   . ALA A 1 103 ? 11.076  -1.360  -12.419 1.00 20.19 ? 84  ALA A C   1 
ATOM   754 O  O   . ALA A 1 103 ? 11.424  -1.806  -13.513 1.00 22.89 ? 84  ALA A O   1 
ATOM   755 C  CB  . ALA A 1 103 ? 13.045  -1.108  -10.856 1.00 20.92 ? 84  ALA A CB  1 
ATOM   756 N  N   . GLY A 1 104 ? 9.924   -1.701  -11.847 1.00 21.64 ? 85  GLY A N   1 
ATOM   757 C  CA  . GLY A 1 104 ? 9.053   -2.713  -12.403 1.00 21.90 ? 85  GLY A CA  1 
ATOM   758 C  C   . GLY A 1 104 ? 7.668   -2.635  -11.820 1.00 20.33 ? 85  GLY A C   1 
ATOM   759 O  O   . GLY A 1 104 ? 7.437   -1.884  -10.853 1.00 19.40 ? 85  GLY A O   1 
ATOM   760 N  N   . ALA A 1 105 ? 6.746   -3.429  -12.365 1.00 21.93 ? 86  ALA A N   1 
ATOM   761 C  CA  . ALA A 1 105 ? 5.369   -3.378  -11.927 1.00 20.07 ? 86  ALA A CA  1 
ATOM   762 C  C   . ALA A 1 105 ? 5.202   -3.927  -10.521 1.00 20.81 ? 86  ALA A C   1 
ATOM   763 O  O   . ALA A 1 105 ? 5.819   -4.946  -10.191 1.00 21.30 ? 86  ALA A O   1 
ATOM   764 C  CB  . ALA A 1 105 ? 4.431   -4.123  -12.879 1.00 19.59 ? 86  ALA A CB  1 
ATOM   765 N  N   . PRO A 1 106 ? 4.333   -3.295  -9.745  1.00 19.00 ? 87  PRO A N   1 
ATOM   766 C  CA  . PRO A 1 106 ? 3.986   -3.761  -8.394  1.00 19.90 ? 87  PRO A CA  1 
ATOM   767 C  C   . PRO A 1 106 ? 3.213   -5.057  -8.455  1.00 22.56 ? 87  PRO A C   1 
ATOM   768 O  O   . PRO A 1 106 ? 2.594   -5.378  -9.462  1.00 23.08 ? 87  PRO A O   1 
ATOM   769 C  CB  . PRO A 1 106 ? 3.144   -2.637  -7.828  1.00 23.21 ? 87  PRO A CB  1 
ATOM   770 C  CG  . PRO A 1 106 ? 2.659   -1.907  -8.944  1.00 27.95 ? 87  PRO A CG  1 
ATOM   771 C  CD  . PRO A 1 106 ? 3.627   -2.044  -10.058 1.00 21.44 ? 87  PRO A CD  1 
ATOM   772 N  N   . VAL A 1 107 ? 3.315   -5.840  -7.401  1.00 22.20 ? 88  VAL A N   1 
ATOM   773 C  CA  . VAL A 1 107 ? 2.497   -7.034  -7.265  1.00 22.52 ? 88  VAL A CA  1 
ATOM   774 C  C   . VAL A 1 107 ? 1.741   -6.852  -5.964  1.00 22.88 ? 88  VAL A C   1 
ATOM   775 O  O   . VAL A 1 107 ? 2.345   -6.727  -4.861  1.00 21.92 ? 88  VAL A O   1 
ATOM   776 C  CB  . VAL A 1 107 ? 3.347   -8.322  -7.268  1.00 22.54 ? 88  VAL A CB  1 
ATOM   777 C  CG1 . VAL A 1 107 ? 2.445   -9.534  -6.930  1.00 28.26 ? 88  VAL A CG1 1 
ATOM   778 C  CG2 . VAL A 1 107 ? 4.062   -8.518  -8.601  1.00 26.49 ? 88  VAL A CG2 1 
ATOM   779 N  N   . ILE A 1 108 ? 0.422   -6.758  -6.063  1.00 24.34 ? 89  ILE A N   1 
ATOM   780 C  CA  . ILE A 1 108 ? -0.415  -6.543  -4.905  1.00 22.16 ? 89  ILE A CA  1 
ATOM   781 C  C   . ILE A 1 108 ? -1.189  -7.835  -4.625  1.00 22.98 ? 89  ILE A C   1 
ATOM   782 O  O   . ILE A 1 108 ? -1.775  -8.422  -5.538  1.00 25.08 ? 89  ILE A O   1 
ATOM   783 C  CB  . ILE A 1 108 ? -1.371  -5.321  -5.027  1.00 25.44 ? 89  ILE A CB  1 
ATOM   784 C  CG1 . ILE A 1 108 ? -0.669  -3.979  -4.755  1.00 31.33 ? 89  ILE A CG1 1 
ATOM   785 C  CG2 . ILE A 1 108 ? -2.469  -5.324  -3.982  1.00 29.14 ? 89  ILE A CG2 1 
ATOM   786 C  CD1 . ILE A 1 108 ? 0.672   -3.787  -5.295  1.00 28.75 ? 89  ILE A CD1 1 
ATOM   787 N  N   . GLU A 1 109 ? -1.165  -8.278  -3.367  1.00 21.11 ? 90  GLU A N   1 
ATOM   788 C  CA  . GLU A 1 109 ? -1.946  -9.447  -2.948  1.00 22.02 ? 90  GLU A CA  1 
ATOM   789 C  C   . GLU A 1 109 ? -2.903  -9.005  -1.850  1.00 18.93 ? 90  GLU A C   1 
ATOM   790 O  O   . GLU A 1 109 ? -2.472  -8.510  -0.783  1.00 20.69 ? 90  GLU A O   1 
ATOM   791 C  CB  . GLU A 1 109 ? -1.038  -10.556 -2.428  1.00 20.43 ? 90  GLU A CB  1 
ATOM   792 C  CG  . GLU A 1 109 ? -1.841  -11.779 -2.030  1.00 22.31 ? 90  GLU A CG  1 
ATOM   793 C  CD  . GLU A 1 109 ? -1.005  -12.956 -1.623  1.00 23.42 ? 90  GLU A CD  1 
ATOM   794 O  OE1 . GLU A 1 109 ? 0.214   -12.828 -1.384  1.00 25.69 ? 90  GLU A OE1 1 
ATOM   795 O  OE2 . GLU A 1 109 ? -1.625  -14.036 -1.515  1.00 28.41 ? 90  GLU A OE2 1 
ATOM   796 N  N   . TYR A 1 110 ? -4.205  -9.197  -2.053  1.00 19.33 ? 91  TYR A N   1 
ATOM   797 C  CA  . TYR A 1 110 ? -5.215  -8.941  -1.057  1.00 19.01 ? 91  TYR A CA  1 
ATOM   798 C  C   . TYR A 1 110 ? -5.497  -10.246 -0.325  1.00 20.45 ? 91  TYR A C   1 
ATOM   799 O  O   . TYR A 1 110 ? -5.435  -11.311 -0.933  1.00 23.22 ? 91  TYR A O   1 
ATOM   800 C  CB  . TYR A 1 110 ? -6.494  -8.453  -1.721  1.00 21.41 ? 91  TYR A CB  1 
ATOM   801 C  CG  . TYR A 1 110 ? -6.356  -7.082  -2.377  1.00 19.78 ? 91  TYR A CG  1 
ATOM   802 C  CD1 . TYR A 1 110 ? -6.295  -5.945  -1.599  1.00 23.07 ? 91  TYR A CD1 1 
ATOM   803 C  CD2 . TYR A 1 110 ? -6.293  -6.954  -3.733  1.00 22.75 ? 91  TYR A CD2 1 
ATOM   804 C  CE1 . TYR A 1 110 ? -6.176  -4.685  -2.186  1.00 23.68 ? 91  TYR A CE1 1 
ATOM   805 C  CE2 . TYR A 1 110 ? -6.187  -5.701  -4.314  1.00 22.08 ? 91  TYR A CE2 1 
ATOM   806 C  CZ  . TYR A 1 110 ? -6.140  -4.599  -3.532  1.00 22.21 ? 91  TYR A CZ  1 
ATOM   807 O  OH  . TYR A 1 110 ? -6.028  -3.317  -4.101  1.00 26.32 ? 91  TYR A OH  1 
ATOM   808 N  N   . LEU A 1 111 ? -5.742  -10.132 0.958   1.00 19.55 ? 92  LEU A N   1 
ATOM   809 C  CA  . LEU A 1 111 ? -5.880  -11.273 1.871   1.00 20.47 ? 92  LEU A CA  1 
ATOM   810 C  C   . LEU A 1 111 ? -7.092  -11.049 2.781   1.00 20.41 ? 92  LEU A C   1 
ATOM   811 O  O   . LEU A 1 111 ? -7.415  -9.918  3.153   1.00 21.91 ? 92  LEU A O   1 
ATOM   812 C  CB  . LEU A 1 111 ? -4.602  -11.375 2.706   1.00 21.34 ? 92  LEU A CB  1 
ATOM   813 C  CG  . LEU A 1 111 ? -3.283  -11.610 1.931   1.00 22.33 ? 92  LEU A CG  1 
ATOM   814 C  CD1 . LEU A 1 111 ? -2.084  -11.062 2.696   1.00 22.47 ? 92  LEU A CD1 1 
ATOM   815 C  CD2 . LEU A 1 111 ? -3.065  -13.101 1.574   1.00 21.13 ? 92  LEU A CD2 1 
ATOM   816 N  N   . ASP A 1 112 ? -7.795  -12.129 3.142   1.00 20.52 ? 93  ASP A N   1 
ATOM   817 C  CA  . ASP A 1 112 ? -8.914  -12.019 4.047   1.00 19.14 ? 93  ASP A CA  1 
ATOM   818 C  C   . ASP A 1 112 ? -8.416  -12.163 5.465   1.00 20.11 ? 93  ASP A C   1 
ATOM   819 O  O   . ASP A 1 112 ? -7.929  -13.223 5.819   1.00 20.77 ? 93  ASP A O   1 
ATOM   820 C  CB  . ASP A 1 112 ? -9.944  -13.137 3.790   1.00 20.46 ? 93  ASP A CB  1 
ATOM   821 C  CG  . ASP A 1 112 ? -10.507 -13.129 2.367   1.00 25.94 ? 93  ASP A CG  1 
ATOM   822 O  OD1 . ASP A 1 112 ? -10.400 -12.102 1.662   1.00 28.57 ? 93  ASP A OD1 1 
ATOM   823 O  OD2 . ASP A 1 112 ? -11.076 -14.165 1.955   1.00 26.65 ? 93  ASP A OD2 1 
ATOM   824 N  N   . ALA A 1 113 ? -8.550  -11.129 6.278   1.00 20.40 ? 94  ALA A N   1 
ATOM   825 C  CA  . ALA A 1 113 ? -8.074  -11.229 7.661   1.00 23.31 ? 94  ALA A CA  1 
ATOM   826 C  C   . ALA A 1 113 ? -9.004  -12.129 8.487   1.00 27.12 ? 94  ALA A C   1 
ATOM   827 O  O   . ALA A 1 113 ? -10.248 -12.151 8.287   1.00 30.40 ? 94  ALA A O   1 
ATOM   828 C  CB  . ALA A 1 113 ? -7.868  -9.849  8.238   1.00 29.12 ? 94  ALA A CB  1 
ATOM   829 N  N   . VAL A 1 114 ? -8.412  -12.985 9.313   1.00 24.64 ? 95  VAL A N   1 
ATOM   830 C  CA  . VAL A 1 114 ? -9.173  -13.986 10.102  1.00 24.47 ? 95  VAL A CA  1 
ATOM   831 C  C   . VAL A 1 114 ? -9.253  -13.444 11.505  1.00 28.20 ? 95  VAL A C   1 
ATOM   832 O  O   . VAL A 1 114 ? -8.233  -13.074 12.079  1.00 28.75 ? 95  VAL A O   1 
ATOM   833 C  CB  . VAL A 1 114 ? -8.475  -15.363 10.147  1.00 25.21 ? 95  VAL A CB  1 
ATOM   834 C  CG1 . VAL A 1 114 ? -9.278  -16.390 11.030  1.00 26.58 ? 95  VAL A CG1 1 
ATOM   835 C  CG2 . VAL A 1 114 ? -8.226  -15.893 8.765   1.00 26.11 ? 95  VAL A CG2 1 
ATOM   836 N  N   . GLU A 1 115 ? -10.463 -13.371 12.054  1.00 36.04 ? 96  GLU A N   1 
ATOM   837 C  CA  . GLU A 1 115 ? -10.604 -12.906 13.434  1.00 39.64 ? 96  GLU A CA  1 
ATOM   838 C  C   . GLU A 1 115 ? -11.618 -13.747 14.206  1.00 41.91 ? 96  GLU A C   1 
ATOM   839 O  O   . GLU A 1 115 ? -12.414 -14.497 13.637  1.00 42.10 ? 96  GLU A O   1 
ATOM   840 C  CB  . GLU A 1 115 ? -10.949 -11.412 13.459  1.00 40.61 ? 96  GLU A CB  1 
ATOM   841 C  CG  . GLU A 1 115 ? -12.407 -11.098 13.251  1.00 43.50 ? 96  GLU A CG  1 
ATOM   842 O  OXT . GLU A 1 115 ? -11.631 -13.702 15.438  1.00 45.86 ? 96  GLU A OXT 1 
HETATM 843 C  C1  . EDO B 2 .   ? -8.060  9.131   12.170  1.00 52.10 ? 97  EDO A C1  1 
HETATM 844 O  O1  . EDO B 2 .   ? -8.011  10.058  11.087  1.00 48.74 ? 97  EDO A O1  1 
HETATM 845 C  C2  . EDO B 2 .   ? -6.825  8.246   12.111  1.00 49.96 ? 97  EDO A C2  1 
HETATM 846 O  O2  . EDO B 2 .   ? -6.776  7.429   13.280  1.00 57.76 ? 97  EDO A O2  1 
HETATM 847 C  C1  . EDO C 2 .   ? 15.186  -3.964  -0.366  1.00 34.89 ? 98  EDO A C1  1 
HETATM 848 O  O1  . EDO C 2 .   ? 16.536  -4.365  -0.185  1.00 45.57 ? 98  EDO A O1  1 
HETATM 849 C  C2  . EDO C 2 .   ? 15.072  -2.560  -0.897  1.00 31.61 ? 98  EDO A C2  1 
HETATM 850 O  O2  . EDO C 2 .   ? 14.802  -1.657  0.148   1.00 46.94 ? 98  EDO A O2  1 
HETATM 851 O  O   . HOH D 3 .   ? 4.780   -11.952 0.156   0.50 17.76 ? 99  HOH A O   1 
HETATM 852 O  O   . HOH D 3 .   ? 6.551   -1.579  -8.227  1.00 20.17 ? 100 HOH A O   1 
HETATM 853 O  O   . HOH D 3 .   ? 2.828   -8.953  -2.867  1.00 21.15 ? 101 HOH A O   1 
HETATM 854 O  O   . HOH D 3 .   ? -5.119  7.427   0.899   1.00 21.89 ? 102 HOH A O   1 
HETATM 855 O  O   . HOH D 3 .   ? 0.656   9.945   11.056  1.00 23.65 ? 103 HOH A O   1 
HETATM 856 O  O   . HOH D 3 .   ? 4.954   2.968   6.368   1.00 23.72 ? 104 HOH A O   1 
HETATM 857 O  O   . HOH D 3 .   ? -9.035  4.195   4.726   1.00 24.81 ? 105 HOH A O   1 
HETATM 858 O  O   . HOH D 3 .   ? -10.536 5.320   6.835   1.00 25.28 ? 106 HOH A O   1 
HETATM 859 O  O   . HOH D 3 .   ? 18.933  1.395   -2.567  1.00 25.61 ? 107 HOH A O   1 
HETATM 860 O  O   . HOH D 3 .   ? -5.186  -10.566 -4.545  1.00 26.29 ? 108 HOH A O   1 
HETATM 861 O  O   . HOH D 3 .   ? -4.400  -13.796 -1.671  1.00 26.61 ? 109 HOH A O   1 
HETATM 862 O  O   . HOH D 3 .   ? 11.872  -9.894  -0.861  1.00 27.51 ? 110 HOH A O   1 
HETATM 863 O  O   . HOH D 3 .   ? -8.650  10.575  4.071   1.00 27.73 ? 111 HOH A O   1 
HETATM 864 O  O   . HOH D 3 .   ? -14.976 -5.749  4.295   1.00 27.87 ? 112 HOH A O   1 
HETATM 865 O  O   . HOH D 3 .   ? 2.330   -11.323 -1.617  1.00 28.09 ? 113 HOH A O   1 
HETATM 866 O  O   . HOH D 3 .   ? -12.029 -9.796  9.673   1.00 29.18 ? 114 HOH A O   1 
HETATM 867 O  O   . HOH D 3 .   ? 3.926   11.753  -0.475  1.00 29.30 ? 115 HOH A O   1 
HETATM 868 O  O   . HOH D 3 .   ? -0.915  8.763   13.097  1.00 29.32 ? 116 HOH A O   1 
HETATM 869 O  O   . HOH D 3 .   ? -5.273  5.324   11.137  1.00 29.77 ? 117 HOH A O   1 
HETATM 870 O  O   . HOH D 3 .   ? 19.042  2.030   -9.914  1.00 30.07 ? 118 HOH A O   1 
HETATM 871 O  O   . HOH D 3 .   ? -11.253 8.699   -1.302  1.00 30.36 ? 119 HOH A O   1 
HETATM 872 O  O   . HOH D 3 .   ? -0.744  -7.374  -8.631  1.00 30.61 ? 120 HOH A O   1 
HETATM 873 O  O   . HOH D 3 .   ? 13.898  -3.271  -7.524  1.00 31.28 ? 121 HOH A O   1 
HETATM 874 O  O   . HOH D 3 .   ? 3.492   13.570  5.714   1.00 31.42 ? 122 HOH A O   1 
HETATM 875 O  O   . HOH D 3 .   ? 6.648   -7.028  -11.553 1.00 31.99 ? 123 HOH A O   1 
HETATM 876 O  O   . HOH D 3 .   ? -5.768  15.877  7.295   1.00 32.64 ? 124 HOH A O   1 
HETATM 877 O  O   . HOH D 3 .   ? 5.583   7.832   7.918   1.00 32.89 ? 125 HOH A O   1 
HETATM 878 O  O   . HOH D 3 .   ? 6.664   -6.065  -7.732  1.00 33.05 ? 126 HOH A O   1 
HETATM 879 O  O   . HOH D 3 .   ? -17.176 -2.417  3.420   1.00 33.12 ? 127 HOH A O   1 
HETATM 880 O  O   . HOH D 3 .   ? 13.801  6.575   4.941   1.00 33.52 ? 128 HOH A O   1 
HETATM 881 O  O   . HOH D 3 .   ? -4.067  14.137  -6.503  1.00 33.70 ? 129 HOH A O   1 
HETATM 882 O  O   . HOH D 3 .   ? 0.754   -3.962  -11.103 1.00 34.31 ? 130 HOH A O   1 
HETATM 883 O  O   . HOH D 3 .   ? -1.382  -11.081 -6.303  1.00 34.83 ? 131 HOH A O   1 
HETATM 884 O  O   . HOH D 3 .   ? -15.374 -5.114  8.189   1.00 34.92 ? 132 HOH A O   1 
HETATM 885 O  O   . HOH D 3 .   ? -17.424 -4.913  4.879   1.00 35.05 ? 133 HOH A O   1 
HETATM 886 O  O   . HOH D 3 .   ? 18.771  6.693   -3.090  1.00 35.45 ? 134 HOH A O   1 
HETATM 887 O  O   . HOH D 3 .   ? -1.325  1.964   -0.246  1.00 35.58 ? 135 HOH A O   1 
HETATM 888 O  O   . HOH D 3 .   ? -1.671  8.578   -9.057  1.00 35.94 ? 136 HOH A O   1 
HETATM 889 O  O   . HOH D 3 .   ? 0.350   15.193  -8.877  1.00 36.28 ? 137 HOH A O   1 
HETATM 890 O  O   . HOH D 3 .   ? 2.540   14.373  -7.425  1.00 36.34 ? 138 HOH A O   1 
HETATM 891 O  O   . HOH D 3 .   ? -11.863 -16.114 3.485   1.00 36.35 ? 139 HOH A O   1 
HETATM 892 O  O   . HOH D 3 .   ? 16.542  5.778   2.390   1.00 36.60 ? 140 HOH A O   1 
HETATM 893 O  O   . HOH D 3 .   ? 9.364   11.821  4.197   1.00 37.34 ? 141 HOH A O   1 
HETATM 894 O  O   . HOH D 3 .   ? 7.655   -5.168  -14.544 1.00 37.35 ? 142 HOH A O   1 
HETATM 895 O  O   . HOH D 3 .   ? -13.380 -4.286  11.050  1.00 37.37 ? 143 HOH A O   1 
HETATM 896 O  O   . HOH D 3 .   ? -3.555  -12.739 -6.002  1.00 37.46 ? 144 HOH A O   1 
HETATM 897 O  O   . HOH D 3 .   ? 1.708   12.400  0.363   1.00 37.91 ? 145 HOH A O   1 
HETATM 898 O  O   . HOH D 3 .   ? -3.363  -14.457 -3.968  1.00 38.16 ? 146 HOH A O   1 
HETATM 899 O  O   . HOH D 3 .   ? -15.546 4.269   0.872   1.00 38.16 ? 147 HOH A O   1 
HETATM 900 O  O   . HOH D 3 .   ? -8.449  -1.762  -4.071  1.00 38.32 ? 148 HOH A O   1 
HETATM 901 O  O   . HOH D 3 .   ? 11.213  12.434  -2.581  1.00 38.34 ? 149 HOH A O   1 
HETATM 902 O  O   . HOH D 3 .   ? 11.784  10.803  5.303   1.00 38.51 ? 150 HOH A O   1 
HETATM 903 O  O   . HOH D 3 .   ? 13.012  8.907   4.032   1.00 38.54 ? 151 HOH A O   1 
HETATM 904 O  O   . HOH D 3 .   ? 16.132  0.100   -1.474  1.00 38.60 ? 152 HOH A O   1 
HETATM 905 O  O   . HOH D 3 .   ? 18.083  4.262   -11.524 1.00 38.63 ? 153 HOH A O   1 
HETATM 906 O  O   . HOH D 3 .   ? 21.673  1.212   -8.652  0.50 38.66 ? 154 HOH A O   1 
HETATM 907 O  O   . HOH D 3 .   ? 5.472   13.223  7.847   1.00 38.81 ? 155 HOH A O   1 
HETATM 908 O  O   . HOH D 3 .   ? -9.121  13.347  -0.937  1.00 38.92 ? 156 HOH A O   1 
HETATM 909 O  O   . HOH D 3 .   ? 2.784   6.989   -10.990 1.00 39.01 ? 157 HOH A O   1 
HETATM 910 O  O   . HOH D 3 .   ? -8.439  1.025   -3.033  1.00 39.25 ? 158 HOH A O   1 
HETATM 911 O  O   . HOH D 3 .   ? 4.745   14.235  -11.920 1.00 39.66 ? 159 HOH A O   1 
HETATM 912 O  O   . HOH D 3 .   ? 5.568   4.738   8.305   1.00 39.80 ? 160 HOH A O   1 
HETATM 913 O  O   . HOH D 3 .   ? -12.549 -9.113  -0.974  1.00 39.82 ? 161 HOH A O   1 
HETATM 914 O  O   . HOH D 3 .   ? 10.456  -10.617 -3.330  1.00 39.88 ? 162 HOH A O   1 
HETATM 915 O  O   . HOH D 3 .   ? 2.080   -7.379  -11.335 1.00 39.99 ? 163 HOH A O   1 
HETATM 916 O  O   . HOH D 3 .   ? 6.365   12.640  -10.877 1.00 40.38 ? 164 HOH A O   1 
HETATM 917 O  O   . HOH D 3 .   ? -14.602 8.095   0.484   1.00 40.81 ? 165 HOH A O   1 
HETATM 918 O  O   . HOH D 3 .   ? -10.546 3.346   -4.478  1.00 40.91 ? 166 HOH A O   1 
HETATM 919 O  O   . HOH D 3 .   ? -14.883 5.864   -1.116  1.00 41.01 ? 167 HOH A O   1 
HETATM 920 O  O   . HOH D 3 .   ? -11.267 11.247  -0.445  1.00 41.10 ? 168 HOH A O   1 
HETATM 921 O  O   . HOH D 3 .   ? 0.490   13.038  -1.560  1.00 41.25 ? 169 HOH A O   1 
HETATM 922 O  O   . HOH D 3 .   ? -0.026  6.127   -3.709  1.00 41.43 ? 170 HOH A O   1 
HETATM 923 O  O   . HOH D 3 .   ? 14.721  9.510   1.977   1.00 41.46 ? 171 HOH A O   1 
HETATM 924 O  O   . HOH D 3 .   ? -9.367  12.457  2.067   1.00 41.68 ? 172 HOH A O   1 
HETATM 925 O  O   . HOH D 3 .   ? 0.926   -12.521 -5.652  1.00 42.48 ? 173 HOH A O   1 
HETATM 926 O  O   . HOH D 3 .   ? -12.790 -13.498 10.557  1.00 42.67 ? 174 HOH A O   1 
HETATM 927 O  O   . HOH D 3 .   ? -6.301  14.638  -7.205  1.00 42.73 ? 175 HOH A O   1 
HETATM 928 O  O   . HOH D 3 .   ? 7.514   11.542  6.509   1.00 42.73 ? 176 HOH A O   1 
HETATM 929 O  O   . HOH D 3 .   ? 2.939   8.395   11.430  1.00 42.74 ? 177 HOH A O   1 
HETATM 930 O  O   . HOH D 3 .   ? -17.193 -12.260 4.009   1.00 43.45 ? 178 HOH A O   1 
HETATM 931 O  O   . HOH D 3 .   ? 18.981  -8.257  -5.747  1.00 43.48 ? 179 HOH A O   1 
HETATM 932 O  O   . HOH D 3 .   ? 17.261  -4.715  3.585   1.00 43.82 ? 180 HOH A O   1 
HETATM 933 O  O   . HOH D 3 .   ? 16.769  8.268   2.743   1.00 43.97 ? 181 HOH A O   1 
HETATM 934 O  O   . HOH D 3 .   ? -15.986 -14.379 -8.584  1.00 44.15 ? 182 HOH A O   1 
HETATM 935 O  O   . HOH D 3 .   ? -4.348  0.483   14.286  1.00 44.41 ? 183 HOH A O   1 
HETATM 936 O  O   . HOH D 3 .   ? 4.228   8.527   -12.731 1.00 44.50 ? 184 HOH A O   1 
HETATM 937 O  O   . HOH D 3 .   ? -5.815  3.206   13.073  1.00 44.51 ? 185 HOH A O   1 
HETATM 938 O  O   . HOH D 3 .   ? -11.361 1.405   12.028  1.00 44.60 ? 186 HOH A O   1 
HETATM 939 O  O   . HOH D 3 .   ? 5.211   2.918   11.197  1.00 45.07 ? 187 HOH A O   1 
HETATM 940 O  O   . HOH D 3 .   ? 7.191   -8.739  -7.466  1.00 45.52 ? 188 HOH A O   1 
HETATM 941 O  O   . HOH D 3 .   ? -8.070  3.221   13.599  1.00 46.64 ? 189 HOH A O   1 
HETATM 942 O  O   . HOH D 3 .   ? 12.750  6.330   -14.398 1.00 47.64 ? 190 HOH A O   1 
HETATM 943 O  O   . HOH D 3 .   ? -19.478 -11.473 0.388   1.00 48.31 ? 191 HOH A O   1 
HETATM 944 O  O   . HOH D 3 .   ? 17.546  -9.572  -6.812  1.00 48.46 ? 192 HOH A O   1 
HETATM 945 O  O   . HOH D 3 .   ? 4.382   -8.338  -12.312 1.00 48.63 ? 193 HOH A O   1 
HETATM 946 O  O   . HOH D 3 .   ? 6.466   7.620   -14.389 1.00 48.64 ? 194 HOH A O   1 
HETATM 947 O  O   . HOH D 3 .   ? 9.385   14.576  4.196   1.00 49.12 ? 195 HOH A O   1 
HETATM 948 O  O   . HOH D 3 .   ? -12.831 -16.201 12.223  1.00 49.88 ? 196 HOH A O   1 
HETATM 949 O  O   . HOH D 3 .   ? -13.259 -15.121 8.948   1.00 49.99 ? 197 HOH A O   1 
HETATM 950 O  O   . HOH D 3 .   ? -8.037  -0.405  -6.968  1.00 50.00 ? 198 HOH A O   1 
HETATM 951 O  O   . HOH D 3 .   ? 6.122   -10.557 -3.781  1.00 50.02 ? 199 HOH A O   1 
HETATM 952 O  O   . HOH D 3 .   ? -15.452 -16.848 -4.587  1.00 50.42 ? 200 HOH A O   1 
HETATM 953 O  O   . HOH D 3 .   ? -0.096  15.382  -0.931  1.00 50.87 ? 201 HOH A O   1 
HETATM 954 O  O   . HOH D 3 .   ? -1.268  -6.408  -10.987 1.00 51.10 ? 202 HOH A O   1 
HETATM 955 O  O   . HOH D 3 .   ? 4.509   14.377  -9.217  1.00 51.53 ? 203 HOH A O   1 
HETATM 956 O  O   . HOH D 3 .   ? 10.165  -6.383  -12.941 1.00 51.88 ? 204 HOH A O   1 
HETATM 957 O  O   . HOH D 3 .   ? -0.282  -14.631 -4.628  1.00 52.18 ? 205 HOH A O   1 
HETATM 958 O  O   . HOH D 3 .   ? 5.245   10.474  10.991  1.00 52.43 ? 206 HOH A O   1 
HETATM 959 O  O   . HOH D 3 .   ? 12.775  10.745  -10.459 1.00 52.48 ? 207 HOH A O   1 
HETATM 960 O  O   . HOH D 3 .   ? 6.750   14.068  -0.352  1.00 52.49 ? 208 HOH A O   1 
HETATM 961 O  O   . HOH D 3 .   ? -12.981 6.810   -2.836  1.00 53.29 ? 209 HOH A O   1 
HETATM 962 O  O   . HOH D 3 .   ? -14.183 -7.239  11.119  1.00 53.73 ? 210 HOH A O   1 
HETATM 963 O  O   . HOH D 3 .   ? 10.249  13.127  -5.118  1.00 54.62 ? 211 HOH A O   1 
HETATM 964 O  O   . HOH D 3 .   ? 8.692   13.050  -9.689  1.00 55.94 ? 212 HOH A O   1 
HETATM 965 O  O   . HOH D 3 .   ? 9.552   11.894  -7.365  1.00 60.31 ? 213 HOH A O   1 
HETATM 966 O  O   . HOH D 3 .   ? 10.653  -3.685  -15.930 1.00 60.44 ? 214 HOH A O   1 
HETATM 967 O  O   . HOH D 3 .   ? -11.900 -0.755  13.349  1.00 60.49 ? 215 HOH A O   1 
HETATM 968 O  O   . HOH D 3 .   ? -15.719 -14.572 1.465   1.00 61.28 ? 216 HOH A O   1 
HETATM 969 O  O   . HOH D 3 .   ? -0.155  -9.180  -10.314 1.00 63.40 ? 217 HOH A O   1 
HETATM 970 O  O   . HOH D 3 .   ? 19.317  -5.996  -0.460  1.00 64.05 ? 218 HOH A O   1 
HETATM 971 O  O   . HOH D 3 .   ? 7.733   14.951  -8.141  1.00 65.52 ? 219 HOH A O   1 
# 
